data_3CUK
#
_entry.id   3CUK
#
_cell.length_a   187.729
_cell.length_b   51.145
_cell.length_c   153.294
_cell.angle_alpha   90.00
_cell.angle_beta   110.45
_cell.angle_gamma   90.00
#
_symmetry.space_group_name_H-M   'C 1 2 1'
#
loop_
_entity.id
_entity.type
_entity.pdbx_description
1 polymer 'D-amino-acid oxidase'
2 non-polymer 'FLAVIN-ADENINE DINUCLEOTIDE'
3 non-polymer '4H-furo[3,2-b]pyrrole-5-carboxylic acid'
4 water water
#
_entity_poly.entity_id   1
_entity_poly.type   'polypeptide(L)'
_entity_poly.pdbx_seq_one_letter_code
;MRVVVIGAGVIGLSTALCIHERYHSVLQPLDIKVYADRFTPLTTTDVAAGLWQPYLSDPNNPQEADWSQQTFDYLLSHVH
SPNAENLGLFLISGYNLFHEAIPDPSWKDTVLGFRKLTPRELDMFPDYGYGWFHTSLILEGKNYLQWLTERLTERGVKFF
QRKVESFEEVAREGADVIVNCTGVWAGALQRDPLLQPGRGQIMKVDAPWMKHFILTHDPERGIYNSPYIIPGTQTVTLGG
IFQLGNWSELNNIQDHNTIWEGCCRLEPTLKNARIIGERTGFRPVRPQIRLEREQLRTGPSNTEVIHNYGHGGYGLTIHW
GCALEAAKLFGRILEEKKLSRMPPSHL
;
_entity_poly.pdbx_strand_id   A,B,C,D
#
# COMPACT_ATOMS: atom_id res chain seq x y z
N MET A 1 -37.23 -5.83 24.88
CA MET A 1 -36.65 -4.80 23.99
C MET A 1 -37.26 -4.88 22.62
N ARG A 2 -38.02 -3.83 22.31
CA ARG A 2 -38.99 -3.82 21.22
C ARG A 2 -38.62 -2.64 20.38
N VAL A 3 -38.00 -2.89 19.23
CA VAL A 3 -37.47 -1.81 18.39
C VAL A 3 -38.37 -1.66 17.16
N VAL A 4 -38.69 -0.39 16.84
CA VAL A 4 -39.31 0.00 15.58
C VAL A 4 -38.42 0.90 14.74
N VAL A 5 -37.83 0.38 13.70
CA VAL A 5 -37.16 1.25 12.72
C VAL A 5 -38.22 1.84 11.76
N ILE A 6 -38.39 3.17 11.74
CA ILE A 6 -39.24 3.83 10.76
C ILE A 6 -38.46 4.23 9.55
N GLY A 7 -38.86 3.69 8.39
CA GLY A 7 -38.17 4.02 7.15
C GLY A 7 -37.60 2.81 6.42
N ALA A 8 -37.72 2.75 5.08
CA ALA A 8 -37.24 1.48 4.40
C ALA A 8 -36.41 1.66 3.20
N GLY A 9 -35.71 2.78 3.12
CA GLY A 9 -34.67 2.96 2.12
C GLY A 9 -33.45 2.22 2.68
N VAL A 10 -32.39 2.40 1.96
CA VAL A 10 -31.07 2.01 2.40
C VAL A 10 -30.79 2.34 3.87
N ILE A 11 -31.04 3.58 4.30
CA ILE A 11 -30.73 3.85 5.65
C ILE A 11 -31.50 2.91 6.64
N GLY A 12 -32.81 2.78 6.44
CA GLY A 12 -33.57 2.13 7.48
C GLY A 12 -33.30 0.64 7.50
N LEU A 13 -32.97 0.09 6.35
CA LEU A 13 -32.76 -1.37 6.32
C LEU A 13 -31.35 -1.79 6.73
N SER A 14 -30.36 -1.02 6.36
CA SER A 14 -29.04 -1.32 6.87
C SER A 14 -29.12 -1.39 8.40
N THR A 15 -29.67 -0.31 8.95
CA THR A 15 -29.69 -0.12 10.35
C THR A 15 -30.33 -1.30 10.96
N ALA A 16 -31.51 -1.65 10.48
CA ALA A 16 -32.19 -2.76 11.06
C ALA A 16 -31.26 -3.94 11.04
N LEU A 17 -30.70 -4.19 9.84
CA LEU A 17 -29.82 -5.31 9.64
C LEU A 17 -28.63 -5.30 10.60
N CYS A 18 -27.94 -4.16 10.70
CA CYS A 18 -26.79 -4.10 11.60
C CYS A 18 -27.18 -4.39 13.02
N ILE A 19 -28.31 -3.81 13.39
CA ILE A 19 -28.71 -3.92 14.77
C ILE A 19 -29.00 -5.42 15.05
N HIS A 20 -29.66 -6.07 14.10
CA HIS A 20 -29.91 -7.48 14.26
C HIS A 20 -28.63 -8.33 14.27
N GLU A 21 -27.70 -8.06 13.38
CA GLU A 21 -26.50 -8.88 13.38
C GLU A 21 -25.79 -8.86 14.74
N ARG A 22 -25.61 -7.65 15.29
CA ARG A 22 -24.87 -7.42 16.53
C ARG A 22 -25.64 -7.74 17.83
N TYR A 23 -26.95 -7.61 17.83
CA TYR A 23 -27.63 -7.62 19.12
C TYR A 23 -28.55 -8.77 19.48
N HIS A 24 -28.89 -9.55 18.46
CA HIS A 24 -29.93 -10.47 18.66
C HIS A 24 -29.40 -11.59 19.54
N SER A 25 -28.07 -11.79 19.57
CA SER A 25 -27.46 -12.88 20.33
C SER A 25 -27.43 -12.44 21.77
N VAL A 26 -27.28 -11.11 21.94
CA VAL A 26 -27.14 -10.50 23.30
C VAL A 26 -28.39 -10.06 24.11
N LEU A 27 -29.61 -10.14 23.53
CA LEU A 27 -30.92 -10.21 24.25
C LEU A 27 -32.04 -10.81 23.30
N GLN A 28 -33.14 -11.50 23.71
CA GLN A 28 -33.66 -11.73 25.04
C GLN A 28 -35.12 -11.19 25.43
N PRO A 29 -36.08 -10.92 24.46
CA PRO A 29 -36.16 -11.05 23.01
C PRO A 29 -35.85 -9.68 22.42
N LEU A 30 -35.10 -9.68 21.33
CA LEU A 30 -34.94 -8.55 20.50
C LEU A 30 -36.05 -8.60 19.45
N ASP A 31 -37.02 -7.68 19.54
CA ASP A 31 -38.05 -7.64 18.47
C ASP A 31 -37.98 -6.31 17.65
N ILE A 32 -37.70 -6.45 16.36
CA ILE A 32 -37.54 -5.35 15.48
C ILE A 32 -38.62 -5.46 14.41
N LYS A 33 -39.31 -4.35 14.16
CA LYS A 33 -40.32 -4.23 13.18
C LYS A 33 -39.93 -2.98 12.43
N VAL A 34 -40.21 -2.94 11.11
CA VAL A 34 -39.91 -1.77 10.27
C VAL A 34 -41.22 -1.26 9.82
N TYR A 35 -41.35 0.07 9.82
CA TYR A 35 -42.58 0.81 9.44
C TYR A 35 -42.08 1.80 8.37
N ALA A 36 -42.74 1.73 7.25
CA ALA A 36 -42.48 2.69 6.21
C ALA A 36 -43.81 2.85 5.54
N ASP A 37 -44.04 4.02 4.94
CA ASP A 37 -45.08 4.03 3.93
C ASP A 37 -44.66 3.64 2.53
N ARG A 38 -43.36 3.76 2.19
CA ARG A 38 -42.93 3.30 0.88
C ARG A 38 -41.83 2.26 0.90
N PHE A 39 -42.06 1.15 0.19
CA PHE A 39 -41.03 0.12 0.08
C PHE A 39 -40.55 0.14 -1.34
N THR A 40 -39.37 -0.47 -1.61
CA THR A 40 -38.93 -0.64 -3.04
C THR A 40 -40.10 -1.15 -3.82
N PRO A 41 -40.24 -0.69 -5.08
CA PRO A 41 -39.21 0.23 -5.63
C PRO A 41 -39.59 1.69 -5.63
N LEU A 42 -40.32 2.12 -4.59
CA LEU A 42 -40.88 3.50 -4.49
C LEU A 42 -40.14 4.56 -3.59
N THR A 43 -38.93 4.20 -3.16
CA THR A 43 -38.06 5.07 -2.36
C THR A 43 -37.02 5.83 -3.17
N THR A 44 -36.60 7.00 -2.71
CA THR A 44 -35.44 7.76 -3.22
C THR A 44 -34.30 6.79 -3.59
N THR A 45 -34.09 5.81 -2.72
CA THR A 45 -32.99 4.86 -2.83
C THR A 45 -33.11 4.05 -4.09
N ASP A 46 -34.35 3.82 -4.56
CA ASP A 46 -34.60 3.16 -5.88
C ASP A 46 -34.25 4.01 -7.13
N VAL A 47 -33.93 5.29 -6.97
CA VAL A 47 -33.63 6.13 -8.08
C VAL A 47 -32.12 6.46 -8.13
N ALA A 48 -31.42 6.28 -7.02
CA ALA A 48 -29.95 6.43 -7.03
C ALA A 48 -29.31 5.42 -8.01
N ALA A 49 -28.34 5.82 -8.85
CA ALA A 49 -27.59 4.81 -9.66
C ALA A 49 -26.75 3.95 -8.64
N GLY A 50 -26.19 4.68 -7.70
CA GLY A 50 -25.61 4.04 -6.57
C GLY A 50 -24.11 4.02 -6.64
N LEU A 51 -23.49 5.07 -7.20
CA LEU A 51 -22.06 5.08 -7.40
C LEU A 51 -21.41 5.34 -6.05
N TRP A 52 -20.24 4.77 -5.76
CA TRP A 52 -19.67 5.18 -4.48
C TRP A 52 -18.90 6.38 -4.82
N GLN A 53 -19.25 7.49 -4.18
CA GLN A 53 -18.43 8.72 -4.31
C GLN A 53 -18.89 9.86 -3.38
N PRO A 54 -18.13 10.23 -2.35
CA PRO A 54 -18.52 11.45 -1.58
C PRO A 54 -18.48 12.82 -2.35
N TYR A 55 -19.01 13.89 -1.70
CA TYR A 55 -18.79 15.31 -2.10
C TYR A 55 -17.27 15.59 -2.31
N LEU A 56 -16.89 16.55 -3.15
CA LEU A 56 -15.46 17.01 -3.20
C LEU A 56 -14.90 17.63 -1.92
N PRO A 62 -16.61 15.38 9.86
CA PRO A 62 -15.57 14.73 9.07
C PRO A 62 -15.40 13.33 9.60
N GLN A 63 -16.30 12.93 10.50
CA GLN A 63 -16.53 11.52 10.74
C GLN A 63 -17.24 10.91 9.53
N GLU A 64 -17.62 11.73 8.59
CA GLU A 64 -18.43 11.23 7.51
C GLU A 64 -17.52 10.49 6.53
N ALA A 65 -16.29 10.99 6.49
CA ALA A 65 -15.23 10.39 5.75
C ALA A 65 -15.02 8.98 6.27
N ASP A 66 -14.76 8.83 7.57
CA ASP A 66 -14.61 7.49 8.19
C ASP A 66 -15.74 6.57 7.74
N TRP A 67 -16.98 6.95 8.07
CA TRP A 67 -18.19 6.24 7.58
C TRP A 67 -18.18 5.80 6.11
N SER A 68 -17.90 6.72 5.14
CA SER A 68 -17.91 6.35 3.65
C SER A 68 -16.84 5.32 3.43
N GLN A 69 -15.71 5.60 4.05
CA GLN A 69 -14.64 4.75 3.86
C GLN A 69 -14.97 3.36 4.43
N GLN A 70 -15.74 3.34 5.53
CA GLN A 70 -16.06 2.08 6.27
C GLN A 70 -16.88 1.23 5.33
N THR A 71 -17.74 1.91 4.55
CA THR A 71 -18.67 1.32 3.56
C THR A 71 -17.89 0.88 2.32
N PHE A 72 -16.88 1.64 1.91
CA PHE A 72 -16.06 1.20 0.78
C PHE A 72 -15.33 -0.07 1.10
N ASP A 73 -14.60 -0.13 2.23
CA ASP A 73 -13.88 -1.36 2.60
C ASP A 73 -14.93 -2.49 2.75
N TYR A 74 -16.04 -2.14 3.33
CA TYR A 74 -17.02 -3.16 3.45
C TYR A 74 -17.52 -3.77 2.08
N LEU A 75 -18.03 -2.95 1.14
CA LEU A 75 -18.54 -3.43 -0.14
C LEU A 75 -17.49 -4.18 -0.98
N LEU A 76 -16.29 -3.64 -0.89
CA LEU A 76 -15.21 -4.11 -1.65
C LEU A 76 -14.91 -5.46 -1.14
N SER A 77 -14.91 -5.63 0.16
CA SER A 77 -14.53 -6.95 0.63
C SER A 77 -15.58 -7.93 0.08
N HIS A 78 -16.62 -7.49 -0.61
CA HIS A 78 -17.71 -8.42 -1.04
C HIS A 78 -17.92 -8.54 -2.56
N VAL A 79 -17.14 -7.81 -3.33
CA VAL A 79 -17.37 -7.60 -4.76
C VAL A 79 -17.12 -8.84 -5.59
N HIS A 80 -16.26 -9.69 -5.07
CA HIS A 80 -15.89 -10.94 -5.73
C HIS A 80 -16.57 -12.16 -5.09
N SER A 81 -17.60 -11.93 -4.25
CA SER A 81 -18.55 -12.97 -3.82
C SER A 81 -19.76 -13.15 -4.81
N PRO A 82 -20.48 -14.29 -4.69
CA PRO A 82 -21.64 -14.43 -5.57
C PRO A 82 -22.98 -13.90 -4.98
N ASN A 83 -22.98 -13.40 -3.73
CA ASN A 83 -24.10 -12.55 -3.22
C ASN A 83 -24.10 -11.22 -3.97
N ALA A 84 -22.94 -10.92 -4.58
CA ALA A 84 -22.62 -9.60 -5.17
C ALA A 84 -23.60 -9.27 -6.28
N GLU A 85 -23.99 -10.31 -7.01
CA GLU A 85 -24.93 -10.18 -8.06
C GLU A 85 -26.29 -9.81 -7.47
N ASN A 86 -26.89 -10.66 -6.65
CA ASN A 86 -28.13 -10.25 -6.01
C ASN A 86 -28.04 -8.96 -5.20
N LEU A 87 -26.83 -8.52 -4.80
CA LEU A 87 -26.65 -7.14 -4.25
C LEU A 87 -26.68 -6.06 -5.32
N GLY A 88 -26.46 -6.42 -6.60
CA GLY A 88 -26.22 -5.38 -7.65
C GLY A 88 -24.95 -4.55 -7.43
N LEU A 89 -23.97 -5.17 -6.72
CA LEU A 89 -22.61 -4.66 -6.47
C LEU A 89 -21.59 -5.07 -7.50
N PHE A 90 -20.92 -4.02 -7.99
CA PHE A 90 -19.79 -4.21 -8.95
C PHE A 90 -18.80 -3.04 -9.05
N LEU A 91 -17.78 -3.19 -9.88
CA LEU A 91 -16.68 -2.22 -9.89
C LEU A 91 -16.74 -1.49 -11.15
N ILE A 92 -16.55 -0.22 -11.05
CA ILE A 92 -16.52 0.51 -12.25
C ILE A 92 -15.55 1.66 -12.12
N SER A 93 -14.78 1.79 -13.19
CA SER A 93 -13.93 2.93 -13.45
C SER A 93 -14.63 4.08 -14.16
N GLY A 94 -13.92 5.21 -14.27
CA GLY A 94 -14.34 6.38 -14.99
C GLY A 94 -13.83 7.76 -14.47
N TYR A 95 -14.40 8.82 -15.09
CA TYR A 95 -13.85 10.17 -15.14
C TYR A 95 -14.56 11.12 -14.18
N ASN A 96 -13.84 12.01 -13.47
CA ASN A 96 -14.44 13.27 -12.97
C ASN A 96 -13.85 14.44 -13.81
N LEU A 97 -14.68 15.33 -14.32
CA LEU A 97 -14.19 16.37 -15.18
C LEU A 97 -14.51 17.82 -14.69
N PHE A 98 -13.54 18.72 -14.84
CA PHE A 98 -13.69 20.09 -14.39
C PHE A 98 -13.13 21.03 -15.43
N HIS A 99 -13.34 22.32 -15.17
CA HIS A 99 -12.84 23.37 -16.00
C HIS A 99 -11.45 23.81 -15.59
N GLU A 100 -11.30 23.95 -14.28
CA GLU A 100 -10.12 24.50 -13.65
C GLU A 100 -9.53 23.44 -12.80
N ALA A 101 -8.29 23.66 -12.43
CA ALA A 101 -7.57 22.82 -11.51
C ALA A 101 -8.25 22.99 -10.17
N ILE A 102 -8.14 21.96 -9.34
CA ILE A 102 -8.69 21.91 -7.98
C ILE A 102 -7.93 20.80 -7.13
N PRO A 103 -7.92 20.94 -5.81
CA PRO A 103 -7.28 19.87 -5.02
C PRO A 103 -7.86 18.40 -5.09
N ASP A 104 -6.99 17.41 -5.13
CA ASP A 104 -7.36 16.03 -4.85
C ASP A 104 -8.34 15.92 -3.64
N PRO A 105 -9.26 14.94 -3.65
CA PRO A 105 -10.27 14.84 -2.56
C PRO A 105 -9.68 14.05 -1.41
N SER A 106 -10.44 13.93 -0.31
CA SER A 106 -9.97 13.19 0.91
C SER A 106 -9.90 11.66 0.65
N TRP A 107 -10.91 11.19 -0.10
CA TRP A 107 -11.02 9.79 -0.58
C TRP A 107 -9.99 9.34 -1.64
N LYS A 108 -9.10 10.26 -2.05
CA LYS A 108 -7.85 10.00 -2.81
C LYS A 108 -7.51 8.52 -2.73
N ASP A 109 -7.32 8.01 -1.49
CA ASP A 109 -6.74 6.71 -1.19
C ASP A 109 -7.62 5.54 -0.75
N THR A 110 -8.88 5.82 -0.66
CA THR A 110 -9.87 4.84 -0.41
C THR A 110 -10.21 4.17 -1.75
N VAL A 111 -10.58 4.98 -2.76
CA VAL A 111 -10.88 4.40 -4.08
C VAL A 111 -9.59 3.71 -4.65
N LEU A 112 -9.81 2.96 -5.72
CA LEU A 112 -8.76 2.29 -6.39
C LEU A 112 -8.18 3.09 -7.53
N GLY A 113 -6.86 3.17 -7.49
CA GLY A 113 -5.99 3.54 -8.59
C GLY A 113 -6.19 4.95 -9.01
N PHE A 114 -6.73 5.70 -8.07
CA PHE A 114 -6.83 7.14 -8.24
C PHE A 114 -5.62 7.81 -8.88
N ARG A 115 -5.91 8.66 -9.87
CA ARG A 115 -4.90 9.52 -10.49
C ARG A 115 -5.52 10.68 -11.30
N LYS A 116 -4.67 11.66 -11.66
CA LYS A 116 -4.94 12.79 -12.58
C LYS A 116 -4.98 12.23 -13.98
N LEU A 117 -5.79 12.89 -14.82
CA LEU A 117 -5.92 12.51 -16.23
C LEU A 117 -4.75 13.04 -17.11
N THR A 118 -4.09 12.14 -17.86
CA THR A 118 -3.11 12.48 -18.93
C THR A 118 -3.69 13.49 -19.99
N PRO A 119 -2.88 14.34 -20.60
CA PRO A 119 -3.53 15.24 -21.56
C PRO A 119 -4.31 14.50 -22.62
N ARG A 120 -3.79 13.37 -23.12
CA ARG A 120 -4.52 12.60 -24.16
C ARG A 120 -5.91 12.19 -23.72
N GLU A 121 -6.15 11.82 -22.45
CA GLU A 121 -7.52 11.45 -22.01
C GLU A 121 -8.39 12.72 -21.99
N LEU A 122 -7.81 13.83 -21.51
CA LEU A 122 -8.44 15.17 -21.63
C LEU A 122 -8.67 15.66 -23.09
N ASP A 123 -8.11 14.99 -24.08
CA ASP A 123 -8.31 15.41 -25.47
C ASP A 123 -9.72 15.06 -25.98
N MET A 124 -10.41 14.18 -25.28
CA MET A 124 -11.66 13.58 -25.78
C MET A 124 -12.83 14.30 -25.21
N PHE A 125 -12.58 15.20 -24.26
CA PHE A 125 -13.65 15.97 -23.67
C PHE A 125 -13.38 17.43 -23.95
N PRO A 126 -13.60 17.87 -25.20
CA PRO A 126 -13.31 19.19 -25.71
C PRO A 126 -13.64 20.27 -24.68
N ASP A 127 -14.68 20.05 -23.88
CA ASP A 127 -15.22 21.05 -22.94
C ASP A 127 -14.56 21.10 -21.56
N TYR A 128 -13.62 20.20 -21.23
CA TYR A 128 -13.02 20.20 -19.87
C TYR A 128 -11.48 20.28 -19.90
N GLY A 129 -10.91 20.92 -18.88
CA GLY A 129 -9.49 21.20 -18.85
C GLY A 129 -8.76 20.31 -17.85
N TYR A 130 -9.45 19.70 -16.88
CA TYR A 130 -8.78 19.01 -15.75
C TYR A 130 -9.57 17.75 -15.42
N GLY A 131 -8.95 16.69 -14.96
CA GLY A 131 -9.76 15.61 -14.41
C GLY A 131 -9.09 14.56 -13.55
N TRP A 132 -9.92 13.67 -13.02
CA TRP A 132 -9.42 12.43 -12.44
C TRP A 132 -9.87 11.18 -13.19
N PHE A 133 -9.07 10.14 -13.06
CA PHE A 133 -9.53 8.79 -13.35
C PHE A 133 -9.49 7.93 -12.13
N HIS A 134 -10.49 7.06 -11.94
CA HIS A 134 -10.33 6.05 -10.89
C HIS A 134 -11.27 4.86 -10.96
N THR A 135 -10.97 3.79 -10.22
CA THR A 135 -11.91 2.70 -10.02
C THR A 135 -12.74 2.82 -8.70
N SER A 136 -14.04 2.93 -8.85
CA SER A 136 -14.93 2.87 -7.70
C SER A 136 -15.85 1.68 -7.83
N LEU A 137 -16.98 1.75 -7.15
CA LEU A 137 -17.87 0.66 -7.16
C LEU A 137 -19.28 1.18 -7.08
N ILE A 138 -20.17 0.31 -7.57
CA ILE A 138 -21.60 0.63 -7.61
C ILE A 138 -22.49 -0.36 -6.85
N LEU A 139 -23.46 0.19 -6.06
CA LEU A 139 -24.53 -0.54 -5.36
C LEU A 139 -25.90 -0.24 -5.85
N GLU A 140 -26.49 -1.03 -6.72
CA GLU A 140 -27.84 -0.59 -7.19
C GLU A 140 -28.90 -0.62 -6.04
N GLY A 141 -29.39 0.53 -5.65
CA GLY A 141 -30.57 0.63 -4.70
C GLY A 141 -31.68 -0.45 -4.76
N LYS A 142 -32.22 -0.62 -5.98
CA LYS A 142 -33.24 -1.57 -6.15
C LYS A 142 -32.77 -2.95 -5.72
N ASN A 143 -31.57 -3.42 -6.08
CA ASN A 143 -31.26 -4.81 -5.63
C ASN A 143 -30.80 -4.85 -4.19
N TYR A 144 -30.00 -3.85 -3.83
CA TYR A 144 -29.61 -3.72 -2.52
C TYR A 144 -30.91 -3.84 -1.64
N LEU A 145 -31.80 -2.89 -1.76
CA LEU A 145 -33.05 -2.90 -1.00
C LEU A 145 -33.73 -4.27 -0.93
N GLN A 146 -33.62 -4.97 -2.04
CA GLN A 146 -34.21 -6.26 -2.16
C GLN A 146 -33.44 -7.32 -1.38
N TRP A 147 -32.12 -7.23 -1.41
CA TRP A 147 -31.27 -8.14 -0.65
C TRP A 147 -31.48 -7.89 0.88
N LEU A 148 -31.21 -6.69 1.32
CA LEU A 148 -31.64 -6.26 2.67
C LEU A 148 -33.04 -6.81 3.08
N THR A 149 -34.05 -6.60 2.23
CA THR A 149 -35.37 -7.15 2.51
C THR A 149 -35.32 -8.64 2.88
N GLU A 150 -34.60 -9.42 2.05
CA GLU A 150 -34.57 -10.86 2.26
C GLU A 150 -33.78 -11.24 3.48
N ARG A 151 -32.75 -10.46 3.82
CA ARG A 151 -31.89 -10.83 4.94
C ARG A 151 -32.66 -10.48 6.17
N LEU A 152 -33.51 -9.49 6.09
CA LEU A 152 -34.28 -9.08 7.27
C LEU A 152 -35.30 -10.16 7.52
N THR A 153 -35.81 -10.70 6.43
CA THR A 153 -36.96 -11.59 6.50
C THR A 153 -36.51 -12.97 7.00
N GLU A 154 -35.24 -13.32 6.71
CA GLU A 154 -34.64 -14.53 7.30
C GLU A 154 -34.53 -14.31 8.84
N ARG A 155 -34.08 -13.12 9.26
CA ARG A 155 -33.87 -12.86 10.68
C ARG A 155 -35.18 -12.60 11.40
N GLY A 156 -36.26 -13.18 10.89
CA GLY A 156 -37.63 -12.89 11.36
C GLY A 156 -38.05 -11.42 11.56
N VAL A 157 -37.44 -10.46 10.79
CA VAL A 157 -37.83 -9.05 11.01
C VAL A 157 -39.08 -8.73 10.18
N LYS A 158 -40.15 -8.26 10.81
CA LYS A 158 -41.41 -7.94 10.10
C LYS A 158 -41.58 -6.45 9.68
N PHE A 159 -42.18 -6.29 8.50
CA PHE A 159 -42.45 -5.06 7.83
C PHE A 159 -43.93 -4.76 7.90
N PHE A 160 -44.26 -3.47 7.80
CA PHE A 160 -45.62 -2.92 7.80
C PHE A 160 -45.62 -1.66 7.03
N GLN A 161 -46.70 -1.47 6.32
CA GLN A 161 -46.88 -0.26 5.54
C GLN A 161 -47.83 0.61 6.38
N ARG A 162 -47.34 1.75 6.87
CA ARG A 162 -48.12 2.77 7.59
C ARG A 162 -47.38 4.10 7.36
N LYS A 163 -48.09 5.24 7.37
CA LYS A 163 -47.47 6.55 7.60
C LYS A 163 -47.51 6.72 9.10
N VAL A 164 -46.35 6.98 9.70
CA VAL A 164 -46.32 7.24 11.11
C VAL A 164 -46.54 8.74 11.16
N GLU A 165 -47.54 9.15 11.93
CA GLU A 165 -47.87 10.57 12.16
C GLU A 165 -46.97 11.29 13.17
N SER A 166 -46.25 10.54 13.98
CA SER A 166 -45.69 11.00 15.28
C SER A 166 -45.02 9.84 16.02
N PHE A 167 -43.91 10.17 16.68
CA PHE A 167 -43.14 9.25 17.56
C PHE A 167 -43.91 8.74 18.79
N GLU A 168 -44.75 9.60 19.35
CA GLU A 168 -45.72 9.25 20.43
C GLU A 168 -46.65 8.11 19.97
N GLU A 169 -47.13 8.23 18.73
CA GLU A 169 -47.93 7.19 18.07
C GLU A 169 -47.27 5.88 18.33
N VAL A 170 -46.00 5.86 17.93
CA VAL A 170 -45.14 4.71 18.07
C VAL A 170 -44.74 4.34 19.53
N ALA A 171 -44.42 5.33 20.37
CA ALA A 171 -44.23 4.96 21.80
C ALA A 171 -45.51 4.40 22.44
N ARG A 172 -46.70 4.88 22.06
CA ARG A 172 -47.88 4.36 22.73
C ARG A 172 -48.21 2.93 22.33
N GLU A 173 -47.87 2.56 21.10
CA GLU A 173 -48.00 1.17 20.69
C GLU A 173 -47.01 0.31 21.48
N GLY A 174 -45.91 0.95 21.88
CA GLY A 174 -45.05 0.40 22.91
C GLY A 174 -43.69 0.03 22.47
N ALA A 175 -43.14 0.80 21.53
CA ALA A 175 -41.72 0.75 21.22
C ALA A 175 -40.87 1.20 22.42
N ASP A 176 -39.77 0.54 22.70
CA ASP A 176 -38.88 0.99 23.75
C ASP A 176 -37.85 1.84 23.00
N VAL A 177 -37.62 1.47 21.74
CA VAL A 177 -36.58 2.16 20.97
C VAL A 177 -37.08 2.38 19.54
N ILE A 178 -36.91 3.63 19.07
CA ILE A 178 -37.38 4.05 17.80
C ILE A 178 -36.18 4.52 17.02
N VAL A 179 -36.10 4.06 15.79
CA VAL A 179 -35.05 4.52 14.89
C VAL A 179 -35.67 5.23 13.74
N ASN A 180 -35.40 6.51 13.63
CA ASN A 180 -36.00 7.37 12.62
C ASN A 180 -35.12 7.42 11.43
N CYS A 181 -35.43 6.65 10.38
CA CYS A 181 -34.65 6.78 9.15
C CYS A 181 -35.50 7.36 8.02
N THR A 182 -35.96 8.62 8.19
CA THR A 182 -37.11 9.06 7.42
C THR A 182 -36.70 9.79 6.15
N GLY A 183 -35.44 9.64 5.75
CA GLY A 183 -34.84 10.47 4.66
C GLY A 183 -35.27 11.95 4.68
N VAL A 184 -35.74 12.46 3.53
CA VAL A 184 -36.13 13.89 3.41
C VAL A 184 -37.42 14.23 4.23
N TRP A 185 -38.11 13.20 4.73
CA TRP A 185 -39.42 13.42 5.32
C TRP A 185 -39.47 13.59 6.84
N ALA A 186 -38.30 13.50 7.47
CA ALA A 186 -38.14 13.73 8.90
C ALA A 186 -38.79 14.97 9.54
N GLY A 187 -39.06 16.04 8.77
CA GLY A 187 -39.61 17.25 9.28
C GLY A 187 -40.99 16.95 9.75
N ALA A 188 -41.70 16.13 8.99
CA ALA A 188 -43.11 15.75 9.36
C ALA A 188 -43.23 15.23 10.80
N LEU A 189 -42.13 14.76 11.36
CA LEU A 189 -42.19 14.04 12.65
C LEU A 189 -41.64 14.83 13.83
N GLN A 190 -40.46 15.41 13.62
CA GLN A 190 -39.92 16.43 14.47
C GLN A 190 -39.29 17.44 13.53
N ARG A 191 -39.71 18.69 13.72
CA ARG A 191 -39.36 19.79 12.87
C ARG A 191 -37.81 19.91 12.60
N ASP A 192 -37.45 20.14 11.34
CA ASP A 192 -36.02 20.31 10.98
C ASP A 192 -35.68 21.38 9.88
N PRO A 193 -35.65 22.63 10.28
CA PRO A 193 -35.31 23.76 9.43
C PRO A 193 -34.03 23.51 8.65
N LEU A 194 -33.30 22.45 8.96
CA LEU A 194 -32.01 22.28 8.32
C LEU A 194 -32.02 21.11 7.34
N LEU A 195 -33.13 20.41 7.30
CA LEU A 195 -33.42 19.43 6.29
C LEU A 195 -34.22 20.08 5.19
N GLN A 196 -33.80 19.86 3.95
CA GLN A 196 -34.48 20.33 2.73
C GLN A 196 -34.40 19.26 1.64
N PRO A 197 -35.41 19.20 0.77
CA PRO A 197 -35.24 18.20 -0.27
C PRO A 197 -34.30 18.76 -1.29
N GLY A 198 -33.56 17.89 -1.96
CA GLY A 198 -32.77 18.38 -3.06
C GLY A 198 -33.23 17.59 -4.27
N ARG A 199 -34.09 18.16 -5.07
CA ARG A 199 -34.72 17.38 -6.10
C ARG A 199 -33.73 16.98 -7.14
N GLY A 200 -33.64 15.66 -7.36
CA GLY A 200 -32.98 15.12 -8.55
C GLY A 200 -33.94 14.50 -9.59
N GLN A 201 -33.48 14.43 -10.83
CA GLN A 201 -34.18 13.68 -11.85
C GLN A 201 -33.15 12.84 -12.63
N ILE A 202 -33.54 11.69 -13.19
CA ILE A 202 -32.66 10.92 -14.05
C ILE A 202 -33.44 10.22 -15.15
N MET A 203 -32.73 9.96 -16.23
CA MET A 203 -33.21 8.98 -17.17
C MET A 203 -32.38 7.72 -17.26
N LYS A 204 -33.00 6.66 -17.70
CA LYS A 204 -32.37 5.38 -17.93
C LYS A 204 -32.49 5.17 -19.42
N VAL A 205 -31.39 4.80 -20.00
CA VAL A 205 -31.33 4.72 -21.43
C VAL A 205 -30.67 3.38 -21.61
N ASP A 206 -30.90 2.70 -22.75
CA ASP A 206 -30.12 1.48 -23.14
C ASP A 206 -28.80 1.79 -23.93
N ALA A 207 -27.68 1.76 -23.23
CA ALA A 207 -26.39 2.05 -23.88
C ALA A 207 -25.35 1.05 -23.35
N PRO A 208 -25.35 -0.17 -23.85
CA PRO A 208 -24.49 -1.14 -23.15
C PRO A 208 -23.00 -1.04 -23.59
N TRP A 209 -22.64 -0.09 -24.45
CA TRP A 209 -21.22 0.04 -24.75
C TRP A 209 -20.51 0.95 -23.77
N MET A 210 -21.27 1.78 -23.04
CA MET A 210 -20.71 2.64 -21.96
C MET A 210 -20.24 1.78 -20.77
N LYS A 211 -18.92 1.62 -20.70
CA LYS A 211 -18.29 0.90 -19.59
C LYS A 211 -17.65 1.87 -18.58
N HIS A 212 -17.66 3.20 -18.83
CA HIS A 212 -17.10 4.15 -17.79
C HIS A 212 -18.12 5.07 -17.15
N PHE A 213 -17.95 5.50 -15.91
CA PHE A 213 -18.85 6.57 -15.41
C PHE A 213 -18.21 7.84 -15.83
N ILE A 214 -18.99 8.88 -16.12
CA ILE A 214 -18.44 10.21 -16.37
C ILE A 214 -19.26 11.14 -15.51
N LEU A 215 -18.59 11.82 -14.58
CA LEU A 215 -19.19 12.88 -13.77
C LEU A 215 -18.51 14.20 -14.14
N THR A 216 -19.27 15.22 -14.48
CA THR A 216 -18.73 16.61 -14.64
C THR A 216 -18.99 17.57 -13.46
N HIS A 217 -18.14 18.59 -13.25
CA HIS A 217 -18.44 19.53 -12.19
C HIS A 217 -18.29 20.91 -12.68
N ASP A 218 -19.03 21.83 -12.09
CA ASP A 218 -19.06 23.22 -12.57
C ASP A 218 -19.49 24.06 -11.36
N PRO A 219 -18.77 25.17 -11.10
CA PRO A 219 -18.96 25.91 -9.87
C PRO A 219 -20.31 26.72 -9.90
N GLU A 220 -20.71 27.24 -11.08
CA GLU A 220 -21.97 28.00 -11.17
C GLU A 220 -23.18 27.07 -11.03
N ARG A 221 -23.27 26.02 -11.82
CA ARG A 221 -24.25 24.93 -11.62
C ARG A 221 -24.41 24.43 -10.18
N GLY A 222 -23.33 23.99 -9.56
CA GLY A 222 -23.36 23.57 -8.17
C GLY A 222 -23.37 22.05 -8.11
N ILE A 223 -23.21 21.55 -6.90
CA ILE A 223 -23.19 20.17 -6.68
C ILE A 223 -24.40 19.39 -7.29
N TYR A 224 -24.07 18.35 -8.09
CA TYR A 224 -25.00 17.39 -8.77
C TYR A 224 -25.87 18.06 -9.81
N ASN A 225 -25.42 19.19 -10.33
CA ASN A 225 -26.26 19.94 -11.22
C ASN A 225 -25.60 20.13 -12.54
N SER A 226 -24.82 19.19 -13.04
CA SER A 226 -24.25 19.31 -14.41
C SER A 226 -24.08 17.89 -14.88
N PRO A 227 -23.99 17.67 -16.19
CA PRO A 227 -24.10 16.30 -16.69
C PRO A 227 -23.27 15.20 -15.95
N TYR A 228 -23.96 14.12 -15.57
CA TYR A 228 -23.26 12.90 -15.28
C TYR A 228 -23.93 11.72 -15.98
N ILE A 229 -23.16 10.66 -16.21
CA ILE A 229 -23.50 9.42 -16.92
C ILE A 229 -22.97 8.20 -16.11
N ILE A 230 -23.87 7.34 -15.65
CA ILE A 230 -23.44 6.23 -14.76
C ILE A 230 -23.92 4.83 -15.24
N PRO A 231 -23.03 4.04 -15.84
CA PRO A 231 -23.53 2.71 -16.34
C PRO A 231 -24.13 1.83 -15.23
N GLY A 232 -25.26 1.17 -15.47
CA GLY A 232 -25.76 0.22 -14.48
C GLY A 232 -25.60 -1.19 -15.00
N THR A 233 -26.23 -2.13 -14.30
CA THR A 233 -26.30 -3.48 -14.76
C THR A 233 -27.06 -3.54 -16.08
N GLN A 234 -28.08 -2.70 -16.22
CA GLN A 234 -29.03 -2.86 -17.39
C GLN A 234 -29.16 -1.63 -18.25
N THR A 235 -29.10 -0.48 -17.64
CA THR A 235 -29.40 0.70 -18.33
C THR A 235 -28.30 1.59 -17.95
N VAL A 236 -28.06 2.64 -18.71
CA VAL A 236 -27.12 3.59 -18.21
C VAL A 236 -27.89 4.77 -17.66
N THR A 237 -27.60 5.16 -16.41
CA THR A 237 -28.26 6.31 -15.74
C THR A 237 -27.64 7.63 -16.19
N LEU A 238 -28.54 8.57 -16.57
CA LEU A 238 -28.15 9.96 -16.98
C LEU A 238 -28.85 10.88 -16.04
N GLY A 239 -28.16 11.93 -15.63
CA GLY A 239 -28.75 12.92 -14.76
C GLY A 239 -27.87 14.12 -14.56
N GLY A 240 -28.15 14.89 -13.53
CA GLY A 240 -27.50 16.17 -13.40
C GLY A 240 -28.46 17.28 -13.02
N ILE A 241 -29.41 16.96 -12.15
CA ILE A 241 -30.46 17.83 -11.66
C ILE A 241 -30.39 17.83 -10.14
N PHE A 242 -30.28 19.02 -9.58
CA PHE A 242 -30.26 19.29 -8.12
C PHE A 242 -30.87 20.66 -7.89
N GLN A 243 -32.11 20.68 -7.37
CA GLN A 243 -32.76 21.92 -7.10
C GLN A 243 -33.27 21.81 -5.71
N LEU A 244 -32.59 22.55 -4.85
CA LEU A 244 -32.98 22.86 -3.48
C LEU A 244 -34.39 23.42 -3.31
N GLY A 245 -35.08 22.86 -2.34
CA GLY A 245 -36.39 23.29 -1.86
C GLY A 245 -37.57 22.87 -2.69
N ASN A 246 -37.31 22.06 -3.71
CA ASN A 246 -38.34 21.67 -4.65
C ASN A 246 -38.97 20.28 -4.41
N TRP A 247 -40.22 20.32 -3.96
CA TRP A 247 -40.98 19.15 -3.51
C TRP A 247 -41.93 18.51 -4.51
N SER A 248 -41.76 18.81 -5.79
CA SER A 248 -42.55 18.15 -6.84
C SER A 248 -42.02 16.73 -7.23
N GLU A 249 -42.69 15.64 -6.80
CA GLU A 249 -42.38 14.25 -7.29
C GLU A 249 -43.01 13.99 -8.64
N LEU A 250 -42.33 14.55 -9.63
CA LEU A 250 -42.90 14.72 -10.97
C LEU A 250 -41.76 14.98 -11.93
N ASN A 251 -41.68 14.13 -12.99
CA ASN A 251 -40.77 14.37 -14.17
C ASN A 251 -41.22 15.59 -14.83
N ASN A 252 -40.22 16.36 -15.23
CA ASN A 252 -40.44 17.68 -15.83
C ASN A 252 -39.66 17.76 -17.11
N ILE A 253 -40.28 18.41 -18.10
CA ILE A 253 -39.75 18.44 -19.48
C ILE A 253 -38.40 19.22 -19.67
N GLN A 254 -38.24 20.41 -19.11
CA GLN A 254 -36.94 21.09 -19.24
C GLN A 254 -35.82 20.27 -18.65
N ASP A 255 -35.99 19.82 -17.41
CA ASP A 255 -35.00 18.89 -16.78
C ASP A 255 -34.62 17.67 -17.75
N HIS A 256 -35.64 16.97 -18.29
CA HIS A 256 -35.42 15.97 -19.28
C HIS A 256 -34.48 16.46 -20.36
N ASN A 257 -34.74 17.61 -20.98
CA ASN A 257 -33.90 18.17 -22.02
C ASN A 257 -32.51 18.50 -21.55
N THR A 258 -32.47 19.06 -20.35
CA THR A 258 -31.22 19.53 -19.83
C THR A 258 -30.37 18.30 -19.64
N ILE A 259 -31.04 17.21 -19.30
CA ILE A 259 -30.31 16.02 -19.07
C ILE A 259 -29.87 15.46 -20.39
N TRP A 260 -30.80 15.49 -21.33
CA TRP A 260 -30.53 14.85 -22.59
C TRP A 260 -29.38 15.59 -23.32
N GLU A 261 -29.58 16.92 -23.54
CA GLU A 261 -28.58 17.79 -24.21
C GLU A 261 -27.26 17.71 -23.45
N GLY A 262 -27.31 17.87 -22.15
CA GLY A 262 -26.00 17.80 -21.46
C GLY A 262 -25.39 16.43 -21.70
N CYS A 263 -26.14 15.36 -21.48
CA CYS A 263 -25.51 14.08 -21.57
C CYS A 263 -24.92 13.70 -22.95
N CYS A 264 -25.61 14.13 -24.00
CA CYS A 264 -25.24 13.84 -25.37
C CYS A 264 -24.05 14.68 -25.80
N ARG A 265 -24.03 15.92 -25.36
CA ARG A 265 -22.90 16.80 -25.60
C ARG A 265 -21.59 16.21 -25.05
N LEU A 266 -21.60 15.99 -23.73
CA LEU A 266 -20.63 15.17 -23.04
C LEU A 266 -20.31 13.85 -23.76
N GLU A 267 -21.26 13.21 -24.45
CA GLU A 267 -21.01 11.85 -25.02
C GLU A 267 -21.92 11.58 -26.24
N PRO A 268 -21.54 12.07 -27.43
CA PRO A 268 -22.46 12.15 -28.61
C PRO A 268 -23.09 10.83 -28.98
N THR A 269 -22.32 9.78 -28.74
CA THR A 269 -22.73 8.44 -28.97
C THR A 269 -24.10 8.14 -28.32
N LEU A 270 -24.50 9.03 -27.39
CA LEU A 270 -25.73 8.86 -26.58
C LEU A 270 -26.97 9.18 -27.37
N LYS A 271 -26.79 9.89 -28.48
CA LYS A 271 -27.89 10.34 -29.29
C LYS A 271 -28.76 9.20 -29.76
N ASN A 272 -28.20 8.02 -30.03
CA ASN A 272 -29.08 6.95 -30.39
C ASN A 272 -29.45 5.93 -29.28
N ALA A 273 -29.47 6.34 -28.03
CA ALA A 273 -29.76 5.37 -27.04
C ALA A 273 -31.27 5.39 -26.69
N ARG A 274 -31.93 4.26 -26.67
CA ARG A 274 -33.37 4.20 -26.47
C ARG A 274 -33.64 4.71 -25.06
N ILE A 275 -34.56 5.64 -24.89
CA ILE A 275 -34.93 6.00 -23.49
C ILE A 275 -35.79 4.85 -22.86
N ILE A 276 -35.45 4.38 -21.64
CA ILE A 276 -36.03 3.15 -21.13
C ILE A 276 -37.03 3.56 -20.10
N GLY A 277 -36.69 4.62 -19.39
CA GLY A 277 -37.55 5.06 -18.29
C GLY A 277 -36.85 6.24 -17.68
N GLU A 278 -37.44 6.78 -16.64
CA GLU A 278 -37.04 8.07 -16.14
C GLU A 278 -37.70 8.42 -14.72
N ARG A 279 -37.05 9.09 -13.81
CA ARG A 279 -37.61 9.09 -12.45
C ARG A 279 -37.11 10.31 -11.59
N THR A 280 -37.86 10.72 -10.59
CA THR A 280 -37.45 11.81 -9.73
C THR A 280 -37.36 11.37 -8.22
N GLY A 281 -36.49 12.05 -7.46
CA GLY A 281 -36.30 11.77 -6.02
C GLY A 281 -35.87 13.01 -5.28
N PHE A 282 -35.70 12.89 -3.98
CA PHE A 282 -35.43 14.03 -3.14
C PHE A 282 -34.30 13.62 -2.24
N ARG A 283 -33.11 14.12 -2.56
CA ARG A 283 -31.97 13.94 -1.70
C ARG A 283 -32.23 14.66 -0.42
N PRO A 284 -32.10 13.97 0.74
CA PRO A 284 -32.19 14.56 2.10
C PRO A 284 -30.94 15.37 2.42
N VAL A 285 -31.05 16.65 2.00
CA VAL A 285 -30.02 17.63 2.17
C VAL A 285 -30.04 18.25 3.57
N ARG A 286 -28.93 18.09 4.30
CA ARG A 286 -28.75 18.70 5.62
C ARG A 286 -27.20 19.11 5.70
N PRO A 287 -26.83 20.20 6.38
CA PRO A 287 -25.40 20.58 6.27
C PRO A 287 -24.59 19.41 6.75
N GLN A 288 -25.28 18.50 7.40
CA GLN A 288 -24.62 17.39 8.03
C GLN A 288 -25.63 16.31 8.46
N ILE A 289 -25.29 15.04 8.19
CA ILE A 289 -26.16 13.91 8.58
C ILE A 289 -26.52 14.06 10.06
N ARG A 290 -27.78 13.82 10.38
CA ARG A 290 -28.12 13.80 11.74
C ARG A 290 -28.06 12.40 12.17
N LEU A 291 -27.16 12.12 13.14
CA LEU A 291 -26.96 10.72 13.57
C LEU A 291 -26.61 10.63 15.04
N GLU A 292 -27.62 10.40 15.90
CA GLU A 292 -27.53 10.84 17.33
C GLU A 292 -28.76 10.42 18.12
N ARG A 293 -28.59 10.28 19.42
CA ARG A 293 -29.68 9.91 20.34
C ARG A 293 -30.42 11.10 20.90
N GLU A 294 -31.65 10.84 21.30
CA GLU A 294 -32.49 11.82 21.95
C GLU A 294 -33.43 11.05 22.89
N GLN A 295 -33.81 11.59 24.06
CA GLN A 295 -34.85 10.89 24.82
C GLN A 295 -36.20 11.62 24.60
N LEU A 296 -37.28 10.83 24.45
CA LEU A 296 -38.68 11.30 24.44
C LEU A 296 -39.41 11.15 25.79
N ASN A 302 -38.65 8.91 29.07
CA ASN A 302 -39.36 7.64 28.85
C ASN A 302 -38.98 6.84 27.57
N THR A 303 -38.94 7.44 26.37
CA THR A 303 -38.62 6.64 25.13
C THR A 303 -37.27 6.96 24.44
N GLU A 304 -36.59 5.99 23.83
CA GLU A 304 -35.30 6.30 23.13
C GLU A 304 -35.35 6.40 21.60
N VAL A 305 -34.77 7.47 21.08
CA VAL A 305 -34.71 7.72 19.63
C VAL A 305 -33.30 7.87 19.03
N ILE A 306 -32.98 7.01 18.06
CA ILE A 306 -31.84 7.19 17.23
C ILE A 306 -32.27 7.77 15.81
N HIS A 307 -31.99 9.05 15.56
CA HIS A 307 -32.17 9.58 14.23
C HIS A 307 -30.97 9.19 13.41
N ASN A 308 -31.19 9.08 12.12
CA ASN A 308 -30.12 8.76 11.21
C ASN A 308 -30.60 9.17 9.81
N TYR A 309 -30.89 10.44 9.54
CA TYR A 309 -31.23 10.95 8.21
C TYR A 309 -30.39 12.20 7.87
N GLY A 310 -30.56 12.67 6.64
CA GLY A 310 -29.89 13.88 6.10
C GLY A 310 -28.63 13.42 5.37
N HIS A 311 -28.69 12.33 4.60
CA HIS A 311 -27.58 11.80 3.78
C HIS A 311 -27.43 12.50 2.37
N GLY A 312 -28.30 13.49 2.05
CA GLY A 312 -28.11 14.28 0.83
C GLY A 312 -27.83 13.44 -0.38
N GLY A 313 -26.74 13.71 -1.09
CA GLY A 313 -26.55 13.00 -2.38
C GLY A 313 -25.60 11.84 -2.25
N TYR A 314 -25.44 11.27 -1.06
CA TYR A 314 -24.44 10.23 -0.89
C TYR A 314 -24.86 9.02 -0.02
N GLY A 315 -26.17 8.74 0.00
CA GLY A 315 -26.70 7.71 0.89
C GLY A 315 -26.11 6.30 0.71
N LEU A 316 -26.11 5.82 -0.54
CA LEU A 316 -25.37 4.55 -0.85
C LEU A 316 -23.95 4.58 -0.42
N THR A 317 -23.23 5.69 -0.68
CA THR A 317 -21.80 5.84 -0.42
C THR A 317 -21.50 5.59 1.07
N ILE A 318 -22.37 6.18 1.94
CA ILE A 318 -22.12 6.19 3.37
C ILE A 318 -22.91 5.19 4.24
N HIS A 319 -23.98 4.59 3.72
CA HIS A 319 -24.99 4.04 4.61
C HIS A 319 -24.49 3.04 5.61
N TRP A 320 -23.34 2.40 5.39
CA TRP A 320 -22.87 1.28 6.28
C TRP A 320 -22.00 1.71 7.51
N GLY A 321 -21.11 2.69 7.33
CA GLY A 321 -20.59 3.34 8.53
C GLY A 321 -21.76 3.90 9.36
N CYS A 322 -22.73 4.54 8.72
CA CYS A 322 -23.96 4.98 9.50
C CYS A 322 -24.58 3.82 10.30
N ALA A 323 -24.87 2.72 9.63
CA ALA A 323 -25.50 1.65 10.33
C ALA A 323 -24.59 1.15 11.47
N LEU A 324 -23.29 0.99 11.24
CA LEU A 324 -22.47 0.50 12.32
C LEU A 324 -22.46 1.55 13.45
N GLU A 325 -22.71 2.82 13.10
CA GLU A 325 -22.72 3.86 14.10
C GLU A 325 -24.03 3.94 14.85
N ALA A 326 -25.14 3.95 14.14
CA ALA A 326 -26.45 3.72 14.75
C ALA A 326 -26.43 2.50 15.75
N ALA A 327 -25.74 1.41 15.35
CA ALA A 327 -25.56 0.15 16.22
C ALA A 327 -24.75 0.24 17.53
N LYS A 328 -23.72 1.10 17.55
CA LYS A 328 -23.09 1.51 18.81
C LYS A 328 -24.08 2.38 19.59
N LEU A 329 -24.76 3.31 18.96
CA LEU A 329 -25.75 4.06 19.77
C LEU A 329 -26.75 3.08 20.45
N PHE A 330 -27.18 2.03 19.73
CA PHE A 330 -28.16 1.05 20.24
C PHE A 330 -27.60 0.28 21.45
N GLY A 331 -26.35 -0.16 21.33
CA GLY A 331 -25.57 -0.72 22.43
C GLY A 331 -25.28 0.27 23.53
N ARG A 332 -24.98 1.53 23.24
CA ARG A 332 -24.83 2.43 24.41
C ARG A 332 -26.12 2.54 25.30
N ILE A 333 -27.31 2.54 24.68
CA ILE A 333 -28.59 2.48 25.36
C ILE A 333 -28.73 1.28 26.35
N LEU A 334 -28.54 0.05 25.87
CA LEU A 334 -28.62 -1.20 26.68
C LEU A 334 -27.67 -1.28 27.83
N GLU A 335 -26.48 -0.76 27.59
CA GLU A 335 -25.43 -0.49 28.59
C GLU A 335 -25.90 0.48 29.67
N GLU A 336 -26.87 1.35 29.39
CA GLU A 336 -27.52 2.13 30.43
C GLU A 336 -28.69 1.37 31.08
N LYS A 337 -29.29 0.41 30.37
CA LYS A 337 -30.13 -0.60 31.03
C LYS A 337 -29.25 -1.70 31.62
N MET B 1 44.70 -37.36 12.99
CA MET B 1 43.95 -36.73 11.87
C MET B 1 44.36 -35.26 11.82
N ARG B 2 44.81 -34.82 10.66
CA ARG B 2 45.33 -33.46 10.52
C ARG B 2 44.51 -32.68 9.51
N VAL B 3 44.08 -31.49 9.92
CA VAL B 3 43.04 -30.77 9.22
C VAL B 3 43.53 -29.34 9.02
N VAL B 4 43.58 -28.84 7.79
CA VAL B 4 43.86 -27.40 7.65
C VAL B 4 42.68 -26.48 7.24
N VAL B 5 42.37 -25.55 8.08
CA VAL B 5 41.31 -24.65 7.69
C VAL B 5 41.95 -23.47 6.96
N ILE B 6 41.56 -23.24 5.71
CA ILE B 6 42.12 -22.08 4.92
C ILE B 6 41.18 -20.85 4.87
N GLY B 7 41.61 -19.69 5.36
CA GLY B 7 40.70 -18.54 5.57
C GLY B 7 40.29 -18.25 7.06
N ALA B 8 40.40 -16.97 7.46
CA ALA B 8 40.15 -16.63 8.83
C ALA B 8 38.97 -15.57 8.98
N GLY B 9 38.16 -15.39 7.94
CA GLY B 9 36.82 -14.77 7.98
C GLY B 9 35.69 -15.54 8.65
N VAL B 10 34.45 -15.04 8.57
CA VAL B 10 33.42 -15.73 9.37
C VAL B 10 33.26 -17.24 9.08
N ILE B 11 33.44 -17.64 7.80
CA ILE B 11 33.20 -19.06 7.35
C ILE B 11 34.25 -20.04 7.87
N GLY B 12 35.54 -19.68 7.72
CA GLY B 12 36.64 -20.49 8.24
C GLY B 12 36.59 -20.63 9.77
N LEU B 13 36.50 -19.45 10.43
CA LEU B 13 36.63 -19.43 11.90
C LEU B 13 35.38 -20.14 12.36
N SER B 14 34.34 -19.99 11.58
CA SER B 14 33.10 -20.53 11.91
C SER B 14 33.10 -22.05 11.77
N THR B 15 33.82 -22.58 10.77
CA THR B 15 33.59 -23.96 10.36
C THR B 15 34.56 -24.72 11.17
N ALA B 16 35.68 -24.05 11.36
CA ALA B 16 36.79 -24.55 12.14
C ALA B 16 36.24 -24.91 13.53
N LEU B 17 35.46 -24.02 14.12
CA LEU B 17 35.06 -24.17 15.49
C LEU B 17 33.96 -25.20 15.58
N CYS B 18 33.13 -25.15 14.58
CA CYS B 18 32.05 -26.02 14.49
C CYS B 18 32.43 -27.47 14.49
N ILE B 19 33.42 -27.79 13.66
CA ILE B 19 34.02 -29.11 13.54
C ILE B 19 34.85 -29.49 14.77
N HIS B 20 35.65 -28.58 15.35
CA HIS B 20 36.46 -28.98 16.53
C HIS B 20 35.50 -29.45 17.57
N GLU B 21 34.51 -28.58 17.79
CA GLU B 21 33.46 -28.74 18.79
C GLU B 21 32.77 -30.11 18.78
N ARG B 22 32.49 -30.64 17.57
CA ARG B 22 31.80 -31.95 17.43
C ARG B 22 32.66 -33.16 17.16
N TYR B 23 33.96 -33.01 16.91
CA TYR B 23 34.65 -34.22 16.55
C TYR B 23 35.87 -34.57 17.37
N HIS B 24 36.10 -33.82 18.44
CA HIS B 24 37.32 -34.03 19.22
C HIS B 24 37.27 -35.07 20.35
N SER B 25 36.10 -35.56 20.69
CA SER B 25 35.99 -36.66 21.64
C SER B 25 36.01 -37.97 20.90
N VAL B 26 36.11 -37.86 19.55
CA VAL B 26 35.94 -39.00 18.66
C VAL B 26 37.15 -39.36 17.77
N LEU B 27 38.01 -38.42 17.42
CA LEU B 27 39.39 -38.69 17.02
C LEU B 27 40.23 -38.06 18.15
N GLN B 28 41.39 -38.57 18.64
CA GLN B 28 42.40 -39.51 18.01
C GLN B 28 43.92 -39.11 17.98
N PRO B 29 44.32 -37.82 17.85
CA PRO B 29 43.81 -36.44 17.94
C PRO B 29 43.17 -35.91 16.66
N LEU B 30 42.57 -34.74 16.84
CA LEU B 30 42.14 -33.90 15.79
C LEU B 30 43.13 -32.71 15.70
N ASP B 31 44.16 -32.80 14.86
CA ASP B 31 44.95 -31.63 14.63
C ASP B 31 44.23 -30.76 13.56
N ILE B 32 43.84 -29.56 14.03
CA ILE B 32 43.17 -28.56 13.30
C ILE B 32 44.06 -27.32 13.32
N LYS B 33 44.36 -26.74 12.15
CA LYS B 33 44.92 -25.40 12.15
C LYS B 33 44.28 -24.42 11.17
N VAL B 34 44.50 -23.15 11.42
CA VAL B 34 43.89 -22.21 10.52
C VAL B 34 45.00 -21.55 9.67
N TYR B 35 45.03 -21.65 8.35
CA TYR B 35 45.97 -20.76 7.69
C TYR B 35 45.21 -19.63 7.02
N ALA B 36 45.77 -18.42 7.09
CA ALA B 36 45.19 -17.33 6.27
C ALA B 36 46.17 -16.24 6.16
N ASP B 37 46.07 -15.48 5.06
CA ASP B 37 46.95 -14.34 4.89
C ASP B 37 46.49 -13.03 5.59
N ARG B 38 45.18 -12.88 5.82
CA ARG B 38 44.68 -11.80 6.62
C ARG B 38 43.70 -12.26 7.72
N PHE B 39 43.71 -11.55 8.85
CA PHE B 39 42.80 -11.73 9.99
C PHE B 39 42.13 -10.39 10.36
N THR B 40 40.94 -10.43 11.03
CA THR B 40 40.32 -9.22 11.64
C THR B 40 41.50 -8.39 12.01
N PRO B 41 41.48 -7.09 11.67
CA PRO B 41 40.32 -6.37 11.08
C PRO B 41 40.36 -6.20 9.53
N LEU B 42 41.10 -7.10 8.88
CA LEU B 42 41.38 -6.91 7.44
C LEU B 42 40.53 -7.77 6.51
N THR B 43 39.64 -8.58 7.04
CA THR B 43 38.89 -9.46 6.12
C THR B 43 37.63 -8.83 5.64
N THR B 44 37.09 -9.35 4.55
CA THR B 44 35.84 -8.83 4.04
C THR B 44 34.82 -8.83 5.22
N THR B 45 34.92 -9.84 6.09
CA THR B 45 33.95 -10.03 7.17
C THR B 45 33.83 -8.78 8.09
N ASP B 46 34.97 -8.15 8.36
CA ASP B 46 35.02 -7.09 9.33
C ASP B 46 34.41 -5.88 8.73
N VAL B 47 34.27 -5.91 7.40
CA VAL B 47 33.72 -4.79 6.65
C VAL B 47 32.20 -4.77 6.77
N ALA B 48 31.56 -5.92 7.07
CA ALA B 48 30.09 -6.03 7.02
C ALA B 48 29.40 -5.43 8.19
N ALA B 49 28.22 -4.88 7.99
CA ALA B 49 27.45 -4.40 9.16
C ALA B 49 27.09 -5.60 10.02
N GLY B 50 26.70 -6.69 9.39
CA GLY B 50 26.51 -7.96 10.04
C GLY B 50 25.04 -8.14 10.26
N LEU B 51 24.22 -7.44 9.46
CA LEU B 51 22.74 -7.53 9.62
C LEU B 51 22.17 -8.80 9.02
N TRP B 52 21.27 -9.48 9.76
CA TRP B 52 20.64 -10.71 9.29
C TRP B 52 19.51 -10.53 8.28
N GLN B 53 19.77 -10.90 7.02
CA GLN B 53 18.75 -10.94 5.97
C GLN B 53 19.28 -11.46 4.56
N PRO B 54 18.72 -12.61 4.10
CA PRO B 54 19.05 -13.27 2.85
C PRO B 54 18.43 -12.44 1.71
N TYR B 55 18.69 -12.75 0.43
CA TYR B 55 17.93 -12.08 -0.66
C TYR B 55 16.39 -12.10 -0.45
N LEU B 56 15.70 -11.55 -1.43
CA LEU B 56 14.22 -11.66 -1.52
C LEU B 56 13.70 -12.90 -2.24
N PRO B 62 18.88 -23.35 -2.38
CA PRO B 62 17.70 -24.26 -2.12
C PRO B 62 17.50 -24.61 -0.62
N GLN B 63 18.39 -25.45 -0.07
CA GLN B 63 18.68 -25.56 1.38
C GLN B 63 19.43 -24.29 1.95
N GLU B 64 19.73 -23.31 1.10
CA GLU B 64 20.31 -22.00 1.55
C GLU B 64 19.36 -21.20 2.44
N ALA B 65 18.06 -21.42 2.18
CA ALA B 65 16.93 -21.03 3.04
C ALA B 65 17.06 -21.69 4.39
N ASP B 66 17.25 -23.01 4.37
CA ASP B 66 17.34 -23.79 5.58
C ASP B 66 18.58 -23.37 6.39
N TRP B 67 19.69 -23.06 5.72
CA TRP B 67 20.90 -22.70 6.48
C TRP B 67 20.82 -21.29 7.10
N SER B 68 20.12 -20.41 6.42
CA SER B 68 20.00 -19.12 6.90
C SER B 68 19.16 -19.09 8.12
N GLN B 69 18.08 -19.88 8.06
CA GLN B 69 17.09 -19.88 9.10
C GLN B 69 17.69 -20.54 10.30
N GLN B 70 18.60 -21.49 10.11
CA GLN B 70 19.29 -22.09 11.21
C GLN B 70 20.24 -21.06 11.85
N THR B 71 20.98 -20.34 11.03
CA THR B 71 21.86 -19.29 11.59
C THR B 71 20.93 -18.31 12.35
N PHE B 72 19.82 -17.90 11.77
CA PHE B 72 18.90 -17.15 12.62
C PHE B 72 18.47 -17.77 14.01
N ASP B 73 17.89 -18.96 14.07
CA ASP B 73 17.50 -19.55 15.37
C ASP B 73 18.69 -19.66 16.37
N TYR B 74 19.83 -20.03 15.84
CA TYR B 74 21.00 -20.14 16.63
C TYR B 74 21.47 -18.86 17.45
N LEU B 75 21.65 -17.79 16.69
CA LEU B 75 21.83 -16.45 17.19
C LEU B 75 20.65 -15.91 18.00
N LEU B 76 19.39 -16.16 17.65
CA LEU B 76 18.30 -15.84 18.59
C LEU B 76 18.32 -16.52 19.98
N SER B 77 18.79 -17.77 20.06
CA SER B 77 18.85 -18.45 21.33
C SER B 77 20.01 -17.95 22.12
N HIS B 78 20.92 -17.20 21.50
CA HIS B 78 22.04 -16.64 22.28
C HIS B 78 22.01 -15.08 22.56
N VAL B 79 20.90 -14.41 22.25
CA VAL B 79 20.89 -12.93 22.22
C VAL B 79 20.60 -12.27 23.55
N HIS B 80 19.77 -12.95 24.36
CA HIS B 80 19.45 -12.53 25.72
C HIS B 80 20.40 -13.22 26.72
N SER B 81 21.64 -13.47 26.33
CA SER B 81 22.59 -14.09 27.24
C SER B 81 23.76 -13.17 27.67
N PRO B 82 24.63 -13.65 28.63
CA PRO B 82 25.90 -12.95 29.01
C PRO B 82 26.80 -12.47 27.82
N ASN B 83 27.23 -13.41 26.94
CA ASN B 83 28.20 -13.22 25.82
C ASN B 83 27.80 -12.34 24.62
N ALA B 84 26.51 -12.04 24.49
CA ALA B 84 25.95 -11.32 23.31
C ALA B 84 26.79 -10.09 23.00
N GLU B 85 26.95 -9.23 24.01
CA GLU B 85 27.89 -8.15 23.99
C GLU B 85 29.19 -8.58 23.32
N ASN B 86 29.96 -9.52 23.91
CA ASN B 86 31.11 -10.20 23.22
C ASN B 86 31.04 -10.61 21.74
N LEU B 87 29.89 -11.13 21.32
CA LEU B 87 29.74 -11.53 19.92
C LEU B 87 29.27 -10.30 19.08
N GLY B 88 28.90 -9.23 19.79
CA GLY B 88 28.39 -8.04 19.11
C GLY B 88 27.05 -8.32 18.45
N LEU B 89 26.28 -9.17 19.15
CA LEU B 89 24.94 -9.60 18.83
C LEU B 89 23.85 -8.77 19.58
N PHE B 90 22.95 -8.12 18.84
CA PHE B 90 21.76 -7.55 19.46
C PHE B 90 20.63 -7.58 18.45
N LEU B 91 19.40 -7.38 18.93
CA LEU B 91 18.25 -7.42 18.10
C LEU B 91 18.05 -6.05 17.51
N ILE B 92 17.37 -5.96 16.38
CA ILE B 92 17.06 -4.66 15.82
C ILE B 92 15.88 -4.72 14.90
N SER B 93 15.09 -3.67 14.88
CA SER B 93 14.02 -3.61 13.93
C SER B 93 14.27 -2.51 12.90
N GLY B 94 13.45 -2.51 11.86
CA GLY B 94 13.48 -1.45 10.85
C GLY B 94 12.79 -1.84 9.56
N TYR B 95 12.96 -0.98 8.56
CA TYR B 95 12.21 -0.89 7.31
C TYR B 95 12.98 -1.49 6.15
N ASN B 96 12.24 -2.22 5.29
CA ASN B 96 12.66 -2.54 3.96
C ASN B 96 11.75 -1.78 3.00
N LEU B 97 12.26 -0.94 2.09
CA LEU B 97 11.43 0.04 1.28
C LEU B 97 11.53 -0.24 -0.23
N PHE B 98 10.40 -0.10 -0.94
CA PHE B 98 10.19 -0.39 -2.39
C PHE B 98 9.37 0.65 -3.20
N HIS B 99 9.62 0.73 -4.52
CA HIS B 99 8.81 1.64 -5.38
C HIS B 99 7.39 1.10 -5.63
N GLU B 100 7.31 -0.15 -6.11
CA GLU B 100 6.04 -0.85 -6.22
C GLU B 100 5.95 -2.07 -5.32
N ALA B 101 4.71 -2.38 -4.93
CA ALA B 101 4.21 -3.72 -4.57
C ALA B 101 5.10 -4.89 -5.02
N ILE B 102 5.59 -5.66 -4.06
CA ILE B 102 6.42 -6.80 -4.32
C ILE B 102 5.98 -7.90 -3.38
N PRO B 103 6.10 -9.16 -3.81
CA PRO B 103 5.90 -10.44 -3.03
C PRO B 103 6.71 -10.57 -1.76
N ASP B 104 6.08 -11.21 -0.77
CA ASP B 104 6.63 -11.55 0.52
C ASP B 104 7.73 -12.60 0.47
N PRO B 105 8.77 -12.46 1.31
CA PRO B 105 9.91 -13.36 1.17
C PRO B 105 9.68 -14.67 1.95
N SER B 106 10.37 -15.74 1.53
CA SER B 106 10.39 -17.00 2.24
C SER B 106 10.69 -16.76 3.74
N TRP B 107 11.79 -16.07 4.08
CA TRP B 107 12.11 -15.81 5.51
C TRP B 107 11.08 -14.92 6.30
N LYS B 108 9.95 -14.59 5.66
CA LYS B 108 8.75 -14.07 6.33
C LYS B 108 8.60 -14.51 7.83
N ASP B 109 8.60 -15.82 8.09
CA ASP B 109 8.30 -16.34 9.43
C ASP B 109 9.47 -16.58 10.34
N THR B 110 10.66 -16.30 9.86
CA THR B 110 11.86 -16.56 10.63
C THR B 110 12.27 -15.37 11.49
N VAL B 111 12.35 -14.20 10.87
CA VAL B 111 12.56 -12.93 11.56
C VAL B 111 11.34 -12.81 12.45
N LEU B 112 11.28 -11.77 13.31
CA LEU B 112 10.19 -11.70 14.31
C LEU B 112 9.15 -10.62 14.07
N GLY B 113 7.87 -10.93 14.14
CA GLY B 113 6.83 -9.92 13.88
C GLY B 113 6.78 -9.31 12.47
N PHE B 114 7.20 -10.05 11.40
CA PHE B 114 7.15 -9.49 9.95
C PHE B 114 5.85 -8.81 9.59
N ARG B 115 5.83 -7.66 8.91
CA ARG B 115 4.49 -7.09 8.45
C ARG B 115 4.67 -6.00 7.37
N LYS B 116 3.57 -5.62 6.78
CA LYS B 116 3.52 -4.52 5.79
C LYS B 116 3.55 -3.12 6.43
N LEU B 117 4.37 -2.23 5.86
CA LEU B 117 4.34 -0.86 6.28
C LEU B 117 2.91 -0.29 6.13
N THR B 118 2.36 0.35 7.19
CA THR B 118 1.04 1.02 7.14
C THR B 118 1.23 2.38 6.43
N PRO B 119 0.11 2.97 5.89
CA PRO B 119 0.12 4.27 5.17
C PRO B 119 0.86 5.38 5.90
N ARG B 120 0.60 5.58 7.22
CA ARG B 120 1.24 6.69 7.96
C ARG B 120 2.76 6.51 8.07
N GLU B 121 3.24 5.28 8.10
CA GLU B 121 4.69 5.01 8.02
C GLU B 121 5.23 5.27 6.60
N LEU B 122 4.45 4.91 5.60
CA LEU B 122 4.88 5.07 4.23
C LEU B 122 4.91 6.55 3.89
N ASP B 123 4.27 7.38 4.74
CA ASP B 123 4.34 8.84 4.54
C ASP B 123 5.68 9.38 5.05
N MET B 124 6.43 8.59 5.80
CA MET B 124 7.77 9.02 6.23
C MET B 124 8.87 8.84 5.15
N PHE B 125 8.53 8.30 3.98
CA PHE B 125 9.55 8.15 2.96
C PHE B 125 8.95 8.52 1.60
N PRO B 126 9.27 9.76 1.14
CA PRO B 126 8.52 10.43 0.14
C PRO B 126 8.92 9.92 -1.20
N ASP B 127 9.74 8.89 -1.23
CA ASP B 127 10.26 8.36 -2.50
C ASP B 127 9.93 6.91 -2.69
N TYR B 128 9.12 6.33 -1.78
CA TYR B 128 8.86 4.85 -1.73
C TYR B 128 7.41 4.53 -1.48
N GLY B 129 6.86 3.60 -2.25
CA GLY B 129 5.44 3.36 -2.22
C GLY B 129 5.00 2.25 -1.27
N TYR B 130 5.92 1.36 -0.88
CA TYR B 130 5.58 0.05 -0.33
C TYR B 130 6.72 -0.46 0.51
N GLY B 131 6.40 -1.29 1.49
CA GLY B 131 7.43 -2.11 2.11
C GLY B 131 7.14 -2.76 3.43
N TRP B 132 8.21 -3.13 4.11
CA TRP B 132 8.13 -3.99 5.30
C TRP B 132 8.79 -3.45 6.58
N PHE B 133 8.14 -3.87 7.69
CA PHE B 133 8.74 -3.86 9.02
C PHE B 133 8.84 -5.30 9.54
N HIS B 134 9.82 -5.52 10.35
CA HIS B 134 10.01 -6.74 11.11
C HIS B 134 11.22 -6.54 12.03
N THR B 135 11.44 -7.52 12.92
CA THR B 135 12.63 -7.54 13.71
C THR B 135 13.66 -8.56 13.29
N SER B 136 14.89 -8.12 13.00
CA SER B 136 16.01 -9.06 12.78
C SER B 136 17.07 -8.85 13.82
N LEU B 137 18.29 -9.19 13.45
CA LEU B 137 19.41 -9.12 14.38
C LEU B 137 20.71 -8.76 13.60
N ILE B 138 21.70 -8.31 14.42
CA ILE B 138 22.95 -7.83 13.97
C ILE B 138 23.94 -8.64 14.68
N LEU B 139 24.87 -9.19 13.89
CA LEU B 139 26.13 -9.76 14.42
C LEU B 139 27.23 -8.91 13.82
N GLU B 140 27.91 -8.07 14.59
CA GLU B 140 29.00 -7.21 14.05
C GLU B 140 30.31 -8.01 13.82
N GLY B 141 30.61 -8.16 12.52
CA GLY B 141 31.82 -8.75 12.03
C GLY B 141 33.02 -8.69 12.91
N LYS B 142 33.53 -7.50 13.25
CA LYS B 142 34.87 -7.51 13.88
C LYS B 142 34.71 -8.28 15.13
N ASN B 143 33.73 -7.95 15.93
CA ASN B 143 33.57 -8.48 17.29
C ASN B 143 33.54 -9.99 17.27
N TYR B 144 32.73 -10.51 16.36
CA TYR B 144 32.47 -11.94 16.31
C TYR B 144 33.76 -12.70 15.81
N LEU B 145 34.54 -12.09 14.95
CA LEU B 145 35.80 -12.76 14.70
C LEU B 145 36.69 -12.87 15.91
N GLN B 146 36.73 -11.86 16.80
CA GLN B 146 37.64 -11.88 18.01
C GLN B 146 37.20 -12.97 18.90
N TRP B 147 35.88 -12.92 19.15
CA TRP B 147 35.12 -13.94 19.84
C TRP B 147 35.42 -15.30 19.28
N LEU B 148 35.33 -15.42 17.94
CA LEU B 148 35.66 -16.69 17.32
C LEU B 148 37.17 -17.04 17.49
N THR B 149 38.03 -16.07 17.36
CA THR B 149 39.44 -16.35 17.52
C THR B 149 39.80 -16.93 18.94
N GLU B 150 39.05 -16.54 19.96
CA GLU B 150 39.34 -16.90 21.33
C GLU B 150 38.95 -18.30 21.82
N ARG B 151 37.80 -18.80 21.39
CA ARG B 151 37.37 -20.20 21.60
C ARG B 151 38.23 -21.14 20.80
N LEU B 152 38.42 -20.79 19.54
CA LEU B 152 39.42 -21.46 18.77
C LEU B 152 40.66 -21.51 19.64
N THR B 153 41.18 -20.38 20.13
CA THR B 153 42.48 -20.40 20.82
C THR B 153 42.44 -21.18 22.17
N GLU B 154 41.33 -21.09 22.89
CA GLU B 154 41.08 -21.87 24.12
C GLU B 154 41.17 -23.36 23.81
N ARG B 155 40.79 -23.68 22.58
CA ARG B 155 40.73 -25.02 22.09
C ARG B 155 42.04 -25.52 21.52
N GLY B 156 43.13 -24.77 21.59
CA GLY B 156 44.42 -25.23 21.00
C GLY B 156 44.55 -25.26 19.46
N VAL B 157 43.57 -24.68 18.76
CA VAL B 157 43.64 -24.44 17.27
C VAL B 157 44.70 -23.37 16.83
N LYS B 158 45.91 -23.73 16.38
CA LYS B 158 46.95 -22.73 16.06
C LYS B 158 46.60 -21.91 14.87
N PHE B 159 46.95 -20.61 14.90
CA PHE B 159 46.76 -19.81 13.68
C PHE B 159 48.12 -19.48 13.16
N PHE B 160 48.24 -19.39 11.83
CA PHE B 160 49.48 -19.05 11.10
C PHE B 160 49.19 -18.08 9.93
N GLN B 161 49.86 -16.93 9.93
CA GLN B 161 49.65 -16.00 8.82
C GLN B 161 50.51 -16.44 7.69
N ARG B 162 49.93 -16.61 6.53
CA ARG B 162 50.58 -17.41 5.50
C ARG B 162 49.72 -17.37 4.24
N LYS B 163 50.36 -17.14 3.08
CA LYS B 163 49.66 -17.16 1.81
C LYS B 163 49.78 -18.53 1.13
N VAL B 164 48.64 -19.12 0.86
CA VAL B 164 48.63 -20.50 0.40
C VAL B 164 48.65 -20.52 -1.11
N GLU B 165 49.70 -21.04 -1.69
CA GLU B 165 49.82 -21.06 -3.16
C GLU B 165 48.98 -22.12 -3.82
N SER B 166 49.00 -23.34 -3.28
CA SER B 166 48.12 -24.38 -3.81
C SER B 166 47.68 -25.34 -2.77
N PHE B 167 46.55 -25.93 -3.06
CA PHE B 167 46.07 -27.02 -2.25
C PHE B 167 47.20 -27.97 -1.95
N GLU B 168 47.93 -28.32 -3.00
CA GLU B 168 48.95 -29.37 -2.93
C GLU B 168 50.16 -28.98 -2.10
N GLU B 169 50.53 -27.71 -2.06
CA GLU B 169 51.54 -27.34 -1.10
C GLU B 169 51.11 -27.73 0.35
N VAL B 170 49.80 -27.61 0.63
CA VAL B 170 49.19 -27.87 1.92
C VAL B 170 49.05 -29.37 2.25
N ALA B 171 48.48 -30.19 1.33
CA ALA B 171 48.52 -31.68 1.44
C ALA B 171 49.95 -32.25 1.67
N ARG B 172 50.91 -31.80 0.84
CA ARG B 172 52.36 -32.10 1.06
C ARG B 172 52.91 -31.85 2.47
N GLU B 173 52.73 -30.66 3.05
CA GLU B 173 53.05 -30.42 4.47
C GLU B 173 52.52 -31.44 5.48
N GLY B 174 51.31 -31.96 5.25
CA GLY B 174 50.83 -33.12 6.04
C GLY B 174 49.34 -33.30 6.26
N ALA B 175 48.55 -32.36 5.73
CA ALA B 175 47.09 -32.34 5.88
C ALA B 175 46.31 -33.44 5.12
N ASP B 176 45.29 -33.99 5.78
CA ASP B 176 44.39 -35.00 5.28
C ASP B 176 43.13 -34.37 4.80
N VAL B 177 42.67 -33.35 5.51
CA VAL B 177 41.47 -32.64 5.12
C VAL B 177 41.75 -31.20 5.18
N ILE B 178 41.60 -30.57 4.02
CA ILE B 178 41.68 -29.16 3.86
C ILE B 178 40.27 -28.58 3.79
N VAL B 179 39.98 -27.64 4.68
CA VAL B 179 38.70 -27.06 4.68
C VAL B 179 38.83 -25.70 4.01
N ASN B 180 38.24 -25.52 2.80
CA ASN B 180 38.56 -24.30 1.96
C ASN B 180 37.59 -23.04 1.99
N CYS B 181 38.03 -22.04 2.78
CA CYS B 181 37.20 -20.90 3.24
C CYS B 181 37.85 -19.54 2.85
N THR B 182 38.19 -19.46 1.57
CA THR B 182 38.96 -18.41 0.96
C THR B 182 38.07 -17.35 0.32
N GLY B 183 36.74 -17.42 0.48
CA GLY B 183 35.99 -16.30 0.04
C GLY B 183 36.35 -15.88 -1.38
N VAL B 184 36.38 -14.60 -1.64
CA VAL B 184 36.31 -14.23 -3.04
C VAL B 184 37.58 -14.66 -3.72
N TRP B 185 38.57 -15.15 -2.96
CA TRP B 185 39.84 -15.55 -3.59
C TRP B 185 39.92 -17.03 -4.00
N ALA B 186 38.81 -17.76 -3.92
CA ALA B 186 38.87 -19.21 -4.13
C ALA B 186 39.56 -19.57 -5.45
N GLY B 187 39.29 -18.68 -6.45
CA GLY B 187 39.66 -18.82 -7.85
C GLY B 187 41.14 -18.97 -8.05
N ALA B 188 41.96 -18.37 -7.16
CA ALA B 188 43.45 -18.42 -7.22
C ALA B 188 43.94 -19.81 -6.80
N LEU B 189 43.10 -20.59 -6.09
CA LEU B 189 43.47 -22.00 -5.84
C LEU B 189 42.84 -22.98 -6.75
N GLN B 190 41.63 -22.77 -7.23
CA GLN B 190 41.03 -23.73 -8.19
C GLN B 190 40.03 -22.99 -9.04
N ARG B 191 40.39 -22.83 -10.32
CA ARG B 191 39.68 -21.89 -11.19
C ARG B 191 38.13 -22.05 -11.04
N ASP B 192 37.41 -20.96 -10.82
CA ASP B 192 35.98 -21.09 -10.66
C ASP B 192 35.30 -20.02 -11.45
N PRO B 193 34.90 -20.32 -12.67
CA PRO B 193 34.29 -19.27 -13.49
C PRO B 193 33.04 -18.66 -12.84
N LEU B 194 32.37 -19.37 -11.93
CA LEU B 194 31.12 -18.84 -11.43
C LEU B 194 31.35 -17.84 -10.32
N LEU B 195 32.59 -17.71 -9.82
CA LEU B 195 32.87 -16.89 -8.59
C LEU B 195 33.36 -15.42 -8.93
N GLN B 196 32.90 -14.39 -8.23
CA GLN B 196 33.23 -13.03 -8.69
C GLN B 196 33.09 -11.98 -7.65
N PRO B 197 33.85 -10.86 -7.73
CA PRO B 197 33.55 -9.92 -6.62
C PRO B 197 32.40 -8.96 -6.96
N GLY B 198 31.47 -8.71 -6.02
CA GLY B 198 30.47 -7.64 -6.20
C GLY B 198 31.16 -6.70 -5.25
N ARG B 199 32.13 -5.94 -5.74
CA ARG B 199 32.84 -5.06 -4.80
C ARG B 199 31.74 -4.30 -4.13
N GLY B 200 31.84 -4.09 -2.80
CA GLY B 200 31.11 -2.99 -2.11
C GLY B 200 31.93 -1.93 -1.33
N GLN B 201 31.25 -0.83 -1.07
CA GLN B 201 31.79 0.25 -0.24
C GLN B 201 30.79 0.70 0.83
N ILE B 202 31.33 1.03 2.01
CA ILE B 202 30.50 1.55 3.14
C ILE B 202 31.13 2.78 3.78
N MET B 203 30.32 3.63 4.40
CA MET B 203 30.81 4.55 5.45
C MET B 203 30.12 4.33 6.80
N LYS B 204 30.78 4.85 7.82
CA LYS B 204 30.55 4.47 9.22
C LYS B 204 30.42 5.80 9.85
N VAL B 205 29.24 6.09 10.40
CA VAL B 205 28.98 7.39 10.85
C VAL B 205 28.54 7.40 12.31
N ASP B 206 28.71 8.54 12.99
CA ASP B 206 28.23 8.73 14.33
C ASP B 206 26.81 9.32 14.35
N ALA B 207 25.85 8.51 14.69
CA ALA B 207 24.48 8.92 14.73
C ALA B 207 23.76 7.97 15.66
N PRO B 208 23.94 8.10 17.01
CA PRO B 208 23.32 7.00 17.73
C PRO B 208 21.81 7.34 18.07
N TRP B 209 21.32 8.46 17.57
CA TRP B 209 19.91 8.62 17.46
C TRP B 209 19.21 7.69 16.48
N MET B 210 19.94 6.98 15.60
CA MET B 210 19.30 5.96 14.69
C MET B 210 19.13 4.57 15.32
N LYS B 211 17.88 4.16 15.52
CA LYS B 211 17.53 2.91 16.16
C LYS B 211 17.06 1.80 15.21
N HIS B 212 16.81 2.19 13.96
CA HIS B 212 16.25 1.27 12.93
C HIS B 212 17.20 1.12 11.80
N PHE B 213 17.28 -0.06 11.19
CA PHE B 213 17.79 -0.11 9.82
C PHE B 213 16.71 0.40 8.84
N ILE B 214 17.15 0.84 7.67
CA ILE B 214 16.33 1.26 6.55
C ILE B 214 17.15 0.73 5.42
N LEU B 215 16.59 -0.31 4.78
CA LEU B 215 17.09 -0.92 3.55
C LEU B 215 16.25 -0.42 2.36
N THR B 216 16.85 0.08 1.26
CA THR B 216 16.06 0.40 0.03
C THR B 216 16.27 -0.62 -1.10
N HIS B 217 15.29 -0.76 -2.00
CA HIS B 217 15.47 -1.63 -3.18
C HIS B 217 14.93 -0.98 -4.40
N ASP B 218 15.71 -1.17 -5.43
CA ASP B 218 15.50 -0.55 -6.69
C ASP B 218 15.79 -1.66 -7.70
N PRO B 219 14.76 -2.16 -8.41
CA PRO B 219 15.04 -3.18 -9.48
C PRO B 219 16.11 -2.71 -10.50
N GLU B 220 16.18 -1.39 -10.72
CA GLU B 220 17.02 -0.76 -11.74
C GLU B 220 18.51 -0.89 -11.37
N ARG B 221 18.90 -0.21 -10.28
CA ARG B 221 20.18 -0.43 -9.64
C ARG B 221 20.51 -1.89 -9.36
N GLY B 222 19.53 -2.71 -9.04
CA GLY B 222 19.81 -4.09 -8.61
C GLY B 222 20.27 -4.26 -7.14
N ILE B 223 20.57 -5.51 -6.78
CA ILE B 223 20.99 -5.91 -5.43
C ILE B 223 22.17 -5.13 -4.74
N TYR B 224 21.87 -4.63 -3.55
CA TYR B 224 22.81 -4.04 -2.57
C TYR B 224 23.31 -2.69 -3.03
N ASN B 225 22.59 -2.10 -3.95
CA ASN B 225 23.13 -1.11 -4.85
C ASN B 225 22.22 0.07 -4.89
N SER B 226 21.50 0.24 -3.76
CA SER B 226 20.70 1.41 -3.46
C SER B 226 20.78 1.60 -1.97
N PRO B 227 20.57 2.87 -1.52
CA PRO B 227 21.00 3.24 -0.17
C PRO B 227 20.41 2.38 0.96
N TYR B 228 21.25 2.02 1.94
CA TYR B 228 20.81 1.52 3.21
C TYR B 228 21.61 2.16 4.43
N ILE B 229 21.03 1.95 5.62
CA ILE B 229 21.49 2.52 6.92
C ILE B 229 21.23 1.42 7.90
N ILE B 230 22.25 0.96 8.58
CA ILE B 230 22.11 -0.16 9.55
C ILE B 230 22.97 0.28 10.70
N PRO B 231 22.34 0.70 11.83
CA PRO B 231 23.04 1.04 13.11
C PRO B 231 23.71 -0.17 13.75
N GLY B 232 24.97 -0.02 14.11
CA GLY B 232 25.63 -0.93 14.98
C GLY B 232 25.65 -0.45 16.42
N THR B 233 26.45 -1.15 17.21
CA THR B 233 26.85 -0.76 18.55
C THR B 233 27.41 0.67 18.65
N GLN B 234 28.50 0.94 17.95
CA GLN B 234 29.24 2.17 18.14
C GLN B 234 29.01 3.12 16.99
N THR B 235 28.74 2.62 15.77
CA THR B 235 28.41 3.53 14.65
C THR B 235 27.34 2.90 13.88
N VAL B 236 26.85 3.69 12.96
CA VAL B 236 25.93 3.37 11.89
C VAL B 236 26.65 3.28 10.53
N THR B 237 26.31 2.23 9.79
CA THR B 237 26.93 1.93 8.52
C THR B 237 26.06 2.51 7.50
N LEU B 238 26.65 3.29 6.62
CA LEU B 238 25.87 3.81 5.45
C LEU B 238 26.37 3.12 4.17
N GLY B 239 25.51 2.50 3.35
CA GLY B 239 25.89 1.83 2.11
C GLY B 239 25.01 1.92 0.87
N GLY B 240 25.37 1.07 -0.10
CA GLY B 240 24.55 0.88 -1.26
C GLY B 240 25.37 0.66 -2.51
N ILE B 241 26.43 -0.10 -2.46
CA ILE B 241 27.30 -0.23 -3.63
C ILE B 241 27.51 -1.67 -3.89
N PHE B 242 27.35 -2.06 -5.12
CA PHE B 242 27.62 -3.47 -5.48
C PHE B 242 28.19 -3.38 -6.92
N GLN B 243 29.47 -3.72 -7.08
CA GLN B 243 30.14 -3.61 -8.41
C GLN B 243 30.64 -4.92 -8.90
N LEU B 244 29.89 -5.56 -9.81
CA LEU B 244 30.23 -6.95 -10.15
C LEU B 244 31.50 -6.85 -10.95
N GLY B 245 32.48 -7.62 -10.60
CA GLY B 245 33.69 -7.66 -11.44
C GLY B 245 34.79 -6.68 -11.11
N ASN B 246 34.56 -5.79 -10.14
CA ASN B 246 35.50 -4.71 -9.78
C ASN B 246 36.40 -5.10 -8.60
N TRP B 247 37.71 -5.15 -8.85
CA TRP B 247 38.67 -5.68 -7.89
C TRP B 247 39.43 -4.55 -7.13
N SER B 248 39.03 -3.31 -7.31
CA SER B 248 39.73 -2.18 -6.66
C SER B 248 39.43 -2.11 -5.13
N GLU B 249 40.35 -2.60 -4.31
CA GLU B 249 40.21 -2.48 -2.91
C GLU B 249 40.68 -1.10 -2.55
N LEU B 250 39.87 -0.12 -2.88
CA LEU B 250 40.29 1.25 -2.72
C LEU B 250 39.04 2.08 -2.49
N ASN B 251 38.92 2.70 -1.31
CA ASN B 251 37.83 3.64 -1.09
C ASN B 251 37.74 4.61 -2.25
N ASN B 252 36.50 4.78 -2.73
CA ASN B 252 36.26 5.48 -3.99
C ASN B 252 35.41 6.79 -3.83
N ILE B 253 36.12 7.88 -4.07
CA ILE B 253 35.53 9.19 -4.11
C ILE B 253 34.07 9.22 -4.77
N GLN B 254 33.86 8.86 -6.05
CA GLN B 254 32.46 8.82 -6.55
C GLN B 254 31.59 7.91 -5.76
N ASP B 255 32.12 6.81 -5.20
CA ASP B 255 31.29 5.92 -4.37
C ASP B 255 31.01 6.55 -3.01
N HIS B 256 32.00 7.18 -2.36
CA HIS B 256 31.68 8.13 -1.24
C HIS B 256 30.36 8.99 -1.49
N ASN B 257 30.38 9.91 -2.47
CA ASN B 257 29.17 10.76 -2.85
C ASN B 257 27.85 9.97 -3.07
N THR B 258 27.94 8.81 -3.69
CA THR B 258 26.73 8.04 -3.91
C THR B 258 25.96 7.61 -2.61
N ILE B 259 26.68 6.96 -1.63
CA ILE B 259 26.13 6.47 -0.31
C ILE B 259 25.59 7.70 0.52
N TRP B 260 26.47 8.67 0.71
CA TRP B 260 26.18 9.98 1.40
C TRP B 260 24.92 10.69 0.87
N GLU B 261 24.76 10.84 -0.43
CA GLU B 261 23.57 11.58 -0.88
C GLU B 261 22.33 10.74 -0.89
N GLY B 262 22.49 9.42 -1.01
CA GLY B 262 21.31 8.55 -0.97
C GLY B 262 20.77 8.49 0.46
N CYS B 263 21.65 8.22 1.41
CA CYS B 263 21.23 8.17 2.81
C CYS B 263 20.72 9.47 3.36
N CYS B 264 21.41 10.59 3.12
CA CYS B 264 20.95 11.91 3.62
C CYS B 264 19.64 12.24 2.98
N ARG B 265 19.42 11.72 1.78
CA ARG B 265 18.13 11.85 1.19
C ARG B 265 17.07 10.95 1.86
N LEU B 266 17.40 9.68 2.11
CA LEU B 266 16.52 8.85 2.94
C LEU B 266 16.34 9.39 4.36
N GLU B 267 17.44 9.78 5.03
CA GLU B 267 17.43 10.06 6.46
C GLU B 267 17.98 11.42 6.66
N PRO B 268 17.14 12.45 6.39
CA PRO B 268 17.76 13.74 6.33
C PRO B 268 18.61 14.15 7.49
N THR B 269 18.51 13.49 8.65
CA THR B 269 19.32 13.97 9.75
C THR B 269 20.74 13.49 9.65
N LEU B 270 21.06 12.63 8.70
CA LEU B 270 22.44 12.21 8.70
C LEU B 270 23.37 13.33 8.23
N LYS B 271 22.81 14.42 7.69
CA LYS B 271 23.60 15.56 7.20
C LYS B 271 24.59 16.16 8.23
N ASN B 272 24.20 16.11 9.51
CA ASN B 272 25.08 16.49 10.60
C ASN B 272 25.68 15.27 11.31
N ALA B 273 25.77 14.13 10.66
CA ALA B 273 26.40 13.02 11.28
C ALA B 273 27.89 13.08 10.98
N ARG B 274 28.70 12.99 12.01
CA ARG B 274 30.14 12.94 11.89
C ARG B 274 30.65 11.61 11.23
N ILE B 275 31.37 11.70 10.10
CA ILE B 275 31.93 10.52 9.35
C ILE B 275 33.14 9.98 10.09
N ILE B 276 33.18 8.69 10.46
CA ILE B 276 34.21 8.15 11.36
C ILE B 276 35.25 7.41 10.57
N GLY B 277 34.76 6.59 9.62
CA GLY B 277 35.62 5.81 8.74
C GLY B 277 34.83 5.32 7.54
N GLU B 278 35.51 4.51 6.72
CA GLU B 278 35.12 4.24 5.37
C GLU B 278 35.91 2.99 4.89
N ARG B 279 35.22 2.04 4.30
CA ARG B 279 35.84 0.75 3.97
C ARG B 279 35.32 0.13 2.67
N THR B 280 36.24 -0.46 1.87
CA THR B 280 35.88 -1.35 0.72
C THR B 280 36.06 -2.81 0.96
N GLY B 281 35.16 -3.66 0.42
CA GLY B 281 35.16 -5.09 0.64
C GLY B 281 34.70 -5.93 -0.57
N PHE B 282 35.07 -7.21 -0.60
CA PHE B 282 34.73 -8.02 -1.75
C PHE B 282 33.75 -9.15 -1.42
N ARG B 283 32.52 -8.95 -1.93
CA ARG B 283 31.52 -9.97 -1.77
C ARG B 283 31.84 -11.11 -2.76
N PRO B 284 31.88 -12.37 -2.23
CA PRO B 284 32.06 -13.64 -2.93
C PRO B 284 30.76 -14.07 -3.67
N VAL B 285 30.54 -13.47 -4.85
CA VAL B 285 29.27 -13.57 -5.55
C VAL B 285 29.34 -14.84 -6.36
N ARG B 286 28.33 -15.69 -6.24
CA ARG B 286 28.31 -17.00 -6.97
C ARG B 286 26.84 -17.38 -7.21
N PRO B 287 26.46 -17.94 -8.39
CA PRO B 287 24.98 -18.17 -8.52
C PRO B 287 24.41 -19.02 -7.34
N GLN B 288 25.19 -19.97 -6.75
CA GLN B 288 24.89 -20.49 -5.37
C GLN B 288 26.20 -20.68 -4.67
N ILE B 289 26.14 -20.92 -3.35
CA ILE B 289 27.30 -21.34 -2.56
C ILE B 289 27.86 -22.70 -2.97
N ARG B 290 29.19 -22.85 -2.91
CA ARG B 290 29.82 -24.18 -3.14
C ARG B 290 30.23 -24.70 -1.74
N LEU B 291 29.51 -25.74 -1.32
CA LEU B 291 29.68 -26.26 -0.03
C LEU B 291 29.59 -27.72 -0.23
N GLU B 292 30.71 -28.37 -0.37
CA GLU B 292 30.72 -29.73 -0.97
C GLU B 292 32.12 -30.31 -0.93
N ARG B 293 32.23 -31.62 -1.13
CA ARG B 293 33.53 -32.26 -1.07
C ARG B 293 34.11 -32.44 -2.46
N GLU B 294 35.42 -32.77 -2.46
CA GLU B 294 36.28 -33.18 -3.59
C GLU B 294 37.50 -33.93 -3.00
N GLN B 295 38.00 -34.97 -3.67
CA GLN B 295 39.27 -35.63 -3.29
C GLN B 295 40.39 -35.04 -4.19
N LEU B 296 41.59 -34.75 -3.64
CA LEU B 296 42.84 -34.42 -4.41
C LEU B 296 43.75 -35.64 -4.55
N ASN B 302 43.47 -39.24 -2.79
CA ASN B 302 44.50 -39.16 -1.74
C ASN B 302 44.22 -38.03 -0.71
N THR B 303 43.84 -36.81 -1.11
CA THR B 303 43.50 -35.78 -0.08
C THR B 303 42.10 -35.23 -0.20
N GLU B 304 41.41 -35.05 0.93
CA GLU B 304 40.01 -34.48 0.98
C GLU B 304 39.83 -32.94 1.11
N VAL B 305 38.92 -32.35 0.35
CA VAL B 305 38.66 -30.91 0.40
C VAL B 305 37.18 -30.66 0.79
N ILE B 306 36.90 -29.88 1.84
CA ILE B 306 35.53 -29.45 1.97
C ILE B 306 35.58 -28.04 1.49
N HIS B 307 34.94 -27.75 0.36
CA HIS B 307 34.79 -26.34 -0.13
C HIS B 307 33.63 -25.61 0.54
N ASN B 308 33.90 -24.45 1.13
CA ASN B 308 32.85 -23.71 1.79
C ASN B 308 32.94 -22.30 1.27
N TYR B 309 32.30 -21.96 0.18
CA TYR B 309 32.50 -20.59 -0.21
C TYR B 309 31.56 -20.00 -1.16
N GLY B 310 31.67 -18.66 -1.27
CA GLY B 310 30.91 -17.73 -2.15
C GLY B 310 29.57 -17.31 -1.64
N HIS B 311 29.55 -16.62 -0.49
CA HIS B 311 28.36 -16.32 0.29
C HIS B 311 27.85 -14.91 0.07
N GLY B 312 28.35 -14.37 -1.04
CA GLY B 312 27.92 -13.11 -1.56
C GLY B 312 27.81 -12.03 -0.52
N GLY B 313 26.60 -11.52 -0.29
CA GLY B 313 26.42 -10.45 0.64
C GLY B 313 25.44 -10.90 1.70
N TYR B 314 25.59 -12.17 2.13
CA TYR B 314 24.80 -12.72 3.18
C TYR B 314 25.60 -13.76 3.86
N GLY B 315 26.90 -13.58 3.83
CA GLY B 315 27.85 -14.44 4.60
C GLY B 315 27.49 -14.53 6.08
N LEU B 316 27.34 -13.38 6.77
CA LEU B 316 26.88 -13.36 8.13
C LEU B 316 25.50 -13.94 8.27
N THR B 317 24.56 -13.69 7.36
CA THR B 317 23.17 -14.12 7.59
C THR B 317 23.12 -15.65 7.67
N ILE B 318 24.15 -16.35 7.06
CA ILE B 318 24.00 -17.80 6.64
C ILE B 318 25.03 -18.75 7.27
N HIS B 319 26.04 -18.14 7.91
CA HIS B 319 27.29 -18.83 8.32
C HIS B 319 27.17 -20.12 9.15
N TRP B 320 26.21 -20.16 10.05
CA TRP B 320 26.26 -21.32 10.95
C TRP B 320 25.68 -22.49 10.21
N GLY B 321 24.57 -22.27 9.51
CA GLY B 321 24.06 -23.28 8.60
C GLY B 321 25.19 -23.94 7.81
N CYS B 322 25.95 -23.14 7.08
CA CYS B 322 27.00 -23.64 6.26
C CYS B 322 27.99 -24.35 7.13
N ALA B 323 28.28 -23.77 8.28
CA ALA B 323 29.27 -24.38 9.17
C ALA B 323 28.77 -25.75 9.63
N LEU B 324 27.48 -25.85 9.96
CA LEU B 324 26.97 -27.16 10.40
C LEU B 324 26.99 -28.18 9.29
N GLU B 325 26.61 -27.72 8.12
CA GLU B 325 26.68 -28.55 6.94
C GLU B 325 28.08 -29.06 6.60
N ALA B 326 29.07 -28.18 6.68
CA ALA B 326 30.48 -28.55 6.59
C ALA B 326 31.01 -29.58 7.61
N ALA B 327 30.68 -29.39 8.87
CA ALA B 327 31.00 -30.33 9.93
C ALA B 327 30.49 -31.64 9.48
N LYS B 328 29.28 -31.62 8.88
CA LYS B 328 28.53 -32.89 8.59
C LYS B 328 29.28 -33.68 7.57
N LEU B 329 29.78 -32.99 6.55
CA LEU B 329 30.42 -33.64 5.42
C LEU B 329 31.72 -34.12 5.97
N PHE B 330 32.23 -33.39 6.99
CA PHE B 330 33.39 -33.84 7.78
C PHE B 330 33.14 -35.21 8.42
N GLY B 331 32.02 -35.36 9.11
CA GLY B 331 31.65 -36.66 9.64
C GLY B 331 31.56 -37.71 8.57
N ARG B 332 31.14 -37.34 7.36
CA ARG B 332 31.03 -38.34 6.30
C ARG B 332 32.39 -38.88 5.89
N ILE B 333 33.43 -38.08 6.09
CA ILE B 333 34.79 -38.44 5.69
C ILE B 333 35.44 -39.44 6.63
N LEU B 334 35.05 -39.40 7.88
CA LEU B 334 35.47 -40.38 8.81
C LEU B 334 34.59 -41.57 8.64
N GLU B 335 33.32 -41.38 8.25
CA GLU B 335 32.47 -42.58 7.99
C GLU B 335 33.20 -43.49 7.03
N GLU B 336 33.52 -42.99 5.83
CA GLU B 336 34.21 -43.79 4.78
C GLU B 336 35.50 -44.43 5.30
N LYS B 337 36.11 -43.83 6.34
CA LYS B 337 37.26 -44.44 7.02
C LYS B 337 36.88 -45.29 8.26
N MET C 1 -62.84 28.52 -19.31
CA MET C 1 -63.56 27.56 -18.46
C MET C 1 -62.43 26.81 -17.74
N ARG C 2 -62.39 26.86 -16.42
CA ARG C 2 -61.26 26.25 -15.69
C ARG C 2 -61.59 24.78 -15.28
N VAL C 3 -60.73 23.86 -15.68
CA VAL C 3 -61.04 22.47 -15.58
C VAL C 3 -59.91 21.78 -14.75
N VAL C 4 -60.26 21.02 -13.73
CA VAL C 4 -59.19 20.36 -13.03
C VAL C 4 -59.45 18.86 -12.91
N VAL C 5 -58.47 18.04 -13.33
CA VAL C 5 -58.62 16.60 -13.32
C VAL C 5 -57.82 15.99 -12.15
N ILE C 6 -58.43 15.18 -11.29
CA ILE C 6 -57.63 14.63 -10.22
C ILE C 6 -57.32 13.15 -10.46
N GLY C 7 -56.03 12.82 -10.44
CA GLY C 7 -55.68 11.50 -10.83
C GLY C 7 -54.83 11.50 -12.10
N ALA C 8 -53.70 10.81 -12.03
CA ALA C 8 -52.97 10.53 -13.19
C ALA C 8 -52.94 9.01 -13.47
N GLY C 9 -53.98 8.23 -13.24
CA GLY C 9 -54.02 6.83 -13.72
C GLY C 9 -54.57 6.84 -15.12
N VAL C 10 -54.73 5.68 -15.73
CA VAL C 10 -55.38 5.65 -17.01
C VAL C 10 -56.69 6.43 -16.97
N ILE C 11 -57.41 6.50 -15.82
CA ILE C 11 -58.78 7.11 -15.88
C ILE C 11 -58.70 8.60 -16.08
N GLY C 12 -57.87 9.28 -15.28
CA GLY C 12 -57.74 10.74 -15.25
C GLY C 12 -57.10 11.16 -16.53
N LEU C 13 -56.04 10.45 -16.96
CA LEU C 13 -55.28 10.97 -18.12
C LEU C 13 -56.12 10.76 -19.41
N SER C 14 -56.70 9.57 -19.50
CA SER C 14 -57.68 9.18 -20.49
C SER C 14 -58.72 10.23 -20.74
N THR C 15 -59.61 10.35 -19.72
CA THR C 15 -60.72 11.35 -19.72
C THR C 15 -60.16 12.77 -20.03
N ALA C 16 -58.92 13.01 -19.60
CA ALA C 16 -58.39 14.30 -19.71
C ALA C 16 -58.15 14.53 -21.21
N LEU C 17 -57.58 13.52 -21.85
CA LEU C 17 -57.07 13.74 -23.18
C LEU C 17 -58.29 13.83 -24.03
N CYS C 18 -59.26 13.04 -23.61
CA CYS C 18 -60.37 12.87 -24.45
C CYS C 18 -61.28 14.09 -24.37
N ILE C 19 -61.47 14.65 -23.17
CA ILE C 19 -62.09 15.99 -23.01
C ILE C 19 -61.38 17.13 -23.78
N HIS C 20 -60.07 17.15 -23.74
CA HIS C 20 -59.39 18.18 -24.49
C HIS C 20 -59.49 17.94 -25.98
N GLU C 21 -59.32 16.68 -26.40
CA GLU C 21 -59.47 16.24 -27.80
C GLU C 21 -60.80 16.71 -28.40
N ARG C 22 -61.87 16.82 -27.58
CA ARG C 22 -63.23 17.24 -28.03
C ARG C 22 -63.68 18.71 -27.90
N TYR C 23 -63.20 19.43 -26.92
CA TYR C 23 -63.72 20.74 -26.68
C TYR C 23 -62.72 21.83 -26.71
N HIS C 24 -61.48 21.53 -27.08
CA HIS C 24 -60.52 22.64 -27.34
C HIS C 24 -60.97 23.57 -28.49
N SER C 25 -61.70 23.11 -29.49
CA SER C 25 -62.03 24.02 -30.59
C SER C 25 -63.29 24.86 -30.37
N VAL C 26 -63.95 24.70 -29.21
CA VAL C 26 -65.20 25.44 -28.95
C VAL C 26 -65.09 26.59 -27.89
N LEU C 27 -64.57 26.28 -26.71
CA LEU C 27 -64.01 27.31 -25.80
C LEU C 27 -62.50 27.46 -26.12
N GLN C 28 -61.84 28.63 -26.17
CA GLN C 28 -62.33 29.94 -25.78
C GLN C 28 -62.05 30.44 -24.30
N PRO C 29 -60.92 30.09 -23.64
CA PRO C 29 -59.95 28.98 -23.71
C PRO C 29 -60.44 27.91 -22.75
N LEU C 30 -60.18 26.66 -23.11
CA LEU C 30 -60.27 25.56 -22.20
C LEU C 30 -58.90 25.48 -21.46
N ASP C 31 -58.87 25.75 -20.15
CA ASP C 31 -57.65 25.62 -19.38
C ASP C 31 -57.79 24.33 -18.54
N ILE C 32 -56.93 23.33 -18.83
CA ILE C 32 -57.02 22.05 -18.16
C ILE C 32 -55.79 21.72 -17.31
N LYS C 33 -56.00 21.43 -16.05
CA LYS C 33 -54.90 20.95 -15.27
C LYS C 33 -55.13 19.55 -14.72
N VAL C 34 -54.04 18.81 -14.65
CA VAL C 34 -54.07 17.54 -13.90
C VAL C 34 -53.45 17.72 -12.49
N TYR C 35 -54.17 17.33 -11.45
CA TYR C 35 -53.49 17.22 -10.15
C TYR C 35 -53.52 15.76 -9.68
N ALA C 36 -52.33 15.22 -9.35
CA ALA C 36 -52.22 13.88 -8.78
C ALA C 36 -51.06 13.88 -7.87
N ASP C 37 -51.10 13.08 -6.78
CA ASP C 37 -49.86 13.06 -5.95
C ASP C 37 -48.97 11.95 -6.35
N ARG C 38 -49.47 11.08 -7.25
CA ARG C 38 -48.74 9.92 -7.76
C ARG C 38 -48.92 9.81 -9.23
N PHE C 39 -47.78 9.67 -9.90
CA PHE C 39 -47.61 9.46 -11.34
C PHE C 39 -46.72 8.23 -11.69
N THR C 40 -46.93 7.65 -12.89
CA THR C 40 -45.99 6.62 -13.36
C THR C 40 -44.61 6.84 -12.82
N PRO C 41 -43.98 5.73 -12.35
CA PRO C 41 -44.59 4.35 -12.13
C PRO C 41 -45.30 3.94 -10.85
N LEU C 42 -45.76 4.91 -10.06
CA LEU C 42 -46.44 4.57 -8.80
C LEU C 42 -47.96 4.73 -8.81
N THR C 43 -48.66 4.62 -9.95
CA THR C 43 -50.13 4.51 -9.88
C THR C 43 -50.55 3.01 -9.89
N THR C 44 -51.77 2.66 -9.45
CA THR C 44 -52.28 1.29 -9.59
C THR C 44 -52.18 0.80 -11.09
N THR C 45 -52.15 1.74 -12.03
CA THR C 45 -52.17 1.45 -13.45
C THR C 45 -50.85 0.80 -13.88
N ASP C 46 -49.75 1.26 -13.34
CA ASP C 46 -48.49 0.81 -13.86
C ASP C 46 -48.32 -0.56 -13.36
N VAL C 47 -49.25 -1.00 -12.53
CA VAL C 47 -49.21 -2.37 -11.95
C VAL C 47 -49.92 -3.39 -12.87
N ALA C 48 -50.95 -2.95 -13.65
CA ALA C 48 -51.76 -3.90 -14.49
C ALA C 48 -50.83 -4.48 -15.54
N ALA C 49 -51.05 -5.74 -15.93
CA ALA C 49 -50.40 -6.28 -17.15
C ALA C 49 -51.14 -5.69 -18.33
N GLY C 50 -52.40 -5.31 -18.19
CA GLY C 50 -53.03 -4.47 -19.19
C GLY C 50 -53.77 -5.26 -20.24
N LEU C 51 -54.31 -6.42 -19.84
CA LEU C 51 -54.89 -7.41 -20.79
C LEU C 51 -56.33 -7.11 -20.87
N TRP C 52 -56.87 -7.13 -22.08
CA TRP C 52 -58.31 -6.79 -22.23
C TRP C 52 -59.22 -7.95 -21.82
N GLN C 53 -59.95 -7.79 -20.70
CA GLN C 53 -60.98 -8.78 -20.31
C GLN C 53 -61.82 -8.33 -19.09
N PRO C 54 -63.14 -8.03 -19.35
CA PRO C 54 -64.26 -7.77 -18.42
C PRO C 54 -64.63 -9.02 -17.62
N TYR C 55 -65.49 -8.87 -16.59
CA TYR C 55 -66.05 -10.04 -15.89
C TYR C 55 -66.53 -11.13 -16.82
N LEU C 56 -66.99 -12.22 -16.23
CA LEU C 56 -67.53 -13.31 -17.04
C LEU C 56 -69.04 -13.36 -17.04
N PRO C 62 -75.21 -3.72 -17.97
CA PRO C 62 -75.77 -2.70 -18.86
C PRO C 62 -74.72 -1.86 -19.72
N GLN C 63 -74.38 -0.67 -19.24
CA GLN C 63 -73.57 0.33 -19.97
C GLN C 63 -72.03 0.03 -20.16
N GLU C 64 -71.42 -0.54 -19.11
CA GLU C 64 -70.00 -0.93 -19.03
C GLU C 64 -69.65 -1.99 -20.12
N ALA C 65 -70.59 -2.92 -20.36
CA ALA C 65 -70.50 -3.86 -21.48
C ALA C 65 -70.11 -3.08 -22.75
N ASP C 66 -70.96 -2.08 -23.07
CA ASP C 66 -70.76 -1.16 -24.17
C ASP C 66 -69.43 -0.41 -23.99
N TRP C 67 -69.08 0.04 -22.78
CA TRP C 67 -67.84 0.85 -22.64
C TRP C 67 -66.61 0.02 -22.92
N SER C 68 -66.66 -1.25 -22.54
CA SER C 68 -65.58 -2.14 -22.77
C SER C 68 -65.40 -2.39 -24.25
N GLN C 69 -66.51 -2.52 -24.97
CA GLN C 69 -66.39 -2.80 -26.40
C GLN C 69 -66.08 -1.50 -27.14
N GLN C 70 -66.30 -0.36 -26.53
CA GLN C 70 -65.83 0.80 -27.20
C GLN C 70 -64.31 0.84 -27.14
N THR C 71 -63.80 0.53 -25.94
CA THR C 71 -62.36 0.60 -25.58
C THR C 71 -61.69 -0.45 -26.47
N PHE C 72 -62.26 -1.65 -26.55
CA PHE C 72 -61.63 -2.69 -27.32
C PHE C 72 -61.55 -2.37 -28.83
N ASP C 73 -62.65 -1.89 -29.43
CA ASP C 73 -62.65 -1.42 -30.81
C ASP C 73 -61.70 -0.27 -31.13
N TYR C 74 -61.43 0.56 -30.12
CA TYR C 74 -60.69 1.76 -30.39
C TYR C 74 -59.18 1.42 -30.42
N LEU C 75 -58.78 0.60 -29.45
CA LEU C 75 -57.52 -0.10 -29.45
C LEU C 75 -57.27 -1.01 -30.71
N LEU C 76 -58.23 -1.82 -31.11
CA LEU C 76 -58.13 -2.51 -32.44
C LEU C 76 -57.95 -1.59 -33.70
N SER C 77 -58.67 -0.46 -33.76
CA SER C 77 -58.50 0.50 -34.85
C SER C 77 -57.07 1.06 -34.91
N HIS C 78 -56.37 1.03 -33.77
CA HIS C 78 -54.98 1.50 -33.70
C HIS C 78 -53.88 0.40 -33.51
N VAL C 79 -54.26 -0.86 -33.66
CA VAL C 79 -53.35 -1.97 -33.39
C VAL C 79 -52.24 -2.13 -34.40
N HIS C 80 -52.53 -1.71 -35.63
CA HIS C 80 -51.53 -1.80 -36.70
C HIS C 80 -50.88 -0.47 -37.03
N SER C 81 -51.10 0.55 -36.19
CA SER C 81 -50.47 1.86 -36.43
C SER C 81 -49.07 1.91 -35.84
N PRO C 82 -48.20 2.77 -36.44
CA PRO C 82 -46.85 3.08 -35.91
C PRO C 82 -46.76 3.41 -34.37
N ASN C 83 -47.81 3.99 -33.76
CA ASN C 83 -47.69 4.43 -32.36
C ASN C 83 -48.10 3.33 -31.41
N ALA C 84 -48.25 2.10 -31.94
CA ALA C 84 -48.69 0.94 -31.12
C ALA C 84 -47.58 0.57 -30.17
N GLU C 85 -46.42 0.29 -30.73
CA GLU C 85 -45.19 0.33 -29.98
C GLU C 85 -45.15 1.52 -29.00
N ASN C 86 -45.21 2.79 -29.44
CA ASN C 86 -45.28 3.85 -28.41
C ASN C 86 -46.35 3.60 -27.29
N LEU C 87 -47.58 3.34 -27.68
CA LEU C 87 -48.62 2.91 -26.76
C LEU C 87 -48.40 1.63 -25.90
N GLY C 88 -47.49 0.72 -26.28
CA GLY C 88 -47.42 -0.60 -25.62
C GLY C 88 -48.71 -1.42 -25.77
N LEU C 89 -49.14 -1.62 -27.03
CA LEU C 89 -50.40 -2.30 -27.47
C LEU C 89 -50.13 -3.44 -28.46
N PHE C 90 -50.68 -4.64 -28.26
CA PHE C 90 -50.45 -5.63 -29.31
C PHE C 90 -51.45 -6.70 -29.11
N LEU C 91 -51.51 -7.63 -30.04
CA LEU C 91 -52.48 -8.69 -30.05
C LEU C 91 -51.89 -9.78 -29.22
N ILE C 92 -52.70 -10.49 -28.45
CA ILE C 92 -52.20 -11.70 -27.79
C ILE C 92 -53.35 -12.70 -27.73
N SER C 93 -53.12 -13.97 -28.01
CA SER C 93 -54.16 -14.94 -27.69
C SER C 93 -53.83 -15.76 -26.41
N GLY C 94 -54.78 -16.60 -25.96
CA GLY C 94 -54.50 -17.66 -25.00
C GLY C 94 -55.79 -18.08 -24.34
N TYR C 95 -55.72 -18.74 -23.17
CA TYR C 95 -56.75 -19.62 -22.59
C TYR C 95 -57.46 -19.06 -21.35
N ASN C 96 -58.78 -19.32 -21.24
CA ASN C 96 -59.46 -19.25 -19.94
C ASN C 96 -59.86 -20.63 -19.51
N LEU C 97 -59.42 -21.05 -18.31
CA LEU C 97 -59.61 -22.43 -17.79
C LEU C 97 -60.49 -22.42 -16.55
N PHE C 98 -61.53 -23.26 -16.60
CA PHE C 98 -62.55 -23.50 -15.59
C PHE C 98 -62.67 -24.92 -15.06
N HIS C 99 -63.19 -25.04 -13.86
CA HIS C 99 -63.55 -26.39 -13.39
C HIS C 99 -64.81 -26.96 -14.05
N GLU C 100 -65.93 -26.22 -13.89
CA GLU C 100 -67.19 -26.49 -14.58
C GLU C 100 -67.38 -25.75 -15.95
N ALA C 101 -68.28 -26.27 -16.79
CA ALA C 101 -68.80 -25.57 -17.94
C ALA C 101 -69.34 -24.25 -17.42
N ILE C 102 -69.40 -23.23 -18.24
CA ILE C 102 -70.14 -22.04 -17.85
C ILE C 102 -70.61 -21.34 -19.11
N PRO C 103 -71.64 -20.48 -18.99
CA PRO C 103 -72.10 -19.72 -20.16
C PRO C 103 -71.03 -18.91 -20.86
N ASP C 104 -71.24 -18.71 -22.15
CA ASP C 104 -70.33 -17.92 -22.95
C ASP C 104 -70.31 -16.52 -22.47
N PRO C 105 -69.15 -15.84 -22.56
CA PRO C 105 -69.26 -14.52 -21.95
C PRO C 105 -69.93 -13.56 -22.96
N SER C 106 -70.49 -12.45 -22.47
CA SER C 106 -71.17 -11.45 -23.30
C SER C 106 -70.26 -10.77 -24.32
N TRP C 107 -68.99 -10.59 -24.02
CA TRP C 107 -68.04 -10.10 -25.03
C TRP C 107 -67.49 -11.19 -26.01
N LYS C 108 -68.01 -12.42 -25.93
CA LYS C 108 -67.91 -13.38 -27.05
C LYS C 108 -67.46 -12.87 -28.45
N ASP C 109 -68.25 -11.93 -28.97
CA ASP C 109 -68.15 -11.42 -30.32
C ASP C 109 -67.30 -10.15 -30.42
N THR C 110 -67.00 -9.53 -29.30
CA THR C 110 -66.06 -8.42 -29.31
C THR C 110 -64.58 -8.83 -29.56
N VAL C 111 -64.11 -9.85 -28.84
CA VAL C 111 -62.77 -10.35 -29.03
C VAL C 111 -62.80 -11.14 -30.32
N LEU C 112 -61.69 -11.71 -30.74
CA LEU C 112 -61.65 -12.23 -32.10
C LEU C 112 -61.41 -13.71 -32.04
N GLY C 113 -62.17 -14.45 -32.83
CA GLY C 113 -62.00 -15.86 -32.93
C GLY C 113 -62.32 -16.61 -31.65
N PHE C 114 -63.18 -16.07 -30.79
CA PHE C 114 -63.66 -16.82 -29.61
C PHE C 114 -63.99 -18.30 -29.90
N ARG C 115 -63.58 -19.26 -29.06
CA ARG C 115 -63.99 -20.66 -29.19
C ARG C 115 -63.84 -21.48 -27.87
N LYS C 116 -64.46 -22.62 -27.88
CA LYS C 116 -64.34 -23.57 -26.81
C LYS C 116 -63.02 -24.34 -26.99
N LEU C 117 -62.34 -24.67 -25.89
CA LEU C 117 -61.09 -25.43 -25.98
C LEU C 117 -61.45 -26.77 -26.53
N THR C 118 -60.48 -27.48 -27.10
CA THR C 118 -60.70 -28.87 -27.50
C THR C 118 -60.01 -29.92 -26.62
N PRO C 119 -60.38 -31.23 -26.79
CA PRO C 119 -59.83 -32.31 -25.92
C PRO C 119 -58.33 -32.26 -25.87
N ARG C 120 -57.67 -32.23 -27.03
CA ARG C 120 -56.17 -32.17 -27.01
C ARG C 120 -55.62 -31.01 -26.22
N GLU C 121 -56.24 -29.84 -26.33
CA GLU C 121 -55.84 -28.64 -25.56
C GLU C 121 -56.08 -28.82 -24.09
N LEU C 122 -57.17 -29.52 -23.81
CA LEU C 122 -57.62 -29.65 -22.43
C LEU C 122 -56.76 -30.65 -21.67
N ASP C 123 -55.99 -31.45 -22.44
CA ASP C 123 -55.03 -32.42 -21.86
C ASP C 123 -53.80 -31.71 -21.31
N MET C 124 -53.58 -30.46 -21.71
CA MET C 124 -52.36 -29.72 -21.37
C MET C 124 -52.39 -29.03 -19.98
N PHE C 125 -53.59 -28.83 -19.45
CA PHE C 125 -53.76 -28.26 -18.17
C PHE C 125 -54.50 -29.34 -17.45
N PRO C 126 -53.74 -30.18 -16.72
CA PRO C 126 -54.39 -31.41 -16.24
C PRO C 126 -55.12 -31.19 -14.88
N ASP C 127 -55.77 -30.04 -14.70
CA ASP C 127 -56.55 -29.76 -13.49
C ASP C 127 -57.83 -29.07 -13.88
N TYR C 128 -58.08 -29.01 -15.20
CA TYR C 128 -59.08 -28.10 -15.73
C TYR C 128 -59.91 -28.81 -16.77
N GLY C 129 -61.21 -28.98 -16.55
CA GLY C 129 -62.04 -29.66 -17.54
C GLY C 129 -62.55 -28.80 -18.71
N TYR C 130 -62.24 -27.51 -18.74
CA TYR C 130 -62.83 -26.65 -19.74
C TYR C 130 -62.35 -25.18 -19.81
N GLY C 131 -62.77 -24.51 -20.89
CA GLY C 131 -62.34 -23.19 -21.24
C GLY C 131 -62.50 -22.76 -22.69
N TRP C 132 -61.79 -21.70 -23.03
CA TRP C 132 -62.00 -20.98 -24.26
C TRP C 132 -60.64 -20.55 -24.73
N PHE C 133 -60.54 -20.32 -26.03
CA PHE C 133 -59.40 -19.68 -26.58
C PHE C 133 -60.01 -18.52 -27.32
N HIS C 134 -59.38 -17.37 -27.33
CA HIS C 134 -59.84 -16.25 -28.12
C HIS C 134 -58.62 -15.38 -28.32
N THR C 135 -58.68 -14.43 -29.27
CA THR C 135 -57.63 -13.45 -29.43
C THR C 135 -58.03 -12.10 -28.78
N SER C 136 -57.16 -11.55 -27.94
CA SER C 136 -57.45 -10.33 -27.24
C SER C 136 -56.30 -9.36 -27.50
N LEU C 137 -56.30 -8.20 -26.82
CA LEU C 137 -55.11 -7.29 -26.80
C LEU C 137 -54.68 -6.82 -25.42
N ILE C 138 -53.38 -6.47 -25.36
CA ILE C 138 -52.70 -5.99 -24.17
C ILE C 138 -52.33 -4.53 -24.38
N LEU C 139 -52.71 -3.74 -23.40
CA LEU C 139 -52.38 -2.35 -23.42
C LEU C 139 -51.51 -2.09 -22.16
N GLU C 140 -50.18 -2.14 -22.32
CA GLU C 140 -49.28 -2.14 -21.17
C GLU C 140 -49.36 -0.80 -20.39
N GLY C 141 -49.79 -0.94 -19.13
CA GLY C 141 -50.03 0.14 -18.16
C GLY C 141 -49.02 1.26 -18.12
N LYS C 142 -47.71 0.94 -17.94
CA LYS C 142 -46.63 1.97 -17.89
C LYS C 142 -46.57 2.70 -19.17
N ASN C 143 -46.32 2.00 -20.27
CA ASN C 143 -46.06 2.68 -21.58
C ASN C 143 -47.22 3.61 -21.87
N TYR C 144 -48.39 3.28 -21.38
CA TYR C 144 -49.53 3.92 -21.86
C TYR C 144 -49.63 5.28 -21.16
N LEU C 145 -49.44 5.27 -19.86
CA LEU C 145 -49.45 6.53 -19.20
C LEU C 145 -48.41 7.48 -19.80
N GLN C 146 -47.17 7.02 -20.09
CA GLN C 146 -46.08 7.91 -20.70
C GLN C 146 -46.60 8.54 -21.96
N TRP C 147 -47.14 7.66 -22.83
CA TRP C 147 -47.69 8.03 -24.14
C TRP C 147 -48.68 9.15 -23.90
N LEU C 148 -49.64 8.88 -22.95
CA LEU C 148 -50.65 9.87 -22.54
C LEU C 148 -50.09 11.22 -21.95
N THR C 149 -49.12 11.13 -21.08
CA THR C 149 -48.46 12.30 -20.60
C THR C 149 -47.87 13.08 -21.77
N GLU C 150 -47.18 12.39 -22.66
CA GLU C 150 -46.79 13.02 -23.93
C GLU C 150 -47.92 13.72 -24.67
N ARG C 151 -49.11 13.13 -24.75
CA ARG C 151 -50.13 13.76 -25.66
C ARG C 151 -50.70 15.01 -25.01
N LEU C 152 -50.96 14.85 -23.72
CA LEU C 152 -51.41 15.91 -22.85
C LEU C 152 -50.40 17.02 -22.75
N THR C 153 -49.11 16.74 -22.86
CA THR C 153 -48.12 17.78 -22.69
C THR C 153 -47.92 18.61 -23.96
N GLU C 154 -47.87 17.95 -25.12
CA GLU C 154 -47.87 18.60 -26.42
C GLU C 154 -49.11 19.44 -26.59
N ARG C 155 -50.22 18.87 -26.08
CA ARG C 155 -51.48 19.57 -25.93
C ARG C 155 -51.61 20.74 -24.92
N GLY C 156 -50.58 21.05 -24.12
CA GLY C 156 -50.66 22.17 -23.11
C GLY C 156 -51.37 21.92 -21.76
N VAL C 157 -51.96 20.74 -21.60
CA VAL C 157 -52.37 20.28 -20.28
C VAL C 157 -51.11 20.18 -19.32
N LYS C 158 -51.03 21.13 -18.34
CA LYS C 158 -50.01 21.23 -17.30
C LYS C 158 -50.25 20.27 -16.10
N PHE C 159 -49.20 19.65 -15.55
CA PHE C 159 -49.37 18.70 -14.44
C PHE C 159 -48.72 19.20 -13.17
N PHE C 160 -49.38 18.99 -12.03
CA PHE C 160 -48.79 19.33 -10.73
C PHE C 160 -48.80 18.22 -9.68
N GLN C 161 -47.66 18.01 -9.04
CA GLN C 161 -47.63 17.06 -7.92
C GLN C 161 -48.40 17.58 -6.72
N ARG C 162 -49.50 16.95 -6.32
CA ARG C 162 -50.48 17.54 -5.32
C ARG C 162 -51.48 16.52 -4.76
N LYS C 163 -51.38 16.19 -3.46
CA LYS C 163 -52.43 15.52 -2.69
C LYS C 163 -53.43 16.58 -2.41
N VAL C 164 -54.59 16.45 -3.02
CA VAL C 164 -55.66 17.39 -2.84
C VAL C 164 -56.41 17.00 -1.60
N GLU C 165 -56.56 17.91 -0.62
CA GLU C 165 -57.29 17.53 0.60
C GLU C 165 -58.80 17.60 0.45
N SER C 166 -59.30 18.43 -0.48
CA SER C 166 -60.70 18.33 -0.86
C SER C 166 -61.18 19.17 -2.05
N PHE C 167 -62.44 18.93 -2.36
CA PHE C 167 -63.09 19.55 -3.51
C PHE C 167 -63.16 21.04 -3.39
N GLU C 168 -63.30 21.58 -2.18
CA GLU C 168 -63.57 23.05 -2.00
C GLU C 168 -62.28 23.68 -2.29
N GLU C 169 -61.24 23.16 -1.69
CA GLU C 169 -59.92 23.74 -1.86
C GLU C 169 -59.73 24.01 -3.36
N VAL C 170 -59.93 23.00 -4.21
CA VAL C 170 -59.91 23.19 -5.68
C VAL C 170 -60.95 24.15 -6.21
N ALA C 171 -62.20 23.98 -5.76
CA ALA C 171 -63.29 24.93 -6.03
C ALA C 171 -62.87 26.37 -5.78
N ARG C 172 -62.34 26.61 -4.59
CA ARG C 172 -61.93 27.94 -4.12
C ARG C 172 -60.76 28.58 -4.88
N GLU C 173 -59.89 27.77 -5.47
CA GLU C 173 -58.92 28.26 -6.45
C GLU C 173 -59.52 28.99 -7.67
N GLY C 174 -60.60 28.47 -8.29
CA GLY C 174 -61.25 29.03 -9.51
C GLY C 174 -61.80 28.00 -10.53
N ALA C 175 -61.79 26.72 -10.13
CA ALA C 175 -62.24 25.60 -10.98
C ALA C 175 -63.75 25.60 -11.16
N ASP C 176 -64.12 25.49 -12.44
CA ASP C 176 -65.47 25.41 -12.93
C ASP C 176 -65.92 23.95 -12.93
N VAL C 177 -65.05 23.06 -13.45
CA VAL C 177 -65.33 21.66 -13.45
C VAL C 177 -64.23 20.89 -12.80
N ILE C 178 -64.56 20.12 -11.79
CA ILE C 178 -63.61 19.16 -11.22
C ILE C 178 -63.91 17.70 -11.67
N VAL C 179 -62.90 17.07 -12.27
CA VAL C 179 -63.06 15.75 -12.77
C VAL C 179 -62.35 14.82 -11.76
N ASN C 180 -63.14 13.93 -11.12
CA ASN C 180 -62.68 13.08 -9.99
C ASN C 180 -62.24 11.67 -10.38
N CYS C 181 -60.93 11.47 -10.53
CA CYS C 181 -60.35 10.23 -11.06
C CYS C 181 -59.35 9.58 -10.11
N THR C 182 -59.75 9.39 -8.85
CA THR C 182 -58.86 9.12 -7.72
C THR C 182 -58.88 7.62 -7.28
N GLY C 183 -59.45 6.77 -8.15
CA GLY C 183 -59.45 5.37 -7.98
C GLY C 183 -59.75 5.02 -6.55
N VAL C 184 -58.92 4.20 -5.97
CA VAL C 184 -59.35 3.59 -4.78
C VAL C 184 -59.48 4.61 -3.64
N TRP C 185 -59.03 5.84 -3.86
CA TRP C 185 -58.97 6.78 -2.77
C TRP C 185 -60.13 7.71 -2.81
N ALA C 186 -61.01 7.50 -3.78
CA ALA C 186 -62.11 8.44 -3.99
C ALA C 186 -62.78 8.90 -2.67
N GLY C 187 -62.98 7.92 -1.78
CA GLY C 187 -63.72 8.02 -0.53
C GLY C 187 -63.09 8.97 0.48
N ALA C 188 -61.78 9.21 0.31
CA ALA C 188 -61.12 10.28 1.07
C ALA C 188 -61.62 11.71 0.67
N LEU C 189 -62.06 11.92 -0.61
CA LEU C 189 -62.60 13.23 -1.00
C LEU C 189 -64.09 13.33 -0.80
N GLN C 190 -64.78 12.19 -0.76
CA GLN C 190 -66.20 12.14 -0.48
C GLN C 190 -66.52 10.71 -0.12
N ARG C 191 -67.00 10.53 1.10
CA ARG C 191 -67.35 9.23 1.61
C ARG C 191 -68.14 8.32 0.59
N ASP C 192 -67.66 7.11 0.35
CA ASP C 192 -68.40 6.24 -0.50
C ASP C 192 -68.27 4.81 -0.01
N PRO C 193 -69.28 4.33 0.72
CA PRO C 193 -68.98 3.06 1.39
C PRO C 193 -69.04 1.82 0.44
N LEU C 194 -69.36 2.02 -0.85
CA LEU C 194 -69.51 0.96 -1.83
C LEU C 194 -68.14 0.60 -2.39
N LEU C 195 -67.18 1.52 -2.22
CA LEU C 195 -65.84 1.49 -2.85
C LEU C 195 -64.84 0.86 -1.87
N GLN C 196 -64.03 -0.13 -2.29
CA GLN C 196 -63.09 -0.86 -1.37
C GLN C 196 -61.73 -1.25 -2.04
N PRO C 197 -60.65 -1.49 -1.24
CA PRO C 197 -59.44 -2.09 -1.85
C PRO C 197 -59.59 -3.58 -2.16
N GLY C 198 -59.13 -4.01 -3.31
CA GLY C 198 -59.01 -5.43 -3.63
C GLY C 198 -57.54 -5.52 -3.95
N ARG C 199 -56.74 -5.67 -2.90
CA ARG C 199 -55.28 -5.73 -3.02
C ARG C 199 -55.02 -6.84 -4.00
N GLY C 200 -54.11 -6.60 -4.95
CA GLY C 200 -53.46 -7.69 -5.69
C GLY C 200 -51.94 -7.51 -5.58
N GLN C 201 -51.26 -8.63 -5.80
CA GLN C 201 -49.79 -8.62 -5.93
C GLN C 201 -49.43 -9.36 -7.26
N ILE C 202 -48.26 -9.10 -7.81
CA ILE C 202 -47.87 -9.79 -9.04
C ILE C 202 -46.42 -10.06 -8.98
N MET C 203 -45.91 -10.97 -9.83
CA MET C 203 -44.47 -10.88 -10.13
C MET C 203 -44.23 -10.78 -11.59
N LYS C 204 -43.11 -10.18 -11.97
CA LYS C 204 -42.78 -10.03 -13.38
C LYS C 204 -41.61 -10.97 -13.56
N VAL C 205 -41.69 -11.89 -14.49
CA VAL C 205 -40.64 -12.84 -14.57
C VAL C 205 -40.02 -12.74 -15.99
N ASP C 206 -38.88 -13.40 -16.25
CA ASP C 206 -38.35 -13.51 -17.65
C ASP C 206 -38.57 -14.90 -18.22
N ALA C 207 -39.52 -14.96 -19.11
CA ALA C 207 -39.98 -16.20 -19.70
C ALA C 207 -40.44 -15.84 -21.11
N PRO C 208 -39.50 -15.59 -22.02
CA PRO C 208 -39.96 -15.07 -23.30
C PRO C 208 -40.31 -16.27 -24.31
N TRP C 209 -40.38 -17.49 -23.84
CA TRP C 209 -40.95 -18.57 -24.59
C TRP C 209 -42.45 -18.65 -24.36
N MET C 210 -43.03 -17.77 -23.54
CA MET C 210 -44.48 -17.68 -23.27
C MET C 210 -45.11 -16.65 -24.16
N LYS C 211 -45.92 -17.16 -25.10
CA LYS C 211 -46.57 -16.43 -26.19
C LYS C 211 -48.08 -16.37 -26.05
N HIS C 212 -48.63 -16.93 -24.95
CA HIS C 212 -50.07 -16.90 -24.68
C HIS C 212 -50.42 -16.40 -23.32
N PHE C 213 -51.60 -15.85 -23.16
CA PHE C 213 -52.07 -15.68 -21.74
C PHE C 213 -52.74 -16.99 -21.20
N ILE C 214 -52.84 -17.19 -19.89
CA ILE C 214 -53.60 -18.28 -19.33
C ILE C 214 -54.25 -17.69 -18.12
N LEU C 215 -55.56 -17.51 -18.17
CA LEU C 215 -56.32 -17.10 -16.99
C LEU C 215 -56.95 -18.32 -16.40
N THR C 216 -56.74 -18.62 -15.11
CA THR C 216 -57.58 -19.65 -14.45
C THR C 216 -58.69 -18.96 -13.63
N HIS C 217 -59.74 -19.74 -13.29
CA HIS C 217 -60.86 -19.27 -12.44
C HIS C 217 -61.50 -20.37 -11.60
N ASP C 218 -61.84 -19.98 -10.39
CA ASP C 218 -62.38 -20.90 -9.41
C ASP C 218 -63.20 -20.09 -8.39
N PRO C 219 -64.55 -20.11 -8.45
CA PRO C 219 -65.30 -19.26 -7.46
C PRO C 219 -64.92 -19.51 -5.97
N GLU C 220 -64.50 -20.74 -5.61
CA GLU C 220 -63.95 -21.11 -4.30
C GLU C 220 -62.66 -20.40 -3.83
N ARG C 221 -62.07 -19.58 -4.71
CA ARG C 221 -61.01 -18.58 -4.39
C ARG C 221 -61.65 -17.23 -4.69
N GLY C 222 -62.42 -17.21 -5.78
CA GLY C 222 -63.19 -16.04 -6.21
C GLY C 222 -62.53 -15.27 -7.31
N ILE C 223 -63.00 -14.06 -7.51
CA ILE C 223 -62.45 -13.20 -8.53
C ILE C 223 -60.95 -12.84 -8.35
N TYR C 224 -60.22 -12.82 -9.45
CA TYR C 224 -58.73 -12.59 -9.64
C TYR C 224 -57.84 -13.22 -8.61
N ASN C 225 -58.18 -14.42 -8.23
CA ASN C 225 -57.60 -14.96 -7.05
C ASN C 225 -57.16 -16.33 -7.29
N SER C 226 -57.06 -16.72 -8.55
CA SER C 226 -56.24 -17.86 -9.00
C SER C 226 -55.19 -17.55 -10.07
N PRO C 227 -54.27 -18.53 -10.26
CA PRO C 227 -53.06 -18.22 -11.04
C PRO C 227 -53.40 -17.64 -12.42
N TYR C 228 -52.55 -16.74 -12.93
CA TYR C 228 -52.58 -16.26 -14.30
C TYR C 228 -51.16 -15.77 -14.80
N ILE C 229 -51.00 -15.79 -16.11
CA ILE C 229 -49.71 -15.69 -16.74
C ILE C 229 -50.10 -14.89 -17.91
N ILE C 230 -49.76 -13.63 -17.94
CA ILE C 230 -50.11 -12.75 -19.03
C ILE C 230 -48.71 -12.31 -19.41
N PRO C 231 -48.18 -12.74 -20.59
CA PRO C 231 -46.98 -12.13 -21.26
C PRO C 231 -47.08 -10.65 -21.67
N GLY C 232 -45.97 -9.95 -21.55
CA GLY C 232 -45.90 -8.54 -21.94
C GLY C 232 -44.86 -8.36 -23.01
N THR C 233 -44.58 -7.09 -23.33
CA THR C 233 -43.46 -6.67 -24.21
C THR C 233 -42.16 -7.34 -23.76
N GLN C 234 -41.66 -6.97 -22.59
CA GLN C 234 -40.36 -7.40 -22.11
C GLN C 234 -40.37 -8.53 -21.05
N THR C 235 -41.51 -8.80 -20.36
CA THR C 235 -41.52 -9.83 -19.35
C THR C 235 -42.92 -10.39 -19.28
N VAL C 236 -43.12 -11.36 -18.42
CA VAL C 236 -44.45 -11.94 -18.23
C VAL C 236 -44.93 -11.68 -16.81
N THR C 237 -46.17 -11.34 -16.68
CA THR C 237 -46.77 -11.08 -15.38
C THR C 237 -47.27 -12.34 -14.81
N LEU C 238 -46.84 -12.69 -13.58
CA LEU C 238 -47.45 -13.82 -12.89
C LEU C 238 -48.32 -13.32 -11.76
N GLY C 239 -49.60 -13.69 -11.75
CA GLY C 239 -50.56 -13.24 -10.75
C GLY C 239 -51.55 -14.24 -10.13
N GLY C 240 -52.52 -13.68 -9.40
CA GLY C 240 -53.63 -14.43 -8.89
C GLY C 240 -54.00 -14.02 -7.50
N ILE C 241 -53.95 -12.73 -7.16
CA ILE C 241 -54.17 -12.35 -5.76
C ILE C 241 -55.20 -11.24 -5.64
N PHE C 242 -56.19 -11.47 -4.79
CA PHE C 242 -57.21 -10.49 -4.63
C PHE C 242 -57.65 -10.44 -3.16
N GLN C 243 -57.40 -9.32 -2.48
CA GLN C 243 -57.75 -9.25 -1.05
C GLN C 243 -58.67 -8.10 -0.75
N LEU C 244 -59.92 -8.37 -0.47
CA LEU C 244 -60.84 -7.28 -0.25
C LEU C 244 -60.57 -6.54 1.05
N GLY C 245 -60.45 -5.23 1.02
CA GLY C 245 -60.21 -4.46 2.24
C GLY C 245 -58.78 -4.43 2.80
N ASN C 246 -57.82 -5.11 2.19
CA ASN C 246 -56.41 -5.12 2.64
C ASN C 246 -55.68 -3.92 1.99
N TRP C 247 -55.14 -3.04 2.81
CA TRP C 247 -54.63 -1.78 2.36
C TRP C 247 -53.08 -1.73 2.44
N SER C 248 -52.45 -2.88 2.68
CA SER C 248 -50.98 -2.99 2.76
C SER C 248 -50.27 -2.99 1.37
N GLU C 249 -49.77 -1.80 0.96
CA GLU C 249 -48.96 -1.62 -0.23
C GLU C 249 -47.57 -2.11 0.13
N LEU C 250 -47.34 -3.40 0.06
CA LEU C 250 -46.06 -3.97 0.46
C LEU C 250 -46.04 -5.44 0.03
N ASN C 251 -45.12 -5.78 -0.87
CA ASN C 251 -45.11 -7.09 -1.42
C ASN C 251 -45.00 -8.06 -0.29
N ASN C 252 -45.85 -9.08 -0.35
CA ASN C 252 -45.92 -10.05 0.72
C ASN C 252 -45.30 -11.46 0.34
N ILE C 253 -44.49 -12.00 1.23
CA ILE C 253 -43.91 -13.28 0.95
C ILE C 253 -44.92 -14.46 0.81
N GLN C 254 -45.95 -14.57 1.68
CA GLN C 254 -46.93 -15.63 1.47
C GLN C 254 -47.54 -15.50 0.09
N ASP C 255 -47.80 -14.26 -0.35
CA ASP C 255 -48.48 -14.05 -1.66
C ASP C 255 -47.56 -14.40 -2.83
N HIS C 256 -46.31 -13.96 -2.76
CA HIS C 256 -45.24 -14.48 -3.57
C HIS C 256 -45.31 -16.00 -3.72
N ASN C 257 -45.05 -16.73 -2.66
CA ASN C 257 -45.18 -18.19 -2.75
C ASN C 257 -46.48 -18.64 -3.45
N THR C 258 -47.60 -17.97 -3.13
CA THR C 258 -48.87 -18.44 -3.65
C THR C 258 -48.87 -18.38 -5.22
N ILE C 259 -48.39 -17.24 -5.77
CA ILE C 259 -48.42 -16.95 -7.18
C ILE C 259 -47.40 -17.90 -7.86
N TRP C 260 -46.24 -18.01 -7.21
CA TRP C 260 -45.13 -18.80 -7.71
C TRP C 260 -45.55 -20.24 -7.92
N GLU C 261 -46.04 -20.84 -6.83
CA GLU C 261 -46.41 -22.21 -6.81
C GLU C 261 -47.58 -22.40 -7.75
N GLY C 262 -48.51 -21.45 -7.74
CA GLY C 262 -49.64 -21.51 -8.61
C GLY C 262 -49.29 -21.58 -10.09
N CYS C 263 -48.42 -20.69 -10.56
CA CYS C 263 -48.17 -20.59 -12.00
C CYS C 263 -47.28 -21.65 -12.47
N CYS C 264 -46.36 -22.08 -11.62
CA CYS C 264 -45.36 -23.10 -12.02
C CYS C 264 -46.09 -24.40 -12.08
N ARG C 265 -47.18 -24.46 -11.32
CA ARG C 265 -48.06 -25.59 -11.52
C ARG C 265 -48.87 -25.44 -12.82
N LEU C 266 -49.35 -24.24 -13.16
CA LEU C 266 -50.11 -24.07 -14.44
C LEU C 266 -49.26 -24.40 -15.60
N GLU C 267 -47.98 -24.07 -15.46
CA GLU C 267 -47.11 -23.89 -16.57
C GLU C 267 -45.71 -24.26 -16.14
N PRO C 268 -45.44 -25.58 -16.11
CA PRO C 268 -44.29 -26.04 -15.30
C PRO C 268 -43.00 -25.36 -15.75
N THR C 269 -43.07 -24.76 -16.93
CA THR C 269 -41.88 -24.28 -17.57
C THR C 269 -41.33 -23.06 -16.84
N LEU C 270 -42.14 -22.41 -16.00
CA LEU C 270 -41.56 -21.20 -15.40
C LEU C 270 -40.65 -21.44 -14.17
N LYS C 271 -40.37 -22.68 -13.80
CA LYS C 271 -39.50 -22.95 -12.59
C LYS C 271 -38.06 -22.52 -12.77
N ASN C 272 -37.61 -22.57 -14.02
CA ASN C 272 -36.40 -21.91 -14.52
C ASN C 272 -36.56 -20.41 -15.00
N ALA C 273 -37.66 -19.72 -14.66
CA ALA C 273 -37.77 -18.34 -15.11
C ALA C 273 -37.18 -17.38 -14.06
N ARG C 274 -36.21 -16.55 -14.41
CA ARG C 274 -35.61 -15.54 -13.50
C ARG C 274 -36.67 -14.49 -13.10
N ILE C 275 -36.78 -14.19 -11.80
CA ILE C 275 -37.81 -13.25 -11.27
C ILE C 275 -37.28 -11.82 -11.45
N ILE C 276 -37.99 -10.90 -12.12
CA ILE C 276 -37.38 -9.60 -12.37
C ILE C 276 -37.77 -8.57 -11.33
N GLY C 277 -39.08 -8.48 -11.07
CA GLY C 277 -39.66 -7.53 -10.11
C GLY C 277 -41.00 -8.02 -9.57
N GLU C 278 -41.66 -7.20 -8.73
CA GLU C 278 -42.77 -7.67 -7.86
C GLU C 278 -43.58 -6.49 -7.35
N ARG C 279 -44.86 -6.36 -7.64
CA ARG C 279 -45.58 -5.17 -7.22
C ARG C 279 -46.97 -5.48 -6.60
N THR C 280 -47.31 -4.68 -5.58
CA THR C 280 -48.66 -4.56 -4.96
C THR C 280 -49.42 -3.35 -5.52
N GLY C 281 -50.70 -3.49 -5.89
CA GLY C 281 -51.60 -2.38 -6.25
C GLY C 281 -53.00 -2.51 -5.61
N PHE C 282 -53.82 -1.43 -5.60
CA PHE C 282 -55.19 -1.54 -5.07
C PHE C 282 -56.22 -1.36 -6.18
N ARG C 283 -57.04 -2.41 -6.32
CA ARG C 283 -58.00 -2.39 -7.36
C ARG C 283 -59.20 -1.54 -6.77
N PRO C 284 -59.65 -0.49 -7.50
CA PRO C 284 -60.75 0.31 -6.92
C PRO C 284 -62.03 -0.47 -7.08
N VAL C 285 -62.38 -1.28 -6.10
CA VAL C 285 -63.44 -2.24 -6.26
C VAL C 285 -64.73 -1.56 -5.85
N ARG C 286 -65.74 -1.65 -6.73
CA ARG C 286 -67.08 -1.02 -6.45
C ARG C 286 -68.20 -1.91 -7.02
N PRO C 287 -69.39 -1.96 -6.43
CA PRO C 287 -70.25 -2.82 -7.27
C PRO C 287 -70.46 -2.27 -8.72
N GLN C 288 -70.46 -0.97 -8.95
CA GLN C 288 -70.34 -0.51 -10.33
C GLN C 288 -69.36 0.67 -10.33
N ILE C 289 -68.91 1.07 -11.54
CA ILE C 289 -68.31 2.35 -11.83
C ILE C 289 -69.31 3.37 -11.50
N ARG C 290 -68.90 4.35 -10.71
CA ARG C 290 -69.60 5.62 -10.62
C ARG C 290 -68.95 6.52 -11.69
N LEU C 291 -69.74 6.83 -12.70
CA LEU C 291 -69.45 7.82 -13.72
C LEU C 291 -70.72 8.60 -13.90
N GLU C 292 -70.79 9.69 -13.19
CA GLU C 292 -72.01 10.51 -13.18
C GLU C 292 -71.57 11.88 -12.69
N ARG C 293 -72.47 12.83 -12.93
CA ARG C 293 -72.33 14.20 -12.50
C ARG C 293 -72.97 14.38 -11.15
N GLU C 294 -72.51 15.43 -10.47
CA GLU C 294 -72.96 15.87 -9.16
C GLU C 294 -72.44 17.28 -9.05
N GLN C 295 -73.33 18.20 -8.67
CA GLN C 295 -72.95 19.62 -8.48
C GLN C 295 -72.58 19.87 -6.98
N LEU C 296 -71.43 20.50 -6.69
CA LEU C 296 -71.14 20.83 -5.27
C LEU C 296 -71.39 22.32 -4.95
N ASN C 302 -72.72 26.89 -7.39
CA ASN C 302 -71.28 26.73 -7.15
C ASN C 302 -70.48 26.05 -8.27
N THR C 303 -70.02 24.82 -7.98
CA THR C 303 -69.06 24.11 -8.79
C THR C 303 -69.62 22.82 -9.36
N GLU C 304 -68.99 22.32 -10.43
CA GLU C 304 -69.36 21.05 -11.08
C GLU C 304 -68.35 19.92 -10.96
N VAL C 305 -68.84 18.71 -10.71
CA VAL C 305 -67.99 17.56 -10.49
C VAL C 305 -68.43 16.42 -11.33
N ILE C 306 -67.52 15.88 -12.16
CA ILE C 306 -67.77 14.63 -12.87
C ILE C 306 -67.02 13.48 -12.16
N HIS C 307 -67.72 12.45 -11.67
CA HIS C 307 -67.01 11.29 -11.08
C HIS C 307 -66.77 10.15 -12.06
N ASN C 308 -65.52 9.72 -12.06
CA ASN C 308 -65.07 8.63 -12.85
C ASN C 308 -64.13 7.82 -11.99
N TYR C 309 -64.64 6.81 -11.32
CA TYR C 309 -63.77 5.98 -10.49
C TYR C 309 -64.50 4.69 -10.10
N GLY C 310 -63.76 3.71 -9.61
CA GLY C 310 -64.25 2.38 -9.31
C GLY C 310 -64.24 1.32 -10.39
N HIS C 311 -63.11 1.18 -11.06
CA HIS C 311 -63.00 0.31 -12.19
C HIS C 311 -62.36 -1.02 -11.88
N GLY C 312 -62.43 -1.36 -10.60
CA GLY C 312 -61.92 -2.60 -10.13
C GLY C 312 -60.66 -3.09 -10.84
N GLY C 313 -60.87 -4.15 -11.62
CA GLY C 313 -59.78 -4.94 -12.16
C GLY C 313 -59.88 -4.97 -13.64
N TYR C 314 -60.45 -3.93 -14.25
CA TYR C 314 -60.66 -3.95 -15.70
C TYR C 314 -60.73 -2.53 -16.13
N GLY C 315 -60.13 -1.65 -15.36
CA GLY C 315 -59.94 -0.29 -15.83
C GLY C 315 -59.20 -0.05 -17.16
N LEU C 316 -58.15 -0.80 -17.54
CA LEU C 316 -57.63 -0.61 -18.89
C LEU C 316 -58.59 -1.17 -20.00
N THR C 317 -59.28 -2.26 -19.67
CA THR C 317 -60.22 -2.88 -20.53
C THR C 317 -61.31 -1.92 -20.92
N ILE C 318 -61.58 -0.88 -20.09
CA ILE C 318 -62.90 -0.05 -20.12
C ILE C 318 -62.64 1.45 -20.20
N HIS C 319 -61.40 1.79 -20.02
CA HIS C 319 -61.03 3.19 -19.91
C HIS C 319 -61.51 4.11 -21.07
N TRP C 320 -61.43 3.68 -22.33
CA TRP C 320 -61.85 4.62 -23.41
C TRP C 320 -63.35 4.85 -23.36
N GLY C 321 -64.13 3.80 -23.18
CA GLY C 321 -65.58 3.98 -22.97
C GLY C 321 -65.98 5.01 -21.90
N CYS C 322 -65.43 4.87 -20.70
CA CYS C 322 -65.75 5.70 -19.59
C CYS C 322 -65.29 7.08 -19.93
N ALA C 323 -64.17 7.11 -20.64
CA ALA C 323 -63.49 8.35 -21.00
C ALA C 323 -64.38 9.13 -21.99
N LEU C 324 -64.99 8.38 -22.93
CA LEU C 324 -66.01 8.90 -23.88
C LEU C 324 -67.30 9.48 -23.21
N GLU C 325 -67.72 8.75 -22.16
CA GLU C 325 -68.91 9.05 -21.40
C GLU C 325 -68.67 10.26 -20.53
N ALA C 326 -67.50 10.33 -19.90
CA ALA C 326 -67.11 11.54 -19.14
C ALA C 326 -66.97 12.80 -20.02
N ALA C 327 -66.44 12.64 -21.22
CA ALA C 327 -66.47 13.70 -22.17
C ALA C 327 -67.86 14.09 -22.35
N LYS C 328 -68.78 13.13 -22.59
CA LYS C 328 -70.12 13.53 -22.98
C LYS C 328 -70.74 14.44 -21.93
N LEU C 329 -70.81 13.92 -20.71
CA LEU C 329 -71.20 14.64 -19.50
C LEU C 329 -70.58 16.03 -19.48
N PHE C 330 -69.30 16.14 -19.89
CA PHE C 330 -68.69 17.47 -19.96
C PHE C 330 -69.35 18.34 -21.04
N GLY C 331 -69.56 17.84 -22.24
CA GLY C 331 -70.21 18.68 -23.24
C GLY C 331 -71.58 19.21 -22.81
N ARG C 332 -72.29 18.41 -21.99
CA ARG C 332 -73.59 18.79 -21.45
C ARG C 332 -73.44 19.91 -20.45
N ILE C 333 -72.36 19.94 -19.71
CA ILE C 333 -72.14 20.98 -18.68
C ILE C 333 -71.92 22.30 -19.36
N LEU C 334 -71.30 22.23 -20.51
CA LEU C 334 -71.10 23.43 -21.28
C LEU C 334 -72.41 24.00 -21.62
N GLU C 335 -73.31 23.17 -22.16
CA GLU C 335 -74.57 23.67 -22.74
C GLU C 335 -75.32 24.49 -21.73
N GLU C 336 -75.41 23.94 -20.51
CA GLU C 336 -76.13 24.56 -19.41
C GLU C 336 -75.54 25.94 -19.11
N LYS C 337 -74.28 26.16 -19.49
CA LYS C 337 -73.57 27.39 -19.17
C LYS C 337 -73.40 28.36 -20.34
N MET D 1 55.83 14.43 -18.31
CA MET D 1 56.34 14.07 -16.96
C MET D 1 55.29 13.27 -16.19
N ARG D 2 55.46 11.96 -16.30
CA ARG D 2 54.64 10.98 -15.62
C ARG D 2 55.46 10.48 -14.45
N VAL D 3 55.07 10.89 -13.26
CA VAL D 3 55.57 10.23 -12.09
C VAL D 3 54.59 9.15 -11.60
N VAL D 4 55.13 7.97 -11.26
CA VAL D 4 54.37 6.94 -10.53
C VAL D 4 55.01 6.75 -9.21
N VAL D 5 54.30 7.04 -8.12
CA VAL D 5 54.69 6.72 -6.75
C VAL D 5 54.11 5.37 -6.28
N ILE D 6 54.99 4.46 -5.84
CA ILE D 6 54.53 3.17 -5.34
C ILE D 6 54.60 3.21 -3.85
N GLY D 7 53.44 3.09 -3.18
CA GLY D 7 53.35 3.14 -1.73
C GLY D 7 52.42 4.22 -1.20
N ALA D 8 51.54 3.93 -0.21
CA ALA D 8 50.42 4.83 0.23
C ALA D 8 50.31 4.94 1.76
N GLY D 9 51.46 4.63 2.35
CA GLY D 9 51.74 4.89 3.73
C GLY D 9 52.31 6.29 3.78
N VAL D 10 52.84 6.59 4.94
CA VAL D 10 53.16 7.95 5.22
C VAL D 10 54.24 8.36 4.17
N ILE D 11 55.31 7.58 4.05
CA ILE D 11 56.26 7.93 3.06
C ILE D 11 55.63 8.15 1.69
N GLY D 12 54.84 7.20 1.21
CA GLY D 12 54.37 7.33 -0.13
C GLY D 12 53.74 8.68 -0.29
N LEU D 13 52.67 8.92 0.46
CA LEU D 13 51.84 10.09 0.36
C LEU D 13 52.48 11.44 0.71
N SER D 14 53.24 11.54 1.80
CA SER D 14 54.04 12.74 1.96
C SER D 14 54.70 12.99 0.67
N THR D 15 55.29 11.94 0.08
CA THR D 15 56.26 12.24 -0.98
C THR D 15 55.56 12.89 -2.16
N ALA D 16 54.40 12.32 -2.56
CA ALA D 16 53.65 12.80 -3.73
C ALA D 16 53.11 14.20 -3.51
N LEU D 17 52.60 14.47 -2.28
CA LEU D 17 52.11 15.80 -1.98
C LEU D 17 53.29 16.72 -1.97
N CYS D 18 54.37 16.24 -1.36
CA CYS D 18 55.50 17.09 -1.33
C CYS D 18 55.97 17.45 -2.77
N ILE D 19 55.80 16.58 -3.74
CA ILE D 19 56.38 16.81 -5.08
C ILE D 19 55.47 17.67 -5.99
N HIS D 20 54.20 17.51 -5.71
CA HIS D 20 53.17 18.21 -6.38
C HIS D 20 52.97 19.66 -6.01
N GLU D 21 53.44 20.03 -4.84
CA GLU D 21 53.25 21.37 -4.36
C GLU D 21 54.35 22.09 -5.01
N ARG D 22 55.53 21.52 -4.95
CA ARG D 22 56.71 22.27 -5.37
C ARG D 22 56.88 22.31 -6.88
N TYR D 23 56.32 21.34 -7.61
CA TYR D 23 56.69 21.21 -9.01
C TYR D 23 55.53 21.28 -9.98
N HIS D 24 54.32 21.43 -9.50
CA HIS D 24 53.30 21.43 -10.48
C HIS D 24 53.34 22.78 -11.20
N SER D 25 53.95 23.82 -10.62
CA SER D 25 54.01 25.05 -11.41
C SER D 25 55.07 25.04 -12.57
N VAL D 26 56.12 24.25 -12.41
CA VAL D 26 57.14 24.16 -13.47
C VAL D 26 56.96 23.07 -14.62
N LEU D 27 55.96 22.18 -14.55
CA LEU D 27 55.57 21.21 -15.64
C LEU D 27 54.07 21.39 -16.13
N GLN D 28 53.57 21.06 -17.34
CA GLN D 28 54.11 20.40 -18.55
C GLN D 28 53.21 19.31 -19.30
N PRO D 29 52.27 18.58 -18.59
CA PRO D 29 51.89 18.62 -17.20
C PRO D 29 52.79 17.70 -16.36
N LEU D 30 52.63 17.85 -15.05
CA LEU D 30 53.02 16.89 -14.08
C LEU D 30 51.81 15.97 -14.02
N ASP D 31 52.05 14.66 -14.09
CA ASP D 31 50.96 13.66 -13.95
C ASP D 31 51.47 12.60 -12.96
N ILE D 32 51.01 12.73 -11.72
CA ILE D 32 51.32 11.84 -10.62
C ILE D 32 50.22 10.83 -10.32
N LYS D 33 50.66 9.58 -10.17
CA LYS D 33 49.78 8.45 -9.87
C LYS D 33 50.35 7.60 -8.73
N VAL D 34 49.50 7.23 -7.80
CA VAL D 34 49.88 6.31 -6.73
C VAL D 34 49.36 4.94 -7.03
N TYR D 35 50.35 4.05 -7.13
CA TYR D 35 50.18 2.56 -7.08
C TYR D 35 50.53 2.02 -5.66
N ALA D 36 49.62 1.23 -5.11
CA ALA D 36 49.84 0.60 -3.79
C ALA D 36 48.96 -0.60 -3.78
N ASP D 37 49.32 -1.59 -2.95
CA ASP D 37 48.36 -2.64 -2.72
C ASP D 37 47.53 -2.43 -1.52
N ARG D 38 48.01 -1.69 -0.54
CA ARG D 38 47.25 -1.49 0.72
C ARG D 38 47.10 0.01 0.98
N PHE D 39 45.86 0.43 1.14
CA PHE D 39 45.58 1.80 1.49
C PHE D 39 45.01 1.69 2.87
N THR D 40 45.02 2.78 3.67
CA THR D 40 44.29 2.78 4.94
C THR D 40 42.92 2.14 4.78
N PRO D 41 42.49 1.52 5.86
CA PRO D 41 43.47 1.53 6.95
C PRO D 41 44.37 0.32 6.99
N LEU D 42 44.71 -0.28 5.86
CA LEU D 42 45.45 -1.53 5.94
C LEU D 42 47.05 -1.42 5.79
N THR D 43 47.66 -0.23 5.97
CA THR D 43 49.17 -0.08 5.97
C THR D 43 49.80 -0.07 7.38
N THR D 44 51.14 -0.15 7.47
CA THR D 44 51.92 -0.10 8.71
C THR D 44 51.74 1.26 9.34
N THR D 45 51.93 2.31 8.57
CA THR D 45 51.61 3.65 9.02
C THR D 45 50.31 3.65 9.86
N ASP D 46 49.33 2.76 9.57
CA ASP D 46 47.98 2.78 10.30
C ASP D 46 48.00 2.25 11.75
N VAL D 47 48.93 1.32 12.06
CA VAL D 47 49.22 0.83 13.41
C VAL D 47 49.97 1.80 14.35
N ALA D 48 50.78 2.70 13.80
CA ALA D 48 51.60 3.63 14.61
C ALA D 48 50.80 4.62 15.51
N ALA D 49 51.18 4.75 16.79
CA ALA D 49 50.60 5.82 17.67
C ALA D 49 50.82 7.24 17.03
N GLY D 50 51.97 7.37 16.38
CA GLY D 50 52.19 8.54 15.65
C GLY D 50 52.91 9.50 16.56
N LEU D 51 53.67 8.99 17.57
CA LEU D 51 54.48 9.85 18.41
C LEU D 51 55.80 10.32 17.75
N TRP D 52 56.12 11.58 17.91
CA TRP D 52 57.40 12.07 17.37
C TRP D 52 58.46 11.86 18.42
N GLN D 53 59.37 10.99 18.08
CA GLN D 53 60.53 10.65 18.91
C GLN D 53 61.42 9.74 18.07
N PRO D 54 62.68 10.17 17.82
CA PRO D 54 63.87 9.43 17.35
C PRO D 54 64.57 8.50 18.35
N TYR D 55 65.52 7.69 17.83
CA TYR D 55 66.46 6.84 18.63
C TYR D 55 67.07 7.75 19.69
N LEU D 56 67.94 7.21 20.54
CA LEU D 56 68.44 7.95 21.67
C LEU D 56 69.76 8.58 21.41
N PRO D 62 73.05 11.01 11.13
CA PRO D 62 73.73 12.34 11.20
C PRO D 62 72.84 13.46 10.61
N GLN D 63 72.55 13.33 9.32
CA GLN D 63 71.63 14.21 8.59
C GLN D 63 70.21 13.82 8.94
N GLU D 64 70.07 12.58 9.49
CA GLU D 64 68.77 12.01 9.83
C GLU D 64 68.13 12.89 10.87
N ALA D 65 68.97 13.37 11.78
CA ALA D 65 68.50 14.31 12.77
C ALA D 65 67.85 15.52 12.11
N ASP D 66 68.44 16.02 11.01
CA ASP D 66 67.95 17.24 10.35
C ASP D 66 66.58 17.03 9.78
N TRP D 67 66.35 15.83 9.24
CA TRP D 67 65.09 15.48 8.65
C TRP D 67 63.98 15.36 9.68
N SER D 68 64.29 14.64 10.79
CA SER D 68 63.42 14.62 11.99
C SER D 68 63.01 16.06 12.41
N GLN D 69 64.02 16.85 12.71
CA GLN D 69 63.76 18.14 13.28
C GLN D 69 63.01 18.96 12.27
N GLN D 70 63.34 18.78 11.00
CA GLN D 70 62.67 19.53 9.96
C GLN D 70 61.18 19.21 10.16
N THR D 71 60.85 17.95 10.52
CA THR D 71 59.46 17.46 10.56
C THR D 71 58.80 18.07 11.73
N PHE D 72 59.56 18.22 12.81
CA PHE D 72 58.95 18.72 14.01
C PHE D 72 58.53 20.19 13.89
N ASP D 73 59.48 21.03 13.43
CA ASP D 73 59.27 22.49 13.38
C ASP D 73 58.14 22.75 12.43
N TYR D 74 58.06 21.89 11.46
CA TYR D 74 57.00 21.95 10.51
C TYR D 74 55.60 21.56 11.13
N LEU D 75 55.53 20.42 11.84
CA LEU D 75 54.29 19.95 12.43
C LEU D 75 53.75 20.98 13.48
N LEU D 76 54.69 21.53 14.26
CA LEU D 76 54.40 22.54 15.26
C LEU D 76 53.80 23.70 14.56
N SER D 77 54.43 24.10 13.48
CA SER D 77 53.85 25.26 12.81
C SER D 77 52.39 24.99 12.28
N HIS D 78 51.76 23.85 12.63
CA HIS D 78 50.31 23.64 12.38
C HIS D 78 49.52 23.12 13.62
N VAL D 79 50.14 23.08 14.81
CA VAL D 79 49.53 22.34 15.92
C VAL D 79 48.26 23.04 16.34
N HIS D 80 48.31 24.37 16.33
CA HIS D 80 47.18 25.22 16.77
C HIS D 80 46.41 25.96 15.62
N SER D 81 46.48 25.46 14.37
CA SER D 81 45.67 26.00 13.24
C SER D 81 44.32 25.24 12.91
N PRO D 82 43.48 25.79 12.00
CA PRO D 82 42.21 25.12 11.60
C PRO D 82 42.32 23.59 11.31
N ASN D 83 43.34 23.22 10.52
CA ASN D 83 43.48 21.85 9.92
C ASN D 83 43.91 20.65 10.88
N ALA D 84 44.34 20.93 12.12
CA ALA D 84 45.11 19.90 12.93
C ALA D 84 44.33 18.66 13.40
N GLU D 85 43.11 18.89 13.84
CA GLU D 85 42.22 17.82 14.29
C GLU D 85 42.00 16.81 13.14
N ASN D 86 41.77 17.34 11.93
CA ASN D 86 41.70 16.53 10.71
C ASN D 86 42.99 15.78 10.54
N LEU D 87 44.12 16.46 10.82
CA LEU D 87 45.48 15.81 10.80
C LEU D 87 45.66 14.80 11.93
N GLY D 88 44.78 14.88 12.92
CA GLY D 88 45.04 14.21 14.17
C GLY D 88 46.42 14.62 14.67
N LEU D 89 46.68 15.92 14.70
CA LEU D 89 47.97 16.46 15.15
C LEU D 89 47.69 17.17 16.52
N PHE D 90 48.51 16.80 17.51
CA PHE D 90 48.43 17.39 18.83
C PHE D 90 49.73 17.27 19.65
N LEU D 91 49.84 18.15 20.63
CA LEU D 91 50.90 18.24 21.64
C LEU D 91 50.57 17.41 22.85
N ILE D 92 51.54 16.68 23.28
CA ILE D 92 51.43 15.90 24.45
C ILE D 92 52.79 15.89 25.13
N SER D 93 52.73 15.87 26.47
CA SER D 93 53.90 15.68 27.33
C SER D 93 54.03 14.22 27.87
N GLY D 94 55.09 13.93 28.65
CA GLY D 94 55.25 12.67 29.32
C GLY D 94 56.71 12.25 29.36
N TYR D 95 56.91 10.97 29.78
CA TYR D 95 58.12 10.46 30.44
C TYR D 95 58.93 9.52 29.58
N ASN D 96 60.27 9.62 29.59
CA ASN D 96 61.14 8.49 29.14
C ASN D 96 61.89 7.97 30.39
N LEU D 97 61.82 6.66 30.65
CA LEU D 97 62.45 6.02 31.80
C LEU D 97 63.57 4.98 31.48
N PHE D 98 64.57 4.92 32.38
CA PHE D 98 65.73 4.07 32.25
C PHE D 98 66.21 3.63 33.62
N HIS D 99 67.11 2.63 33.62
CA HIS D 99 67.77 2.04 34.80
C HIS D 99 69.10 2.65 35.18
N GLU D 100 69.78 3.21 34.19
CA GLU D 100 71.05 3.89 34.38
C GLU D 100 71.15 5.16 33.56
N ALA D 101 72.13 6.00 33.94
CA ALA D 101 72.38 7.32 33.36
C ALA D 101 72.70 7.22 31.89
N ILE D 102 72.21 8.17 31.11
CA ILE D 102 72.43 8.13 29.67
C ILE D 102 72.33 9.50 29.03
N PRO D 103 73.40 9.91 28.39
CA PRO D 103 73.47 11.12 27.63
C PRO D 103 72.12 11.65 27.13
N ASP D 104 71.84 12.91 27.46
CA ASP D 104 70.93 13.76 26.72
C ASP D 104 71.02 13.49 25.20
N PRO D 105 69.86 13.43 24.49
CA PRO D 105 69.73 13.01 23.08
C PRO D 105 69.95 14.18 22.12
N SER D 106 70.08 13.92 20.81
CA SER D 106 70.42 15.02 19.87
C SER D 106 69.28 15.97 19.64
N TRP D 107 68.06 15.42 19.75
CA TRP D 107 66.80 16.18 19.70
C TRP D 107 66.38 17.06 20.88
N LYS D 108 67.06 16.90 22.01
CA LYS D 108 66.96 17.77 23.18
C LYS D 108 66.34 19.17 23.03
N ASP D 109 66.78 19.87 21.99
CA ASP D 109 66.39 21.24 21.71
C ASP D 109 65.41 21.40 20.58
N THR D 110 65.03 20.32 19.93
CA THR D 110 63.91 20.35 19.01
C THR D 110 62.60 20.33 19.82
N VAL D 111 62.47 19.38 20.76
CA VAL D 111 61.23 19.29 21.55
C VAL D 111 61.17 20.48 22.49
N LEU D 112 60.10 20.48 23.27
CA LEU D 112 59.74 21.56 24.13
C LEU D 112 59.90 21.12 25.59
N GLY D 113 60.68 21.93 26.32
CA GLY D 113 60.77 21.83 27.79
C GLY D 113 61.48 20.61 28.27
N PHE D 114 62.44 20.19 27.51
CA PHE D 114 63.23 19.03 27.84
C PHE D 114 63.92 19.18 29.17
N ARG D 115 63.73 18.19 30.03
CA ARG D 115 64.51 18.12 31.29
C ARG D 115 64.58 16.70 31.77
N LYS D 116 65.33 16.51 32.84
CA LYS D 116 65.60 15.24 33.51
C LYS D 116 64.56 15.14 34.63
N LEU D 117 64.25 13.93 35.05
CA LEU D 117 63.16 13.75 35.98
C LEU D 117 63.69 14.13 37.33
N THR D 118 62.84 14.71 38.21
CA THR D 118 63.19 15.23 39.55
C THR D 118 63.05 14.01 40.45
N PRO D 119 63.57 14.07 41.68
CA PRO D 119 63.34 12.82 42.42
C PRO D 119 61.87 12.52 42.66
N ARG D 120 61.11 13.50 43.14
CA ARG D 120 59.68 13.25 43.40
C ARG D 120 59.03 12.50 42.23
N GLU D 121 59.37 12.91 41.01
CA GLU D 121 58.78 12.32 39.85
C GLU D 121 59.18 10.82 39.73
N LEU D 122 60.37 10.46 40.25
CA LEU D 122 60.89 9.08 40.09
C LEU D 122 60.28 8.08 41.05
N ASP D 123 59.70 8.60 42.12
CA ASP D 123 58.92 7.80 43.05
C ASP D 123 57.78 7.08 42.37
N MET D 124 57.15 7.70 41.40
CA MET D 124 55.92 7.11 40.84
C MET D 124 56.23 5.92 39.93
N PHE D 125 57.50 5.71 39.61
CA PHE D 125 57.81 4.60 38.74
C PHE D 125 58.80 3.74 39.52
N PRO D 126 58.33 2.97 40.55
CA PRO D 126 59.22 2.16 41.40
C PRO D 126 60.37 1.49 40.68
N ASP D 127 60.17 1.06 39.44
CA ASP D 127 61.16 0.23 38.71
C ASP D 127 62.19 0.93 37.84
N TYR D 128 62.42 2.22 38.04
CA TYR D 128 63.34 2.97 37.19
C TYR D 128 64.04 4.03 37.98
N GLY D 129 65.28 4.35 37.67
CA GLY D 129 66.05 5.24 38.53
C GLY D 129 66.43 6.47 37.78
N TYR D 130 65.98 6.56 36.56
CA TYR D 130 66.51 7.63 35.79
C TYR D 130 65.51 8.08 34.70
N GLY D 131 65.25 9.36 34.55
CA GLY D 131 64.34 9.63 33.46
C GLY D 131 64.45 10.96 32.81
N TRP D 132 63.84 11.11 31.66
CA TRP D 132 63.53 12.45 31.19
C TRP D 132 62.04 12.74 31.14
N PHE D 133 61.69 14.04 31.08
CA PHE D 133 60.34 14.57 30.77
C PHE D 133 60.39 15.61 29.65
N HIS D 134 59.47 15.56 28.68
CA HIS D 134 59.43 16.67 27.70
C HIS D 134 58.09 16.72 27.05
N THR D 135 57.85 17.80 26.31
CA THR D 135 56.65 18.00 25.54
C THR D 135 56.95 17.73 24.05
N SER D 136 56.12 16.91 23.42
CA SER D 136 56.36 16.49 22.04
C SER D 136 55.08 16.57 21.23
N LEU D 137 55.00 15.84 20.12
CA LEU D 137 53.78 15.86 19.38
C LEU D 137 53.43 14.56 18.80
N ILE D 138 52.11 14.36 18.74
CA ILE D 138 51.56 13.17 18.15
C ILE D 138 50.88 13.49 16.81
N LEU D 139 50.99 12.55 15.89
CA LEU D 139 50.50 12.67 14.50
C LEU D 139 49.99 11.30 14.09
N GLU D 140 48.72 11.03 14.32
CA GLU D 140 48.12 9.65 14.23
C GLU D 140 48.09 9.31 12.77
N GLY D 141 48.84 8.25 12.39
CA GLY D 141 49.02 7.90 10.96
C GLY D 141 47.65 7.70 10.30
N LYS D 142 46.73 7.20 11.12
CA LYS D 142 45.35 7.04 10.74
C LYS D 142 44.81 8.29 10.11
N ASN D 143 44.72 9.40 10.86
CA ASN D 143 44.12 10.64 10.29
C ASN D 143 45.02 11.28 9.19
N TYR D 144 46.34 11.28 9.43
CA TYR D 144 47.31 11.76 8.46
C TYR D 144 47.15 11.07 7.08
N LEU D 145 46.98 9.74 7.05
CA LEU D 145 46.79 9.05 5.75
C LEU D 145 45.59 9.59 5.00
N GLN D 146 44.55 9.88 5.78
CA GLN D 146 43.29 10.33 5.29
C GLN D 146 43.43 11.82 4.92
N TRP D 147 44.22 12.57 5.70
CA TRP D 147 44.52 13.97 5.34
C TRP D 147 45.29 14.05 4.03
N LEU D 148 46.39 13.33 3.91
CA LEU D 148 47.09 13.33 2.62
C LEU D 148 46.16 12.91 1.47
N THR D 149 45.27 11.99 1.75
CA THR D 149 44.38 11.55 0.70
C THR D 149 43.48 12.64 0.10
N GLU D 150 42.92 13.57 0.87
CA GLU D 150 42.00 14.51 0.20
C GLU D 150 42.78 15.59 -0.44
N ARG D 151 43.98 15.84 0.10
CA ARG D 151 44.88 16.80 -0.54
C ARG D 151 45.28 16.30 -1.90
N LEU D 152 45.72 15.05 -1.92
CA LEU D 152 46.21 14.46 -3.16
C LEU D 152 45.04 14.51 -4.09
N THR D 153 43.81 14.33 -3.58
CA THR D 153 42.71 14.14 -4.48
C THR D 153 42.32 15.53 -5.03
N GLU D 154 42.30 16.53 -4.17
CA GLU D 154 42.06 17.85 -4.64
C GLU D 154 43.04 18.17 -5.75
N ARG D 155 44.30 17.89 -5.53
CA ARG D 155 45.22 18.22 -6.61
C ARG D 155 45.11 17.35 -7.89
N GLY D 156 44.21 16.37 -7.92
CA GLY D 156 44.08 15.56 -9.12
C GLY D 156 45.07 14.40 -9.22
N VAL D 157 45.64 13.98 -8.10
CA VAL D 157 46.51 12.82 -8.10
C VAL D 157 45.53 11.67 -8.02
N LYS D 158 45.51 10.71 -8.98
CA LYS D 158 44.73 9.42 -8.93
C LYS D 158 45.43 8.22 -8.20
N PHE D 159 44.65 7.32 -7.61
CA PHE D 159 45.22 6.14 -6.91
C PHE D 159 44.75 4.87 -7.65
N PHE D 160 45.58 3.84 -7.67
CA PHE D 160 45.12 2.53 -8.13
C PHE D 160 45.61 1.52 -7.17
N GLN D 161 44.80 0.54 -6.91
CA GLN D 161 45.21 -0.54 -6.11
C GLN D 161 45.94 -1.61 -6.98
N ARG D 162 47.26 -1.76 -6.82
CA ARG D 162 47.91 -2.94 -7.37
C ARG D 162 49.20 -3.34 -6.72
N LYS D 163 49.46 -4.64 -6.75
CA LYS D 163 50.79 -5.07 -6.40
C LYS D 163 51.63 -4.88 -7.63
N VAL D 164 52.64 -4.02 -7.53
CA VAL D 164 53.61 -3.84 -8.60
C VAL D 164 54.56 -4.99 -8.45
N GLU D 165 54.73 -5.76 -9.53
CA GLU D 165 55.74 -6.84 -9.62
C GLU D 165 57.20 -6.42 -9.81
N SER D 166 57.46 -5.33 -10.50
CA SER D 166 58.84 -5.01 -10.84
C SER D 166 58.91 -3.62 -11.42
N PHE D 167 60.09 -3.00 -11.35
CA PHE D 167 60.23 -1.65 -11.85
C PHE D 167 59.89 -1.57 -13.36
N GLU D 168 60.50 -2.47 -14.14
CA GLU D 168 60.26 -2.61 -15.57
C GLU D 168 58.80 -2.51 -15.82
N GLU D 169 58.01 -3.28 -15.09
CA GLU D 169 56.56 -3.19 -15.24
C GLU D 169 56.10 -1.73 -15.46
N VAL D 170 56.56 -0.86 -14.54
CA VAL D 170 56.25 0.59 -14.47
C VAL D 170 56.88 1.49 -15.59
N ALA D 171 58.20 1.43 -15.79
CA ALA D 171 58.83 2.23 -16.90
C ALA D 171 58.30 1.87 -18.27
N ARG D 172 58.08 0.59 -18.52
CA ARG D 172 57.55 0.10 -19.79
C ARG D 172 56.15 0.62 -20.00
N GLU D 173 55.40 0.87 -18.92
CA GLU D 173 54.17 1.60 -19.11
C GLU D 173 54.41 3.11 -19.34
N GLY D 174 55.66 3.57 -19.21
CA GLY D 174 56.02 4.93 -19.62
C GLY D 174 56.12 5.93 -18.49
N ALA D 175 56.34 5.40 -17.27
CA ALA D 175 56.84 6.18 -16.15
C ALA D 175 58.12 6.93 -16.53
N ASP D 176 58.12 8.25 -16.43
CA ASP D 176 59.35 8.98 -16.63
C ASP D 176 60.12 8.93 -15.34
N VAL D 177 59.41 8.79 -14.22
CA VAL D 177 60.08 8.82 -12.91
C VAL D 177 59.32 7.90 -11.94
N ILE D 178 60.05 7.25 -11.02
CA ILE D 178 59.50 6.30 -10.04
C ILE D 178 59.99 6.57 -8.64
N VAL D 179 59.03 6.79 -7.76
CA VAL D 179 59.26 6.94 -6.31
C VAL D 179 58.76 5.69 -5.66
N ASN D 180 59.70 4.99 -5.07
CA ASN D 180 59.48 3.73 -4.45
C ASN D 180 59.50 3.93 -2.97
N CYS D 181 58.31 4.06 -2.38
CA CYS D 181 58.23 4.14 -0.92
C CYS D 181 57.56 2.90 -0.45
N THR D 182 58.18 1.77 -0.67
CA THR D 182 57.41 0.56 -0.48
C THR D 182 57.54 0.00 0.91
N GLY D 183 58.15 0.71 1.82
CA GLY D 183 58.25 0.19 3.19
C GLY D 183 59.14 -1.04 3.41
N VAL D 184 58.68 -1.96 4.25
CA VAL D 184 59.41 -3.18 4.56
C VAL D 184 59.40 -4.12 3.39
N TRP D 185 58.54 -3.86 2.41
CA TRP D 185 58.47 -4.75 1.27
C TRP D 185 59.39 -4.37 0.03
N ALA D 186 60.34 -3.44 0.21
CA ALA D 186 61.20 -3.05 -0.93
C ALA D 186 61.99 -4.14 -1.65
N GLY D 187 62.52 -5.13 -0.90
CA GLY D 187 63.35 -6.20 -1.39
C GLY D 187 62.68 -6.96 -2.50
N ALA D 188 61.36 -6.89 -2.50
CA ALA D 188 60.59 -7.52 -3.54
C ALA D 188 60.70 -6.82 -4.90
N LEU D 189 60.93 -5.51 -4.89
CA LEU D 189 61.21 -4.84 -6.19
C LEU D 189 62.70 -4.68 -6.54
N GLN D 190 63.56 -4.89 -5.53
CA GLN D 190 65.00 -5.01 -5.67
C GLN D 190 65.50 -5.59 -4.32
N ARG D 191 65.94 -6.86 -4.31
CA ARG D 191 66.46 -7.56 -3.12
C ARG D 191 67.27 -6.58 -2.32
N ASP D 192 67.15 -6.63 -1.01
CA ASP D 192 67.94 -5.73 -0.16
C ASP D 192 68.22 -6.40 1.21
N PRO D 193 69.31 -7.18 1.31
CA PRO D 193 69.68 -7.89 2.53
C PRO D 193 69.68 -6.98 3.79
N LEU D 194 69.87 -5.66 3.66
CA LEU D 194 69.88 -4.77 4.82
C LEU D 194 68.49 -4.28 5.39
N LEU D 195 67.41 -4.69 4.71
CA LEU D 195 66.03 -4.35 5.04
C LEU D 195 65.39 -5.60 5.56
N GLN D 196 64.87 -5.48 6.79
CA GLN D 196 64.21 -6.51 7.58
C GLN D 196 62.93 -5.94 8.18
N PRO D 197 61.98 -6.83 8.42
CA PRO D 197 60.81 -6.64 9.30
C PRO D 197 61.23 -6.49 10.73
N GLY D 198 60.75 -5.45 11.38
CA GLY D 198 60.84 -5.37 12.83
C GLY D 198 59.38 -5.29 13.28
N ARG D 199 58.82 -6.49 13.53
CA ARG D 199 57.39 -6.70 13.88
C ARG D 199 57.03 -6.11 15.19
N GLY D 200 55.97 -5.31 15.20
CA GLY D 200 55.39 -4.75 16.45
C GLY D 200 53.92 -5.24 16.57
N GLN D 201 53.53 -5.47 17.82
CA GLN D 201 52.14 -5.57 18.20
C GLN D 201 51.84 -4.33 19.11
N ILE D 202 50.57 -3.87 19.09
CA ILE D 202 50.11 -2.84 20.02
C ILE D 202 48.74 -3.25 20.41
N MET D 203 48.21 -2.80 21.52
CA MET D 203 46.74 -2.83 21.71
C MET D 203 46.18 -1.40 21.97
N LYS D 204 44.89 -1.26 21.75
CA LYS D 204 44.21 0.02 21.81
C LYS D 204 43.22 -0.14 22.99
N VAL D 205 43.32 0.73 23.98
CA VAL D 205 42.57 0.54 25.24
C VAL D 205 41.81 1.84 25.47
N ASP D 206 40.71 1.78 26.22
CA ASP D 206 40.03 3.04 26.57
C ASP D 206 40.51 3.53 27.94
N ALA D 207 41.46 4.45 27.94
CA ALA D 207 41.91 5.04 29.23
C ALA D 207 41.97 6.57 29.18
N PRO D 208 40.84 7.25 29.17
CA PRO D 208 40.83 8.73 28.78
C PRO D 208 41.48 9.66 29.83
N TRP D 209 41.75 9.10 31.00
CA TRP D 209 42.40 9.86 32.06
C TRP D 209 43.92 9.90 31.93
N MET D 210 44.49 9.16 30.98
CA MET D 210 45.94 9.24 30.82
C MET D 210 46.44 10.37 29.89
N LYS D 211 47.07 11.37 30.46
CA LYS D 211 47.40 12.56 29.69
C LYS D 211 48.85 12.61 29.30
N HIS D 212 49.63 11.58 29.64
CA HIS D 212 51.09 11.56 29.33
C HIS D 212 51.47 10.34 28.47
N PHE D 213 52.55 10.43 27.67
CA PHE D 213 53.16 9.24 27.09
C PHE D 213 54.14 8.84 28.09
N ILE D 214 54.40 7.52 28.18
CA ILE D 214 55.50 6.91 28.91
C ILE D 214 56.26 5.94 27.98
N LEU D 215 57.56 6.11 27.82
CA LEU D 215 58.32 5.08 27.18
C LEU D 215 59.38 4.66 28.16
N THR D 216 59.68 3.38 28.21
CA THR D 216 60.75 2.89 29.04
C THR D 216 61.88 2.33 28.15
N HIS D 217 63.12 2.26 28.63
CA HIS D 217 64.09 1.61 27.78
C HIS D 217 64.88 0.67 28.62
N ASP D 218 65.21 -0.49 28.07
CA ASP D 218 66.07 -1.49 28.74
C ASP D 218 67.03 -2.06 27.69
N PRO D 219 68.36 -2.03 27.98
CA PRO D 219 69.43 -2.52 27.07
C PRO D 219 69.20 -3.99 26.70
N GLU D 220 69.16 -4.86 27.72
CA GLU D 220 68.82 -6.29 27.57
C GLU D 220 67.57 -6.49 26.67
N ARG D 221 66.66 -5.54 26.68
CA ARG D 221 65.43 -5.64 25.89
C ARG D 221 65.55 -5.18 24.45
N GLY D 222 66.34 -4.16 24.18
CA GLY D 222 66.61 -3.79 22.82
C GLY D 222 65.54 -2.81 22.42
N ILE D 223 65.80 -2.10 21.34
CA ILE D 223 64.97 -0.97 21.05
C ILE D 223 63.50 -1.31 20.72
N TYR D 224 62.56 -0.52 21.30
CA TYR D 224 61.08 -0.55 21.13
C TYR D 224 60.50 -1.83 21.62
N ASN D 225 61.13 -2.43 22.64
CA ASN D 225 60.81 -3.81 23.08
C ASN D 225 60.58 -3.92 24.53
N SER D 226 60.18 -2.76 25.09
CA SER D 226 60.09 -2.49 26.50
C SER D 226 58.71 -1.78 26.55
N PRO D 227 57.96 -1.88 27.63
CA PRO D 227 56.64 -1.23 27.66
C PRO D 227 56.61 0.26 27.31
N TYR D 228 55.58 0.67 26.62
CA TYR D 228 55.34 2.03 26.40
C TYR D 228 53.82 2.20 26.31
N ILE D 229 53.29 3.39 26.57
CA ILE D 229 51.88 3.62 26.73
C ILE D 229 51.75 4.97 26.06
N ILE D 230 51.01 5.04 24.94
CA ILE D 230 50.92 6.31 24.18
C ILE D 230 49.44 6.76 23.93
N PRO D 231 48.98 7.83 24.59
CA PRO D 231 47.58 8.30 24.36
C PRO D 231 47.25 8.96 22.98
N GLY D 232 46.15 8.55 22.33
CA GLY D 232 45.70 9.13 21.09
C GLY D 232 44.45 9.98 21.38
N THR D 233 43.80 10.47 20.33
CA THR D 233 42.53 11.13 20.38
C THR D 233 41.60 10.33 21.29
N GLN D 234 41.50 9.02 20.99
CA GLN D 234 40.32 8.24 21.49
C GLN D 234 40.67 7.01 22.26
N THR D 235 41.89 6.59 22.11
CA THR D 235 42.26 5.38 22.71
C THR D 235 43.66 5.57 23.15
N VAL D 236 44.09 4.80 24.15
CA VAL D 236 45.53 4.80 24.47
C VAL D 236 46.26 3.58 23.80
N THR D 237 47.33 3.82 23.02
CA THR D 237 48.16 2.77 22.46
C THR D 237 49.08 2.17 23.51
N LEU D 238 48.94 0.87 23.75
CA LEU D 238 49.92 0.18 24.59
C LEU D 238 50.81 -0.70 23.73
N GLY D 239 52.11 -0.62 23.89
CA GLY D 239 52.99 -1.35 22.97
C GLY D 239 54.28 -1.79 23.60
N GLY D 240 55.25 -2.11 22.79
CA GLY D 240 56.42 -2.72 23.39
C GLY D 240 56.71 -4.11 22.85
N ILE D 241 56.72 -4.21 21.51
CA ILE D 241 57.06 -5.41 20.81
C ILE D 241 57.84 -5.08 19.56
N PHE D 242 59.04 -5.65 19.53
CA PHE D 242 59.99 -5.52 18.41
C PHE D 242 60.79 -6.83 18.26
N GLN D 243 60.42 -7.58 17.22
CA GLN D 243 60.98 -8.86 16.88
C GLN D 243 61.41 -8.85 15.41
N LEU D 244 62.69 -9.04 15.18
CA LEU D 244 63.30 -8.90 13.88
C LEU D 244 63.11 -10.17 13.04
N GLY D 245 62.81 -9.93 11.74
CA GLY D 245 62.58 -11.00 10.75
C GLY D 245 61.36 -11.89 11.01
N ASN D 246 60.35 -11.30 11.64
CA ASN D 246 59.18 -12.07 11.92
C ASN D 246 58.09 -11.55 10.99
N TRP D 247 57.65 -12.40 10.09
CA TRP D 247 56.83 -11.90 8.98
C TRP D 247 55.37 -12.32 9.12
N SER D 248 54.99 -12.65 10.35
CA SER D 248 53.64 -13.04 10.77
C SER D 248 52.71 -11.85 11.12
N GLU D 249 51.76 -11.53 10.23
CA GLU D 249 50.81 -10.40 10.41
C GLU D 249 49.58 -10.97 11.05
N LEU D 250 49.71 -11.14 12.36
CA LEU D 250 48.76 -11.91 13.15
C LEU D 250 49.05 -11.45 14.54
N ASN D 251 48.00 -11.22 15.35
CA ASN D 251 48.22 -10.95 16.79
C ASN D 251 48.44 -12.23 17.44
N ASN D 252 49.28 -12.16 18.45
CA ASN D 252 49.83 -13.34 19.10
C ASN D 252 49.58 -13.17 20.57
N ILE D 253 49.04 -14.20 21.20
CA ILE D 253 48.63 -14.09 22.61
C ILE D 253 49.81 -13.76 23.55
N GLN D 254 50.92 -14.50 23.49
CA GLN D 254 52.05 -14.20 24.38
C GLN D 254 52.45 -12.75 24.30
N ASP D 255 52.63 -12.27 23.08
CA ASP D 255 52.82 -10.81 22.84
C ASP D 255 51.69 -9.88 23.44
N HIS D 256 50.42 -10.32 23.41
CA HIS D 256 49.33 -9.60 24.06
C HIS D 256 49.53 -9.65 25.55
N ASN D 257 49.84 -10.81 26.14
CA ASN D 257 50.08 -10.86 27.61
C ASN D 257 51.21 -9.99 28.04
N THR D 258 52.30 -10.16 27.33
CA THR D 258 53.45 -9.31 27.53
C THR D 258 53.15 -7.79 27.56
N ILE D 259 52.41 -7.27 26.58
CA ILE D 259 52.12 -5.83 26.49
C ILE D 259 51.33 -5.39 27.70
N TRP D 260 50.33 -6.20 28.02
CA TRP D 260 49.40 -6.03 29.10
C TRP D 260 50.08 -6.04 30.47
N GLU D 261 50.80 -7.08 30.81
CA GLU D 261 51.34 -7.08 32.17
C GLU D 261 52.43 -6.02 32.22
N GLY D 262 53.21 -5.97 31.16
CA GLY D 262 54.21 -4.91 30.99
C GLY D 262 53.64 -3.52 31.25
N CYS D 263 52.50 -3.21 30.61
CA CYS D 263 51.99 -1.87 30.66
C CYS D 263 51.23 -1.66 31.96
N CYS D 264 50.81 -2.74 32.61
CA CYS D 264 50.03 -2.60 33.86
C CYS D 264 50.89 -2.34 35.07
N ARG D 265 52.02 -3.01 35.04
CA ARG D 265 53.06 -2.90 36.06
C ARG D 265 53.58 -1.48 35.98
N LEU D 266 53.84 -1.02 34.76
CA LEU D 266 54.08 0.39 34.53
C LEU D 266 52.94 1.35 35.06
N GLU D 267 51.68 0.92 35.16
CA GLU D 267 50.61 1.84 35.52
C GLU D 267 49.38 1.17 36.01
N PRO D 268 49.30 0.87 37.32
CA PRO D 268 48.24 -0.09 37.62
C PRO D 268 46.83 0.25 37.13
N THR D 269 46.53 1.54 36.94
CA THR D 269 45.23 1.98 36.40
C THR D 269 44.73 1.28 35.14
N LEU D 270 45.69 0.92 34.28
CA LEU D 270 45.46 0.20 33.03
C LEU D 270 44.63 -1.04 33.27
N LYS D 271 44.89 -1.70 34.42
CA LYS D 271 44.19 -2.95 34.81
C LYS D 271 42.70 -2.98 34.44
N ASN D 272 42.00 -1.89 34.69
CA ASN D 272 40.60 -1.75 34.34
C ASN D 272 40.17 -1.12 32.96
N ALA D 273 41.11 -0.64 32.15
CA ALA D 273 40.77 -0.06 30.86
C ALA D 273 40.22 -1.17 29.95
N ARG D 274 39.24 -0.86 29.12
CA ARG D 274 38.67 -1.83 28.21
C ARG D 274 39.56 -1.90 26.97
N ILE D 275 39.67 -3.09 26.40
CA ILE D 275 40.55 -3.32 25.27
C ILE D 275 39.71 -3.15 23.99
N ILE D 276 40.00 -2.13 23.19
CA ILE D 276 39.21 -1.82 22.02
C ILE D 276 39.67 -2.61 20.81
N GLY D 277 40.99 -2.71 20.59
CA GLY D 277 41.58 -3.29 19.35
C GLY D 277 43.07 -3.64 19.49
N GLU D 278 43.56 -4.55 18.66
CA GLU D 278 45.01 -4.88 18.59
C GLU D 278 45.47 -4.99 17.13
N ARG D 279 46.73 -4.76 16.87
CA ARG D 279 47.20 -4.67 15.52
C ARG D 279 48.67 -5.04 15.52
N THR D 280 49.08 -5.73 14.44
CA THR D 280 50.43 -6.10 14.28
C THR D 280 50.90 -5.30 13.08
N GLY D 281 52.21 -4.98 13.04
CA GLY D 281 52.81 -4.15 11.99
C GLY D 281 54.27 -4.54 11.77
N PHE D 282 54.82 -4.10 10.64
CA PHE D 282 56.16 -4.44 10.29
C PHE D 282 57.06 -3.22 10.08
N ARG D 283 57.84 -2.80 11.09
CA ARG D 283 58.76 -1.70 10.82
C ARG D 283 59.73 -2.11 9.77
N PRO D 284 59.94 -1.24 8.77
CA PRO D 284 60.95 -1.37 7.72
C PRO D 284 62.34 -0.98 8.28
N VAL D 285 62.99 -1.98 8.86
CA VAL D 285 64.22 -1.81 9.59
C VAL D 285 65.49 -1.95 8.69
N ARG D 286 66.26 -0.87 8.52
CA ARG D 286 67.54 -0.89 7.74
C ARG D 286 68.57 -0.01 8.52
N PRO D 287 69.87 -0.34 8.48
CA PRO D 287 70.78 0.48 9.32
C PRO D 287 70.68 1.98 9.08
N GLN D 288 69.85 2.37 8.12
CA GLN D 288 69.47 3.78 7.83
C GLN D 288 68.56 3.83 6.59
N ILE D 289 67.69 4.80 6.65
CA ILE D 289 66.85 5.08 5.56
C ILE D 289 67.67 5.03 4.28
N ARG D 290 67.13 4.32 3.28
CA ARG D 290 67.56 4.53 1.91
C ARG D 290 66.80 5.64 1.23
N LEU D 291 67.46 6.78 1.01
CA LEU D 291 66.76 7.90 0.34
C LEU D 291 67.63 8.55 -0.74
N GLU D 292 67.44 8.16 -2.00
CA GLU D 292 68.48 8.28 -3.04
C GLU D 292 68.00 7.88 -4.47
N ARG D 293 68.72 8.37 -5.49
CA ARG D 293 68.36 8.22 -6.88
C ARG D 293 68.94 6.90 -7.40
N GLU D 294 68.27 6.29 -8.38
CA GLU D 294 68.86 5.18 -9.10
C GLU D 294 68.47 5.23 -10.57
N GLN D 295 69.47 4.88 -11.42
CA GLN D 295 69.43 5.02 -12.86
C GLN D 295 69.22 3.59 -13.31
N LEU D 296 68.02 3.25 -13.82
CA LEU D 296 67.72 1.89 -14.34
C LEU D 296 67.42 1.85 -15.82
N ASN D 302 67.48 4.57 -19.29
CA ASN D 302 66.10 4.76 -19.70
C ASN D 302 65.17 5.37 -18.61
N THR D 303 65.28 4.91 -17.36
CA THR D 303 64.25 5.20 -16.34
C THR D 303 64.81 5.47 -14.94
N GLU D 304 64.35 6.59 -14.33
CA GLU D 304 64.89 7.04 -13.05
C GLU D 304 64.00 6.66 -11.85
N VAL D 305 64.69 6.20 -10.81
CA VAL D 305 64.15 5.85 -9.51
C VAL D 305 64.71 6.67 -8.32
N ILE D 306 63.80 7.31 -7.58
CA ILE D 306 64.05 7.79 -6.20
C ILE D 306 63.59 6.71 -5.16
N HIS D 307 64.49 6.16 -4.38
CA HIS D 307 64.07 5.21 -3.33
C HIS D 307 63.75 6.00 -2.09
N ASN D 308 62.76 5.60 -1.36
CA ASN D 308 62.56 6.31 -0.13
C ASN D 308 61.90 5.45 0.90
N TYR D 309 62.68 4.62 1.57
CA TYR D 309 62.18 3.60 2.49
C TYR D 309 63.26 3.16 3.48
N GLY D 310 62.86 2.33 4.42
CA GLY D 310 63.74 1.76 5.44
C GLY D 310 63.67 2.72 6.64
N HIS D 311 62.49 3.26 6.97
CA HIS D 311 62.34 4.19 8.11
C HIS D 311 62.18 3.58 9.55
N GLY D 312 62.30 2.25 9.69
CA GLY D 312 62.25 1.55 11.00
C GLY D 312 61.08 1.96 11.86
N GLY D 313 61.39 2.23 13.11
CA GLY D 313 60.38 2.72 14.06
C GLY D 313 60.18 4.20 14.20
N TYR D 314 60.33 4.96 13.12
CA TYR D 314 60.23 6.38 13.26
C TYR D 314 59.74 7.10 11.99
N GLY D 315 59.11 6.33 11.12
CA GLY D 315 58.47 6.87 9.97
C GLY D 315 57.74 8.18 10.17
N LEU D 316 56.75 8.27 11.07
CA LEU D 316 56.04 9.58 11.18
C LEU D 316 56.93 10.69 11.73
N THR D 317 57.87 10.33 12.61
CA THR D 317 58.81 11.27 13.18
C THR D 317 59.49 12.06 12.06
N ILE D 318 60.00 11.32 11.07
CA ILE D 318 60.84 11.85 10.02
C ILE D 318 60.16 12.19 8.67
N HIS D 319 59.00 11.63 8.34
CA HIS D 319 58.52 11.66 6.92
C HIS D 319 58.74 12.91 6.06
N TRP D 320 58.63 14.06 6.71
CA TRP D 320 58.59 15.33 6.06
C TRP D 320 59.97 15.87 5.62
N GLY D 321 61.01 15.60 6.38
CA GLY D 321 62.34 15.92 5.87
C GLY D 321 62.62 14.96 4.72
N CYS D 322 62.18 13.70 4.87
CA CYS D 322 62.31 12.72 3.74
C CYS D 322 61.64 13.21 2.40
N ALA D 323 60.41 13.72 2.51
CA ALA D 323 59.69 14.26 1.36
C ALA D 323 60.40 15.52 0.84
N LEU D 324 60.88 16.39 1.74
CA LEU D 324 61.46 17.62 1.20
C LEU D 324 62.62 17.14 0.39
N GLU D 325 63.33 16.13 0.90
CA GLU D 325 64.50 15.59 0.26
C GLU D 325 64.22 14.76 -1.01
N ALA D 326 63.16 13.98 -1.02
CA ALA D 326 62.80 13.25 -2.25
C ALA D 326 62.56 14.30 -3.40
N ALA D 327 61.78 15.35 -3.06
CA ALA D 327 61.51 16.53 -3.90
C ALA D 327 62.71 17.28 -4.49
N LYS D 328 63.80 17.53 -3.72
CA LYS D 328 65.07 18.06 -4.32
C LYS D 328 65.64 17.00 -5.20
N LEU D 329 65.54 15.73 -4.83
CA LEU D 329 65.97 14.70 -5.81
C LEU D 329 65.17 14.83 -7.09
N PHE D 330 63.88 15.07 -6.93
CA PHE D 330 62.98 15.09 -8.04
C PHE D 330 63.35 16.23 -8.98
N GLY D 331 63.61 17.39 -8.35
CA GLY D 331 64.10 18.62 -8.98
C GLY D 331 65.33 18.52 -9.85
N ARG D 332 66.37 17.79 -9.40
CA ARG D 332 67.64 17.68 -10.20
C ARG D 332 67.50 16.74 -11.40
N ILE D 333 66.56 15.81 -11.28
CA ILE D 333 66.11 15.07 -12.42
C ILE D 333 65.47 16.02 -13.49
N LEU D 334 64.47 16.84 -13.16
CA LEU D 334 63.81 17.63 -14.24
C LEU D 334 64.79 18.53 -14.93
N GLU D 335 65.70 19.14 -14.17
CA GLU D 335 66.84 19.86 -14.80
C GLU D 335 67.76 18.92 -15.61
N GLU D 336 68.13 17.78 -15.05
CA GLU D 336 68.84 16.78 -15.84
C GLU D 336 68.20 16.73 -17.25
N LYS D 337 66.86 16.82 -17.29
CA LYS D 337 66.09 16.59 -18.49
C LYS D 337 65.60 17.89 -19.17
#